data_2OBX
#
_entry.id   2OBX
#
_cell.length_a   154.385
_cell.length_b   122.218
_cell.length_c   94.929
_cell.angle_alpha   90.00
_cell.angle_beta   125.43
_cell.angle_gamma   90.00
#
_symmetry.space_group_name_H-M   'C 1 2 1'
#
loop_
_entity.id
_entity.type
_entity.pdbx_description
1 polymer '6,7-dimethyl-8-ribityllumazine synthase 1'
2 non-polymer 'PHOSPHATE ION'
3 non-polymer 5-NITRO-6-RIBITYL-AMINO-2,4(1H,3H)-PYRIMIDINEDIONE
4 water water
#
_entity_poly.entity_id   1
_entity_poly.type   'polypeptide(L)'
_entity_poly.pdbx_seq_one_letter_code
;MNQHSHKDYETVRIAVVRARWHADIVDQCVSAFEAEMADIGGDRFAVDVFDVPGAYEIPLHARTLAETGRYGAVLGTAFV
VNGGIYRHEFVASAVIDGMMNVQLSTGVPVLSAVLTPHNYHDSAEHHRFFFEHFTVKGKEAARACVEILAAREKIAA
;
_entity_poly.pdbx_strand_id   A,B,C,D,E,F,G,H,I,J
#
# COMPACT_ATOMS: atom_id res chain seq x y z
N HIS A 6 23.17 44.53 20.43
CA HIS A 6 24.57 44.93 20.79
C HIS A 6 25.52 43.93 20.16
N LYS A 7 26.82 44.12 20.38
CA LYS A 7 27.80 43.21 19.81
C LYS A 7 27.65 41.89 20.56
N ASP A 8 28.23 40.82 20.02
CA ASP A 8 28.06 39.54 20.65
C ASP A 8 29.06 39.07 21.71
N TYR A 9 28.69 39.32 22.95
CA TYR A 9 29.42 38.92 24.14
C TYR A 9 28.28 38.26 24.91
N GLU A 10 27.21 37.99 24.17
CA GLU A 10 25.98 37.42 24.70
C GLU A 10 25.86 35.92 24.60
N THR A 11 24.99 35.37 25.43
CA THR A 11 24.75 33.93 25.44
C THR A 11 23.36 33.68 24.86
N VAL A 12 23.26 32.66 24.01
CA VAL A 12 22.00 32.33 23.40
C VAL A 12 21.50 31.07 24.06
N ARG A 13 20.26 31.12 24.54
CA ARG A 13 19.68 29.97 25.19
C ARG A 13 18.94 29.09 24.21
N ILE A 14 19.11 27.80 24.37
CA ILE A 14 18.44 26.81 23.55
C ILE A 14 17.62 25.97 24.52
N ALA A 15 16.32 25.86 24.25
CA ALA A 15 15.46 25.05 25.09
C ALA A 15 15.19 23.74 24.38
N VAL A 16 15.28 22.65 25.11
CA VAL A 16 15.02 21.34 24.56
C VAL A 16 13.75 20.78 25.19
N VAL A 17 12.76 20.45 24.36
CA VAL A 17 11.52 19.88 24.88
C VAL A 17 11.51 18.40 24.54
N ARG A 18 11.96 17.57 25.47
CA ARG A 18 12.01 16.12 25.26
C ARG A 18 10.78 15.39 25.78
N ALA A 19 10.25 14.46 25.00
CA ALA A 19 9.09 13.68 25.44
C ALA A 19 9.58 12.60 26.39
N ARG A 20 8.66 11.95 27.10
CA ARG A 20 9.06 10.91 28.05
C ARG A 20 8.77 9.47 27.60
N TRP A 21 7.97 9.30 26.55
CA TRP A 21 7.73 7.94 26.04
C TRP A 21 9.08 7.51 25.50
N HIS A 22 9.53 6.31 25.88
CA HIS A 22 10.82 5.82 25.40
C HIS A 22 11.91 6.78 25.88
N ALA A 23 11.75 7.27 27.10
CA ALA A 23 12.72 8.22 27.67
C ALA A 23 14.15 7.71 27.44
N ASP A 24 14.32 6.40 27.62
CA ASP A 24 15.61 5.75 27.45
C ASP A 24 16.29 6.20 26.15
N ILE A 25 15.62 5.95 25.03
CA ILE A 25 16.15 6.30 23.72
C ILE A 25 16.22 7.81 23.50
N VAL A 26 15.15 8.51 23.83
CA VAL A 26 15.12 9.95 23.64
C VAL A 26 16.28 10.64 24.34
N ASP A 27 16.56 10.21 25.57
CA ASP A 27 17.62 10.79 26.38
C ASP A 27 18.98 10.72 25.70
N GLN A 28 19.22 9.65 24.94
CA GLN A 28 20.49 9.53 24.25
C GLN A 28 20.66 10.67 23.26
N CYS A 29 19.56 11.12 22.68
CA CYS A 29 19.60 12.21 21.73
C CYS A 29 19.81 13.53 22.46
N VAL A 30 19.31 13.60 23.71
CA VAL A 30 19.45 14.80 24.52
C VAL A 30 20.89 15.07 24.97
N SER A 31 21.52 14.06 25.54
CA SER A 31 22.89 14.20 26.01
C SER A 31 23.87 14.48 24.87
N ALA A 32 23.71 13.74 23.76
CA ALA A 32 24.56 13.92 22.60
C ALA A 32 24.39 15.34 22.05
N PHE A 33 23.20 15.90 22.26
CA PHE A 33 22.92 17.26 21.79
C PHE A 33 23.68 18.26 22.67
N GLU A 34 23.55 18.10 23.98
CA GLU A 34 24.24 19.00 24.91
C GLU A 34 25.76 18.91 24.74
N ALA A 35 26.27 17.69 24.60
CA ALA A 35 27.69 17.47 24.41
C ALA A 35 28.17 18.20 23.16
N GLU A 36 27.56 17.91 22.01
CA GLU A 36 27.91 18.55 20.75
C GLU A 36 27.84 20.05 20.89
N MET A 37 26.70 20.49 21.42
CA MET A 37 26.42 21.90 21.64
C MET A 37 27.60 22.53 22.37
N ALA A 38 27.98 21.95 23.50
CA ALA A 38 29.10 22.48 24.29
C ALA A 38 30.38 22.45 23.46
N ASP A 39 30.63 21.30 22.86
CA ASP A 39 31.81 21.10 22.02
C ASP A 39 32.00 22.21 20.99
N ILE A 40 30.96 22.54 20.24
CA ILE A 40 31.08 23.58 19.22
C ILE A 40 30.65 24.97 19.68
N GLY A 41 29.62 25.02 20.53
CA GLY A 41 29.14 26.31 21.01
C GLY A 41 29.94 26.86 22.17
N GLY A 42 30.23 26.03 23.15
CA GLY A 42 31.01 26.42 24.31
C GLY A 42 30.87 27.86 24.79
N ASP A 43 30.11 28.07 25.87
CA ASP A 43 29.91 29.40 26.45
C ASP A 43 29.06 30.36 25.64
N ARG A 44 28.99 30.19 24.32
CA ARG A 44 28.18 31.09 23.51
C ARG A 44 26.73 30.60 23.43
N PHE A 45 26.44 29.49 24.10
CA PHE A 45 25.09 28.90 24.14
C PHE A 45 24.89 28.23 25.49
N ALA A 46 23.64 28.12 25.90
CA ALA A 46 23.28 27.47 27.17
C ALA A 46 22.02 26.64 26.89
N VAL A 47 22.00 25.40 27.40
CA VAL A 47 20.88 24.50 27.18
C VAL A 47 19.99 24.18 28.39
N ASP A 48 18.69 24.44 28.23
CA ASP A 48 17.69 24.15 29.26
C ASP A 48 16.79 23.02 28.74
N VAL A 49 16.70 21.94 29.52
CA VAL A 49 15.90 20.78 29.15
C VAL A 49 14.56 20.72 29.88
N PHE A 50 13.47 20.60 29.12
CA PHE A 50 12.13 20.51 29.72
C PHE A 50 11.44 19.19 29.38
N ASP A 51 10.95 18.52 30.41
CA ASP A 51 10.28 17.24 30.26
C ASP A 51 8.81 17.43 29.90
N VAL A 52 8.30 16.52 29.07
CA VAL A 52 6.91 16.57 28.62
C VAL A 52 6.37 15.14 28.49
N PRO A 53 5.09 14.93 28.81
CA PRO A 53 4.50 13.59 28.72
C PRO A 53 4.74 12.84 27.41
N GLY A 54 4.22 13.37 26.30
CA GLY A 54 4.40 12.73 25.01
C GLY A 54 4.56 13.73 23.86
N ALA A 55 5.02 13.23 22.72
CA ALA A 55 5.25 14.04 21.52
C ALA A 55 4.13 15.05 21.26
N TYR A 56 2.89 14.62 21.49
CA TYR A 56 1.75 15.50 21.25
C TYR A 56 1.83 16.79 22.07
N GLU A 57 2.47 16.74 23.23
CA GLU A 57 2.59 17.91 24.10
C GLU A 57 3.72 18.87 23.73
N ILE A 58 4.60 18.46 22.83
CA ILE A 58 5.73 19.30 22.43
C ILE A 58 5.39 20.64 21.79
N PRO A 59 4.48 20.68 20.81
CA PRO A 59 4.19 21.98 20.20
C PRO A 59 3.76 23.09 21.17
N LEU A 60 2.70 22.85 21.93
CA LEU A 60 2.26 23.89 22.85
C LEU A 60 3.36 24.29 23.82
N HIS A 61 4.14 23.31 24.28
CA HIS A 61 5.22 23.61 25.22
C HIS A 61 6.26 24.46 24.53
N ALA A 62 6.67 24.04 23.33
CA ALA A 62 7.66 24.78 22.55
C ALA A 62 7.21 26.21 22.32
N ARG A 63 5.89 26.40 22.18
CA ARG A 63 5.35 27.73 21.94
C ARG A 63 5.35 28.63 23.17
N THR A 64 5.05 28.06 24.33
CA THR A 64 5.02 28.87 25.55
C THR A 64 6.44 29.35 25.83
N LEU A 65 7.40 28.43 25.71
CA LEU A 65 8.81 28.75 25.93
C LEU A 65 9.19 29.83 24.93
N ALA A 66 9.05 29.50 23.64
CA ALA A 66 9.37 30.42 22.55
C ALA A 66 8.83 31.83 22.75
N GLU A 67 7.62 31.96 23.29
CA GLU A 67 7.03 33.27 23.50
C GLU A 67 7.56 34.04 24.71
N THR A 68 8.33 33.40 25.56
CA THR A 68 8.87 34.12 26.72
C THR A 68 10.00 35.02 26.19
N GLY A 69 10.58 34.63 25.07
CA GLY A 69 11.65 35.41 24.48
C GLY A 69 13.03 35.11 25.05
N ARG A 70 13.12 34.12 25.94
CA ARG A 70 14.40 33.76 26.55
C ARG A 70 15.21 32.79 25.73
N TYR A 71 14.67 32.28 24.62
CA TYR A 71 15.42 31.34 23.80
C TYR A 71 15.58 31.74 22.34
N GLY A 72 16.75 31.42 21.80
CA GLY A 72 17.03 31.74 20.42
C GLY A 72 16.52 30.65 19.51
N ALA A 73 16.27 29.49 20.09
CA ALA A 73 15.77 28.33 19.34
C ALA A 73 15.32 27.24 20.31
N VAL A 74 14.36 26.43 19.87
CA VAL A 74 13.85 25.35 20.69
C VAL A 74 13.98 24.05 19.92
N LEU A 75 14.36 22.97 20.58
CA LEU A 75 14.49 21.68 19.91
C LEU A 75 13.48 20.68 20.50
N GLY A 76 12.58 20.20 19.67
CA GLY A 76 11.60 19.22 20.11
C GLY A 76 12.12 17.83 19.80
N THR A 77 12.09 16.93 20.77
CA THR A 77 12.59 15.58 20.54
C THR A 77 11.69 14.53 21.20
N ALA A 78 11.31 13.53 20.40
CA ALA A 78 10.44 12.46 20.84
C ALA A 78 10.61 11.26 19.91
N PHE A 79 10.13 10.10 20.33
CA PHE A 79 10.22 8.90 19.54
C PHE A 79 8.80 8.37 19.33
N VAL A 80 8.17 8.76 18.22
CA VAL A 80 6.81 8.33 17.91
C VAL A 80 6.81 7.03 17.11
N VAL A 81 6.51 5.92 17.77
CA VAL A 81 6.49 4.61 17.12
C VAL A 81 5.11 4.02 16.92
N ASN A 82 5.09 2.92 16.18
CA ASN A 82 3.88 2.18 15.88
C ASN A 82 3.90 0.97 16.82
N GLY A 83 3.06 1.00 17.84
CA GLY A 83 3.02 -0.08 18.80
C GLY A 83 2.31 -1.33 18.34
N GLY A 84 1.63 -1.27 17.20
CA GLY A 84 0.93 -2.43 16.70
C GLY A 84 -0.50 -2.55 17.16
N ILE A 85 -1.05 -1.48 17.74
CA ILE A 85 -2.43 -1.49 18.20
C ILE A 85 -3.17 -0.30 17.62
N TYR A 86 -2.61 0.90 17.78
CA TYR A 86 -3.21 2.11 17.27
C TYR A 86 -2.30 2.71 16.20
N ARG A 87 -2.84 3.59 15.37
CA ARG A 87 -2.06 4.24 14.35
C ARG A 87 -1.34 5.43 14.98
N HIS A 88 -0.07 5.57 14.66
CA HIS A 88 0.72 6.66 15.21
C HIS A 88 0.87 7.80 14.22
N GLU A 89 0.41 7.60 12.99
CA GLU A 89 0.55 8.64 11.95
C GLU A 89 -0.05 9.99 12.27
N PHE A 90 -1.32 10.00 12.68
CA PHE A 90 -2.01 11.26 12.96
C PHE A 90 -1.27 12.13 13.98
N VAL A 91 -0.80 11.53 15.07
CA VAL A 91 -0.09 12.28 16.10
C VAL A 91 1.24 12.79 15.53
N ALA A 92 2.04 11.88 14.98
CA ALA A 92 3.32 12.22 14.40
C ALA A 92 3.17 13.38 13.42
N SER A 93 2.14 13.30 12.58
CA SER A 93 1.91 14.36 11.61
C SER A 93 1.50 15.67 12.29
N ALA A 94 0.69 15.59 13.33
CA ALA A 94 0.24 16.81 14.02
C ALA A 94 1.38 17.46 14.80
N VAL A 95 2.28 16.64 15.34
CA VAL A 95 3.43 17.15 16.09
C VAL A 95 4.41 17.83 15.13
N ILE A 96 4.67 17.20 13.98
CA ILE A 96 5.58 17.77 12.99
C ILE A 96 4.98 19.06 12.39
N ASP A 97 3.69 19.05 12.07
CA ASP A 97 3.02 20.26 11.53
C ASP A 97 2.89 21.34 12.61
N GLY A 98 2.59 20.91 13.83
CA GLY A 98 2.42 21.82 14.95
C GLY A 98 3.66 22.66 15.23
N MET A 99 4.82 22.03 15.21
CA MET A 99 6.05 22.78 15.47
C MET A 99 6.23 23.82 14.38
N MET A 100 6.08 23.41 13.11
CA MET A 100 6.23 24.35 12.00
C MET A 100 5.25 25.48 12.24
N ASN A 101 4.07 25.15 12.75
CA ASN A 101 3.03 26.16 13.03
C ASN A 101 3.59 27.16 14.03
N VAL A 102 4.20 26.63 15.10
CA VAL A 102 4.77 27.46 16.15
C VAL A 102 5.88 28.37 15.65
N GLN A 103 6.91 27.79 15.06
CA GLN A 103 8.03 28.60 14.59
C GLN A 103 7.61 29.71 13.63
N LEU A 104 6.61 29.47 12.80
CA LEU A 104 6.19 30.52 11.88
C LEU A 104 5.41 31.61 12.59
N SER A 105 4.60 31.22 13.59
CA SER A 105 3.79 32.19 14.34
C SER A 105 4.67 32.97 15.30
N THR A 106 5.51 32.28 16.06
CA THR A 106 6.38 32.96 17.01
C THR A 106 7.60 33.55 16.32
N GLY A 107 8.05 32.90 15.25
CA GLY A 107 9.21 33.38 14.52
C GLY A 107 10.50 32.81 15.10
N VAL A 108 10.35 32.07 16.18
CA VAL A 108 11.48 31.45 16.85
C VAL A 108 11.71 30.11 16.21
N PRO A 109 12.97 29.79 15.85
CA PRO A 109 13.29 28.50 15.23
C PRO A 109 13.01 27.32 16.15
N VAL A 110 12.38 26.28 15.61
CA VAL A 110 12.08 25.08 16.37
C VAL A 110 12.64 23.93 15.56
N LEU A 111 13.69 23.28 16.06
CA LEU A 111 14.27 22.17 15.32
C LEU A 111 13.59 20.86 15.68
N SER A 112 13.47 19.97 14.70
CA SER A 112 12.80 18.70 14.91
C SER A 112 13.66 17.47 15.08
N ALA A 113 13.51 16.82 16.22
CA ALA A 113 14.22 15.60 16.54
C ALA A 113 13.16 14.57 16.90
N VAL A 114 11.93 14.83 16.43
CA VAL A 114 10.81 13.92 16.66
C VAL A 114 10.87 12.89 15.54
N LEU A 115 11.30 11.67 15.86
CA LEU A 115 11.44 10.62 14.85
C LEU A 115 10.43 9.49 14.94
N THR A 116 10.02 9.02 13.76
CA THR A 116 9.08 7.92 13.62
C THR A 116 9.82 6.91 12.74
N PRO A 117 10.24 5.78 13.32
CA PRO A 117 10.95 4.77 12.54
C PRO A 117 9.99 3.89 11.74
N HIS A 118 10.49 3.23 10.70
CA HIS A 118 9.64 2.35 9.89
C HIS A 118 9.15 1.18 10.73
N ASN A 119 10.06 0.55 11.45
CA ASN A 119 9.66 -0.58 12.29
C ASN A 119 10.33 -0.58 13.65
N TYR A 120 9.50 -0.58 14.68
CA TYR A 120 9.99 -0.63 16.04
C TYR A 120 9.08 -1.62 16.75
N HIS A 121 9.66 -2.71 17.23
CA HIS A 121 8.90 -3.73 17.93
C HIS A 121 9.50 -4.04 19.30
N ASP A 122 9.81 -2.98 20.06
CA ASP A 122 10.39 -3.12 21.40
C ASP A 122 11.13 -4.45 21.65
N SER A 123 12.19 -4.69 20.87
CA SER A 123 12.99 -5.89 21.01
C SER A 123 14.42 -5.49 21.33
N ALA A 124 15.24 -6.45 21.72
CA ALA A 124 16.62 -6.16 22.05
C ALA A 124 17.34 -5.41 20.94
N GLU A 125 17.41 -5.97 19.74
CA GLU A 125 18.10 -5.30 18.65
C GLU A 125 17.45 -3.99 18.24
N HIS A 126 16.11 -3.96 18.17
CA HIS A 126 15.42 -2.73 17.81
C HIS A 126 15.85 -1.65 18.79
N HIS A 127 15.57 -1.91 20.07
CA HIS A 127 15.90 -0.98 21.14
C HIS A 127 17.36 -0.55 21.10
N ARG A 128 18.25 -1.52 20.95
CA ARG A 128 19.69 -1.24 20.90
C ARG A 128 20.06 -0.40 19.68
N PHE A 129 19.46 -0.72 18.54
CA PHE A 129 19.76 0.03 17.32
C PHE A 129 19.46 1.51 17.55
N PHE A 130 18.24 1.81 17.96
CA PHE A 130 17.85 3.20 18.20
C PHE A 130 18.43 3.87 19.43
N PHE A 131 18.81 3.08 20.42
CA PHE A 131 19.42 3.64 21.62
C PHE A 131 20.74 4.23 21.16
N GLU A 132 21.42 3.52 20.27
CA GLU A 132 22.70 3.97 19.75
C GLU A 132 22.53 5.07 18.71
N HIS A 133 21.69 4.81 17.73
CA HIS A 133 21.50 5.78 16.65
C HIS A 133 21.02 7.15 17.12
N PHE A 134 20.25 7.18 18.19
CA PHE A 134 19.76 8.47 18.68
C PHE A 134 20.89 9.42 19.07
N THR A 135 22.04 8.90 19.50
CA THR A 135 23.11 9.85 19.82
C THR A 135 23.54 10.50 18.49
N VAL A 136 23.55 9.72 17.41
CA VAL A 136 23.92 10.29 16.11
C VAL A 136 22.99 11.43 15.75
N LYS A 137 21.70 11.23 15.97
CA LYS A 137 20.72 12.26 15.66
C LYS A 137 20.85 13.49 16.55
N GLY A 138 21.26 13.29 17.80
CA GLY A 138 21.43 14.41 18.71
C GLY A 138 22.53 15.34 18.25
N LYS A 139 23.65 14.76 17.82
CA LYS A 139 24.78 15.55 17.33
C LYS A 139 24.35 16.33 16.10
N GLU A 140 23.55 15.71 15.24
CA GLU A 140 23.04 16.40 14.04
C GLU A 140 22.16 17.58 14.45
N ALA A 141 21.34 17.36 15.48
CA ALA A 141 20.44 18.40 15.96
C ALA A 141 21.23 19.62 16.39
N ALA A 142 22.32 19.37 17.11
CA ALA A 142 23.20 20.43 17.59
C ALA A 142 23.76 21.27 16.45
N ARG A 143 24.49 20.63 15.53
CA ARG A 143 25.08 21.34 14.40
C ARG A 143 24.01 22.12 13.67
N ALA A 144 22.83 21.52 13.54
CA ALA A 144 21.73 22.19 12.86
C ALA A 144 21.35 23.43 13.64
N CYS A 145 21.20 23.27 14.95
CA CYS A 145 20.82 24.40 15.78
C CYS A 145 21.82 25.55 15.69
N VAL A 146 23.11 25.23 15.83
CA VAL A 146 24.17 26.26 15.76
C VAL A 146 24.20 26.92 14.39
N GLU A 147 24.12 26.10 13.35
CA GLU A 147 24.17 26.62 12.00
C GLU A 147 22.98 27.48 11.60
N ILE A 148 21.78 27.03 11.96
CA ILE A 148 20.61 27.81 11.58
C ILE A 148 20.68 29.20 12.19
N LEU A 149 21.07 29.26 13.47
CA LEU A 149 21.18 30.54 14.14
C LEU A 149 22.25 31.39 13.45
N ALA A 150 23.35 30.75 13.08
CA ALA A 150 24.42 31.44 12.38
C ALA A 150 23.88 31.97 11.06
N ALA A 151 23.25 31.08 10.29
CA ALA A 151 22.69 31.44 8.99
C ALA A 151 21.75 32.62 9.05
N ARG A 152 20.93 32.68 10.09
CA ARG A 152 19.99 33.77 10.21
C ARG A 152 20.73 35.08 10.37
N GLU A 153 21.75 35.09 11.22
CA GLU A 153 22.55 36.28 11.47
C GLU A 153 23.06 36.93 10.18
N LYS A 154 23.22 36.14 9.12
CA LYS A 154 23.70 36.68 7.86
C LYS A 154 22.66 37.53 7.11
N ILE A 155 21.39 37.15 7.19
CA ILE A 155 20.33 37.89 6.52
C ILE A 155 20.43 39.40 6.76
N GLU B 10 16.68 47.54 -15.08
CA GLU B 10 16.84 47.27 -13.61
C GLU B 10 16.99 45.79 -13.26
N THR B 11 17.49 45.51 -12.06
CA THR B 11 17.71 44.14 -11.63
C THR B 11 16.75 43.70 -10.52
N VAL B 12 16.48 42.41 -10.46
CA VAL B 12 15.57 41.84 -9.46
C VAL B 12 16.31 40.77 -8.66
N ARG B 13 16.15 40.83 -7.34
CA ARG B 13 16.82 39.88 -6.45
C ARG B 13 16.00 38.61 -6.21
N ILE B 14 16.66 37.47 -6.32
CA ILE B 14 16.02 36.20 -6.07
C ILE B 14 16.87 35.58 -4.97
N ALA B 15 16.23 35.04 -3.94
CA ALA B 15 16.96 34.43 -2.84
C ALA B 15 16.79 32.93 -2.91
N VAL B 16 17.88 32.21 -2.69
CA VAL B 16 17.86 30.76 -2.72
C VAL B 16 18.19 30.24 -1.33
N VAL B 17 17.31 29.39 -0.81
CA VAL B 17 17.46 28.78 0.49
C VAL B 17 17.67 27.31 0.20
N ARG B 18 18.88 26.81 0.44
CA ARG B 18 19.16 25.42 0.17
C ARG B 18 19.52 24.67 1.43
N ALA B 19 19.08 23.41 1.51
CA ALA B 19 19.38 22.56 2.65
C ALA B 19 20.75 21.97 2.41
N ARG B 20 21.44 21.57 3.47
CA ARG B 20 22.78 21.04 3.31
C ARG B 20 22.81 19.52 3.33
N TRP B 21 21.64 18.92 3.47
CA TRP B 21 21.53 17.47 3.44
C TRP B 21 21.70 17.14 1.96
N HIS B 22 22.51 16.15 1.64
CA HIS B 22 22.74 15.80 0.25
C HIS B 22 23.13 17.07 -0.53
N ALA B 23 23.95 17.90 0.11
CA ALA B 23 24.42 19.18 -0.49
C ALA B 23 24.93 18.96 -1.90
N ASP B 24 25.65 17.86 -2.07
CA ASP B 24 26.21 17.40 -3.33
C ASP B 24 25.15 17.61 -4.43
N ILE B 25 24.10 16.81 -4.32
CA ILE B 25 22.97 16.83 -5.26
C ILE B 25 22.22 18.15 -5.27
N VAL B 26 21.96 18.71 -4.10
CA VAL B 26 21.23 19.97 -4.02
C VAL B 26 21.92 21.10 -4.79
N ASP B 27 23.25 21.13 -4.74
CA ASP B 27 24.03 22.18 -5.42
C ASP B 27 23.99 22.16 -6.94
N GLN B 28 23.71 21.00 -7.52
CA GLN B 28 23.60 20.91 -8.96
C GLN B 28 22.33 21.66 -9.37
N CYS B 29 21.30 21.58 -8.53
CA CYS B 29 20.06 22.32 -8.83
C CYS B 29 20.36 23.80 -8.72
N VAL B 30 21.05 24.18 -7.65
CA VAL B 30 21.37 25.58 -7.43
C VAL B 30 22.23 26.19 -8.53
N SER B 31 23.36 25.55 -8.83
CA SER B 31 24.21 26.06 -9.90
C SER B 31 23.40 26.12 -11.20
N ALA B 32 22.60 25.09 -11.46
CA ALA B 32 21.79 25.06 -12.68
C ALA B 32 20.79 26.22 -12.68
N PHE B 33 20.13 26.42 -11.54
CA PHE B 33 19.19 27.51 -11.34
C PHE B 33 19.88 28.81 -11.69
N GLU B 34 21.07 29.02 -11.13
CA GLU B 34 21.84 30.24 -11.39
C GLU B 34 22.14 30.37 -12.88
N ALA B 35 22.60 29.28 -13.50
CA ALA B 35 22.91 29.29 -14.95
C ALA B 35 21.70 29.72 -15.80
N GLU B 36 20.60 28.96 -15.68
CA GLU B 36 19.36 29.26 -16.41
C GLU B 36 18.88 30.67 -16.15
N MET B 37 18.99 31.09 -14.90
CA MET B 37 18.56 32.41 -14.50
C MET B 37 19.31 33.45 -15.34
N ALA B 38 20.60 33.20 -15.55
CA ALA B 38 21.45 34.09 -16.33
C ALA B 38 21.20 33.99 -17.83
N ASP B 39 21.06 32.77 -18.33
CA ASP B 39 20.86 32.59 -19.76
C ASP B 39 19.59 33.24 -20.29
N ILE B 40 18.49 33.12 -19.56
CA ILE B 40 17.25 33.71 -20.03
C ILE B 40 16.94 35.07 -19.42
N GLY B 41 17.53 35.35 -18.26
CA GLY B 41 17.28 36.63 -17.59
C GLY B 41 18.32 37.69 -17.91
N GLY B 42 19.58 37.26 -18.03
CA GLY B 42 20.68 38.15 -18.34
C GLY B 42 20.76 39.49 -17.65
N ASP B 43 21.53 39.55 -16.57
CA ASP B 43 21.72 40.79 -15.81
C ASP B 43 20.44 41.40 -15.23
N ARG B 44 19.28 40.86 -15.60
CA ARG B 44 18.03 41.38 -15.07
C ARG B 44 17.77 40.78 -13.69
N PHE B 45 18.30 39.59 -13.44
CA PHE B 45 18.11 38.92 -12.17
C PHE B 45 19.44 38.74 -11.44
N ALA B 46 19.37 38.76 -10.11
CA ALA B 46 20.54 38.59 -9.28
C ALA B 46 20.18 37.54 -8.23
N VAL B 47 21.02 36.53 -8.08
CA VAL B 47 20.76 35.45 -7.15
C VAL B 47 21.61 35.46 -5.88
N ASP B 48 20.97 35.47 -4.73
CA ASP B 48 21.66 35.43 -3.45
C ASP B 48 21.37 34.07 -2.83
N VAL B 49 22.41 33.33 -2.48
CA VAL B 49 22.24 31.99 -1.92
C VAL B 49 22.43 31.96 -0.40
N PHE B 50 21.56 31.21 0.29
CA PHE B 50 21.66 31.09 1.74
C PHE B 50 21.62 29.64 2.20
N ASP B 51 22.46 29.33 3.18
CA ASP B 51 22.55 27.96 3.71
C ASP B 51 21.62 27.70 4.90
N VAL B 52 21.03 26.51 4.91
CA VAL B 52 20.14 26.08 5.97
C VAL B 52 20.53 24.64 6.27
N PRO B 53 20.41 24.20 7.53
CA PRO B 53 20.77 22.83 7.90
C PRO B 53 20.06 21.73 7.11
N GLY B 54 18.73 21.82 7.04
CA GLY B 54 17.96 20.81 6.32
C GLY B 54 16.64 21.38 5.84
N ALA B 55 15.88 20.59 5.08
CA ALA B 55 14.59 21.02 4.54
C ALA B 55 13.66 21.66 5.56
N TYR B 56 13.61 21.09 6.77
CA TYR B 56 12.71 21.61 7.80
C TYR B 56 12.92 23.10 8.13
N GLU B 57 14.14 23.59 7.97
CA GLU B 57 14.42 25.00 8.27
C GLU B 57 14.05 25.97 7.16
N ILE B 58 13.76 25.47 5.95
CA ILE B 58 13.45 26.35 4.80
C ILE B 58 12.29 27.34 4.91
N PRO B 59 11.10 26.89 5.37
CA PRO B 59 9.96 27.82 5.47
C PRO B 59 10.22 29.10 6.25
N LEU B 60 10.79 28.98 7.45
CA LEU B 60 11.05 30.17 8.24
C LEU B 60 12.08 31.06 7.58
N HIS B 61 13.20 30.46 7.16
CA HIS B 61 14.27 31.22 6.52
C HIS B 61 13.70 31.97 5.32
N ALA B 62 12.92 31.27 4.49
CA ALA B 62 12.31 31.88 3.32
C ALA B 62 11.39 33.06 3.72
N ARG B 63 10.56 32.85 4.73
CA ARG B 63 9.65 33.89 5.17
C ARG B 63 10.43 35.12 5.64
N THR B 64 11.42 34.88 6.49
CA THR B 64 12.25 35.97 7.01
C THR B 64 12.84 36.75 5.85
N LEU B 65 13.33 36.02 4.84
CA LEU B 65 13.92 36.65 3.66
C LEU B 65 12.86 37.48 2.93
N ALA B 66 11.75 36.84 2.57
CA ALA B 66 10.69 37.53 1.87
C ALA B 66 10.26 38.80 2.61
N GLU B 67 10.34 38.78 3.93
CA GLU B 67 9.93 39.94 4.71
C GLU B 67 10.89 41.12 4.65
N THR B 68 12.11 40.89 4.15
CA THR B 68 13.08 41.98 4.03
C THR B 68 12.61 42.82 2.85
N GLY B 69 11.63 42.30 2.12
CA GLY B 69 11.11 42.99 0.96
C GLY B 69 12.20 43.22 -0.06
N ARG B 70 13.32 42.53 0.10
CA ARG B 70 14.44 42.71 -0.81
C ARG B 70 14.49 41.74 -1.97
N TYR B 71 13.58 40.77 -1.99
CA TYR B 71 13.58 39.79 -3.07
C TYR B 71 12.27 39.69 -3.83
N GLY B 72 12.38 39.63 -5.16
CA GLY B 72 11.21 39.51 -6.00
C GLY B 72 10.60 38.14 -5.82
N ALA B 73 11.43 37.19 -5.40
CA ALA B 73 10.97 35.83 -5.20
C ALA B 73 11.99 35.04 -4.41
N VAL B 74 11.58 33.87 -3.92
CA VAL B 74 12.45 33.01 -3.15
C VAL B 74 12.32 31.55 -3.61
N LEU B 75 13.45 30.86 -3.67
CA LEU B 75 13.47 29.47 -4.07
C LEU B 75 13.87 28.65 -2.87
N GLY B 76 13.18 27.53 -2.67
CA GLY B 76 13.49 26.64 -1.58
C GLY B 76 13.92 25.36 -2.27
N THR B 77 15.05 24.79 -1.84
CA THR B 77 15.51 23.56 -2.47
C THR B 77 16.20 22.63 -1.48
N ALA B 78 15.80 21.36 -1.55
CA ALA B 78 16.36 20.34 -0.67
C ALA B 78 15.98 18.99 -1.27
N PHE B 79 16.65 17.95 -0.80
CA PHE B 79 16.45 16.58 -1.24
C PHE B 79 15.96 15.85 0.00
N VAL B 80 14.65 15.58 0.05
CA VAL B 80 14.02 14.91 1.18
C VAL B 80 13.68 13.48 0.80
N VAL B 81 14.42 12.53 1.36
CA VAL B 81 14.25 11.14 1.02
C VAL B 81 14.02 10.19 2.17
N ASN B 82 13.67 8.96 1.80
CA ASN B 82 13.45 7.88 2.73
C ASN B 82 14.81 7.18 2.85
N GLY B 83 15.49 7.39 3.97
CA GLY B 83 16.79 6.77 4.18
C GLY B 83 16.68 5.35 4.67
N GLY B 84 15.44 4.85 4.78
CA GLY B 84 15.21 3.50 5.22
C GLY B 84 15.15 3.20 6.71
N ILE B 85 15.23 4.22 7.55
CA ILE B 85 15.18 4.01 9.00
C ILE B 85 14.00 4.76 9.62
N TYR B 86 13.81 6.01 9.20
CA TYR B 86 12.73 6.85 9.69
C TYR B 86 11.83 7.27 8.54
N ARG B 87 10.59 7.61 8.88
CA ARG B 87 9.62 8.05 7.89
C ARG B 87 9.89 9.51 7.53
N HIS B 88 10.01 9.79 6.23
CA HIS B 88 10.30 11.14 5.76
C HIS B 88 9.07 11.99 5.39
N GLU B 89 7.94 11.32 5.17
CA GLU B 89 6.73 12.03 4.77
C GLU B 89 6.38 13.31 5.53
N PHE B 90 6.21 13.18 6.84
CA PHE B 90 5.84 14.31 7.67
C PHE B 90 6.65 15.56 7.36
N VAL B 91 7.98 15.46 7.46
CA VAL B 91 8.83 16.61 7.18
C VAL B 91 8.63 17.13 5.74
N ALA B 92 8.80 16.27 4.74
CA ALA B 92 8.59 16.70 3.35
C ALA B 92 7.24 17.41 3.24
N SER B 93 6.24 16.84 3.89
CA SER B 93 4.90 17.43 3.85
C SER B 93 4.83 18.76 4.61
N ALA B 94 5.40 18.79 5.81
CA ALA B 94 5.40 20.01 6.62
C ALA B 94 6.10 21.14 5.89
N VAL B 95 7.09 20.81 5.05
CA VAL B 95 7.83 21.84 4.32
C VAL B 95 7.16 22.29 3.03
N ILE B 96 6.47 21.38 2.33
CA ILE B 96 5.79 21.80 1.10
C ILE B 96 4.60 22.67 1.48
N ASP B 97 3.89 22.31 2.57
CA ASP B 97 2.75 23.13 2.99
C ASP B 97 3.32 24.44 3.60
N GLY B 98 4.45 24.30 4.28
CA GLY B 98 5.11 25.43 4.91
C GLY B 98 5.42 26.55 3.93
N MET B 99 6.03 26.19 2.80
CA MET B 99 6.37 27.21 1.80
C MET B 99 5.11 27.85 1.24
N MET B 100 4.06 27.05 1.08
CA MET B 100 2.78 27.57 0.58
C MET B 100 2.33 28.64 1.55
N ASN B 101 2.34 28.26 2.83
CA ASN B 101 1.97 29.09 3.97
C ASN B 101 2.66 30.46 3.94
N VAL B 102 3.98 30.45 3.81
CA VAL B 102 4.76 31.67 3.77
C VAL B 102 4.47 32.59 2.56
N GLN B 103 4.31 32.02 1.37
CA GLN B 103 4.04 32.83 0.19
C GLN B 103 2.64 33.39 0.16
N LEU B 104 1.67 32.66 0.70
CA LEU B 104 0.31 33.15 0.73
C LEU B 104 0.18 34.31 1.69
N SER B 105 0.91 34.26 2.80
CA SER B 105 0.84 35.33 3.80
C SER B 105 1.76 36.52 3.53
N THR B 106 2.97 36.27 3.03
CA THR B 106 3.88 37.38 2.76
C THR B 106 3.63 38.02 1.41
N GLY B 107 2.94 37.29 0.53
CA GLY B 107 2.66 37.82 -0.79
C GLY B 107 3.81 37.64 -1.77
N VAL B 108 4.92 37.13 -1.27
CA VAL B 108 6.09 36.90 -2.09
C VAL B 108 6.08 35.48 -2.63
N PRO B 109 6.25 35.32 -3.95
CA PRO B 109 6.26 33.99 -4.57
C PRO B 109 7.40 33.13 -4.04
N VAL B 110 7.09 31.88 -3.68
CA VAL B 110 8.11 30.96 -3.19
C VAL B 110 8.03 29.72 -4.08
N LEU B 111 9.07 29.51 -4.90
CA LEU B 111 9.12 28.36 -5.79
C LEU B 111 9.75 27.16 -5.11
N SER B 112 9.21 25.98 -5.42
CA SER B 112 9.69 24.75 -4.80
C SER B 112 10.58 23.82 -5.61
N ALA B 113 11.71 23.48 -5.00
CA ALA B 113 12.68 22.56 -5.54
C ALA B 113 13.04 21.67 -4.34
N VAL B 114 12.00 21.31 -3.58
CA VAL B 114 12.17 20.41 -2.46
C VAL B 114 11.60 19.14 -3.05
N LEU B 115 12.48 18.24 -3.46
CA LEU B 115 12.05 17.02 -4.09
C LEU B 115 12.21 15.79 -3.23
N THR B 116 11.30 14.85 -3.40
CA THR B 116 11.33 13.59 -2.68
C THR B 116 11.20 12.49 -3.73
N PRO B 117 12.26 11.67 -3.91
CA PRO B 117 12.19 10.61 -4.91
C PRO B 117 11.43 9.39 -4.40
N HIS B 118 10.94 8.57 -5.33
CA HIS B 118 10.22 7.36 -4.95
C HIS B 118 11.26 6.47 -4.25
N ASN B 119 12.47 6.45 -4.79
CA ASN B 119 13.57 5.66 -4.25
C ASN B 119 14.94 6.33 -4.33
N TYR B 120 15.74 6.14 -3.28
CA TYR B 120 17.11 6.66 -3.18
C TYR B 120 17.80 5.85 -2.09
N HIS B 121 18.77 5.02 -2.47
CA HIS B 121 19.46 4.16 -1.51
C HIS B 121 20.96 4.34 -1.24
N ASP B 122 21.54 5.50 -1.50
CA ASP B 122 22.98 5.67 -1.23
C ASP B 122 23.79 4.63 -1.98
N SER B 123 23.36 4.31 -3.19
CA SER B 123 24.08 3.36 -4.01
C SER B 123 24.60 4.29 -5.09
N ALA B 124 25.69 3.92 -5.74
CA ALA B 124 26.24 4.78 -6.79
C ALA B 124 25.15 5.15 -7.77
N GLU B 125 24.43 4.13 -8.25
CA GLU B 125 23.35 4.35 -9.21
C GLU B 125 22.41 5.46 -8.81
N HIS B 126 21.85 5.38 -7.61
CA HIS B 126 20.91 6.41 -7.15
C HIS B 126 21.55 7.78 -7.06
N HIS B 127 22.70 7.86 -6.39
CA HIS B 127 23.41 9.13 -6.22
C HIS B 127 23.71 9.78 -7.57
N ARG B 128 24.31 9.03 -8.47
CA ARG B 128 24.64 9.54 -9.78
C ARG B 128 23.40 9.99 -10.56
N PHE B 129 22.35 9.18 -10.53
CA PHE B 129 21.13 9.55 -11.25
C PHE B 129 20.60 10.91 -10.81
N PHE B 130 20.36 11.07 -9.51
CA PHE B 130 19.83 12.32 -8.99
C PHE B 130 20.80 13.49 -9.01
N PHE B 131 22.09 13.19 -8.89
CA PHE B 131 23.10 14.25 -8.94
C PHE B 131 22.95 14.88 -10.31
N GLU B 132 22.75 14.03 -11.30
CA GLU B 132 22.59 14.46 -12.69
C GLU B 132 21.25 15.10 -12.99
N HIS B 133 20.18 14.48 -12.50
CA HIS B 133 18.83 14.98 -12.76
C HIS B 133 18.49 16.32 -12.13
N PHE B 134 19.07 16.59 -10.96
CA PHE B 134 18.80 17.83 -10.26
C PHE B 134 19.11 19.11 -11.03
N THR B 135 20.11 19.08 -11.91
CA THR B 135 20.43 20.29 -12.67
C THR B 135 19.20 20.57 -13.54
N VAL B 136 18.48 19.51 -13.91
CA VAL B 136 17.26 19.66 -14.70
C VAL B 136 16.17 20.37 -13.89
N LYS B 137 15.98 19.96 -12.63
CA LYS B 137 14.97 20.57 -11.77
C LYS B 137 15.29 22.03 -11.49
N GLY B 138 16.59 22.35 -11.41
CA GLY B 138 16.99 23.72 -11.16
C GLY B 138 16.65 24.59 -12.34
N LYS B 139 16.85 24.03 -13.53
CA LYS B 139 16.56 24.70 -14.79
C LYS B 139 15.06 25.05 -14.82
N GLU B 140 14.22 24.09 -14.45
CA GLU B 140 12.78 24.30 -14.42
C GLU B 140 12.40 25.42 -13.44
N ALA B 141 12.95 25.34 -12.22
CA ALA B 141 12.66 26.33 -11.19
C ALA B 141 13.08 27.73 -11.66
N ALA B 142 14.16 27.79 -12.41
CA ALA B 142 14.64 29.08 -12.92
C ALA B 142 13.63 29.64 -13.89
N ARG B 143 13.10 28.78 -14.75
CA ARG B 143 12.11 29.21 -15.72
C ARG B 143 10.80 29.55 -15.03
N ALA B 144 10.42 28.74 -14.04
CA ALA B 144 9.20 28.98 -13.31
C ALA B 144 9.34 30.33 -12.63
N CYS B 145 10.50 30.55 -12.01
CA CYS B 145 10.75 31.81 -11.32
C CYS B 145 10.57 33.00 -12.24
N VAL B 146 11.24 33.00 -13.39
CA VAL B 146 11.10 34.11 -14.33
C VAL B 146 9.66 34.25 -14.76
N GLU B 147 9.05 33.14 -15.14
CA GLU B 147 7.66 33.15 -15.60
C GLU B 147 6.63 33.66 -14.58
N ILE B 148 6.72 33.19 -13.33
CA ILE B 148 5.76 33.65 -12.34
C ILE B 148 5.84 35.15 -12.13
N LEU B 149 7.05 35.67 -12.06
CA LEU B 149 7.21 37.10 -11.87
C LEU B 149 6.66 37.89 -13.04
N ALA B 150 6.91 37.42 -14.27
CA ALA B 150 6.43 38.13 -15.45
C ALA B 150 4.91 38.20 -15.46
N ALA B 151 4.28 37.11 -15.02
CA ALA B 151 2.83 36.99 -14.96
C ALA B 151 2.26 37.93 -13.91
N ARG B 152 2.78 37.87 -12.69
CA ARG B 152 2.32 38.76 -11.63
C ARG B 152 2.29 40.19 -12.16
N GLU B 153 3.24 40.49 -13.04
CA GLU B 153 3.32 41.80 -13.65
C GLU B 153 2.03 42.14 -14.39
N LYS B 154 1.51 41.14 -15.12
CA LYS B 154 0.28 41.31 -15.90
C LYS B 154 -0.96 41.55 -15.05
N ILE B 155 -0.93 41.16 -13.78
CA ILE B 155 -2.07 41.40 -12.93
C ILE B 155 -2.12 42.90 -12.65
N ALA B 156 -3.06 43.59 -13.30
CA ALA B 156 -3.20 45.03 -13.14
C ALA B 156 -3.62 45.37 -11.71
N GLU C 10 -24.47 44.37 -15.82
CA GLU C 10 -23.28 44.30 -14.92
C GLU C 10 -22.53 42.96 -15.08
N THR C 11 -21.63 42.90 -16.06
CA THR C 11 -20.85 41.69 -16.35
C THR C 11 -20.05 41.13 -15.17
N VAL C 12 -20.05 39.80 -15.04
CA VAL C 12 -19.31 39.12 -13.98
C VAL C 12 -18.08 38.47 -14.59
N ARG C 13 -16.91 38.82 -14.10
CA ARG C 13 -15.68 38.25 -14.64
C ARG C 13 -15.20 37.04 -13.85
N ILE C 14 -14.85 35.98 -14.56
CA ILE C 14 -14.32 34.79 -13.91
C ILE C 14 -12.87 34.74 -14.33
N ALA C 15 -11.98 34.50 -13.38
CA ALA C 15 -10.55 34.45 -13.67
C ALA C 15 -10.03 33.02 -13.65
N VAL C 16 -9.55 32.56 -14.79
CA VAL C 16 -8.99 31.22 -14.95
C VAL C 16 -7.47 31.26 -14.82
N VAL C 17 -6.95 30.50 -13.88
CA VAL C 17 -5.52 30.42 -13.64
C VAL C 17 -5.06 29.03 -14.04
N ARG C 18 -4.43 28.92 -15.20
CA ARG C 18 -3.96 27.62 -15.71
C ARG C 18 -2.45 27.42 -15.64
N ALA C 19 -2.03 26.22 -15.25
CA ALA C 19 -0.63 25.88 -15.18
C ALA C 19 -0.14 25.68 -16.61
N ARG C 20 1.16 25.51 -16.78
CA ARG C 20 1.72 25.31 -18.13
C ARG C 20 2.36 23.95 -18.31
N TRP C 21 2.44 23.17 -17.25
CA TRP C 21 2.96 21.83 -17.38
C TRP C 21 1.82 21.11 -18.10
N HIS C 22 2.13 20.31 -19.11
CA HIS C 22 1.10 19.58 -19.83
C HIS C 22 0.05 20.52 -20.42
N ALA C 23 0.44 21.76 -20.69
CA ALA C 23 -0.44 22.78 -21.26
C ALA C 23 -1.36 22.23 -22.33
N ASP C 24 -0.84 21.27 -23.09
CA ASP C 24 -1.56 20.60 -24.16
C ASP C 24 -2.95 20.18 -23.63
N ILE C 25 -2.93 19.28 -22.65
CA ILE C 25 -4.12 18.76 -22.03
C ILE C 25 -4.90 19.82 -21.25
N VAL C 26 -4.19 20.61 -20.46
CA VAL C 26 -4.79 21.67 -19.64
C VAL C 26 -5.63 22.62 -20.47
N ASP C 27 -5.07 23.08 -21.58
CA ASP C 27 -5.77 24.01 -22.45
C ASP C 27 -7.07 23.46 -22.99
N GLN C 28 -7.24 22.14 -22.95
CA GLN C 28 -8.49 21.55 -23.41
C GLN C 28 -9.60 21.88 -22.41
N CYS C 29 -9.25 21.82 -21.13
CA CYS C 29 -10.19 22.14 -20.06
C CYS C 29 -10.51 23.62 -20.12
N VAL C 30 -9.48 24.43 -20.32
CA VAL C 30 -9.65 25.88 -20.42
C VAL C 30 -10.54 26.28 -21.59
N SER C 31 -10.35 25.66 -22.75
CA SER C 31 -11.16 26.00 -23.92
C SER C 31 -12.60 25.52 -23.79
N ALA C 32 -12.79 24.35 -23.19
CA ALA C 32 -14.14 23.81 -23.00
C ALA C 32 -14.85 24.69 -22.00
N PHE C 33 -14.10 25.09 -20.96
CA PHE C 33 -14.65 25.94 -19.91
C PHE C 33 -15.17 27.24 -20.51
N GLU C 34 -14.37 27.85 -21.37
CA GLU C 34 -14.78 29.09 -22.02
C GLU C 34 -16.01 28.90 -22.92
N ALA C 35 -16.02 27.81 -23.67
CA ALA C 35 -17.13 27.52 -24.55
C ALA C 35 -18.44 27.43 -23.76
N GLU C 36 -18.50 26.48 -22.83
CA GLU C 36 -19.68 26.28 -21.99
C GLU C 36 -20.06 27.55 -21.25
N MET C 37 -19.04 28.25 -20.77
CA MET C 37 -19.22 29.48 -20.01
C MET C 37 -19.93 30.55 -20.83
N ALA C 38 -19.74 30.52 -22.15
CA ALA C 38 -20.37 31.49 -23.03
C ALA C 38 -21.72 30.97 -23.53
N ASP C 39 -21.87 29.65 -23.48
CA ASP C 39 -23.09 29.00 -23.92
C ASP C 39 -24.25 29.23 -22.95
N ILE C 40 -24.03 28.92 -21.68
CA ILE C 40 -25.06 29.06 -20.66
C ILE C 40 -25.01 30.40 -19.94
N GLY C 41 -24.22 31.31 -20.48
CA GLY C 41 -24.11 32.63 -19.87
C GLY C 41 -24.30 33.72 -20.91
N GLY C 42 -23.29 33.86 -21.77
CA GLY C 42 -23.32 34.85 -22.82
C GLY C 42 -23.70 36.25 -22.38
N ASP C 43 -22.74 37.18 -22.48
CA ASP C 43 -22.95 38.57 -22.12
C ASP C 43 -23.23 38.77 -20.64
N ARG C 44 -23.23 37.70 -19.86
CA ARG C 44 -23.46 37.83 -18.42
C ARG C 44 -22.12 37.64 -17.71
N PHE C 45 -21.26 36.81 -18.29
CA PHE C 45 -19.95 36.55 -17.75
C PHE C 45 -18.84 36.85 -18.75
N ALA C 46 -17.64 37.08 -18.24
CA ALA C 46 -16.47 37.35 -19.08
C ALA C 46 -15.37 36.46 -18.51
N VAL C 47 -14.51 35.94 -19.38
CA VAL C 47 -13.45 35.08 -18.89
C VAL C 47 -12.07 35.67 -19.17
N ASP C 48 -11.24 35.75 -18.13
CA ASP C 48 -9.88 36.23 -18.27
C ASP C 48 -9.01 35.05 -17.90
N VAL C 49 -8.03 34.75 -18.74
CA VAL C 49 -7.14 33.62 -18.49
C VAL C 49 -5.76 34.13 -18.10
N PHE C 50 -5.12 33.45 -17.15
CA PHE C 50 -3.79 33.84 -16.70
C PHE C 50 -2.83 32.64 -16.71
N ASP C 51 -1.64 32.85 -17.28
CA ASP C 51 -0.66 31.77 -17.35
C ASP C 51 0.27 31.69 -16.15
N VAL C 52 0.49 30.46 -15.67
CA VAL C 52 1.36 30.20 -14.54
C VAL C 52 2.23 28.97 -14.82
N PRO C 53 3.50 29.00 -14.37
CA PRO C 53 4.48 27.92 -14.56
C PRO C 53 3.93 26.52 -14.29
N GLY C 54 3.61 26.27 -13.02
CA GLY C 54 3.09 24.98 -12.61
C GLY C 54 1.96 25.16 -11.61
N ALA C 55 1.41 24.05 -11.15
CA ALA C 55 0.31 24.08 -10.20
C ALA C 55 0.63 24.80 -8.89
N TYR C 56 1.85 24.61 -8.38
CA TYR C 56 2.26 25.22 -7.12
C TYR C 56 2.09 26.73 -7.09
N GLU C 57 2.19 27.36 -8.25
CA GLU C 57 2.06 28.81 -8.31
C GLU C 57 0.61 29.27 -8.41
N ILE C 58 -0.32 28.33 -8.52
CA ILE C 58 -1.74 28.67 -8.65
C ILE C 58 -2.43 29.35 -7.44
N PRO C 59 -2.22 28.81 -6.22
CA PRO C 59 -2.85 29.40 -5.02
C PRO C 59 -2.55 30.86 -4.79
N LEU C 60 -1.28 31.25 -4.92
CA LEU C 60 -0.92 32.65 -4.71
C LEU C 60 -1.46 33.54 -5.82
N HIS C 61 -1.52 33.02 -7.05
CA HIS C 61 -2.04 33.82 -8.15
C HIS C 61 -3.55 33.99 -7.97
N ALA C 62 -4.22 32.93 -7.52
CA ALA C 62 -5.67 32.97 -7.28
C ALA C 62 -5.97 34.04 -6.23
N ARG C 63 -5.15 34.07 -5.18
CA ARG C 63 -5.30 35.06 -4.11
C ARG C 63 -5.13 36.48 -4.65
N THR C 64 -3.97 36.76 -5.25
CA THR C 64 -3.71 38.07 -5.79
C THR C 64 -4.88 38.51 -6.67
N LEU C 65 -5.25 37.67 -7.65
CA LEU C 65 -6.35 38.00 -8.52
C LEU C 65 -7.62 38.27 -7.73
N ALA C 66 -7.97 37.35 -6.84
CA ALA C 66 -9.17 37.50 -6.00
C ALA C 66 -9.19 38.85 -5.29
N GLU C 67 -8.11 39.15 -4.56
CA GLU C 67 -8.01 40.38 -3.79
C GLU C 67 -8.15 41.70 -4.57
N THR C 68 -8.27 41.63 -5.89
CA THR C 68 -8.43 42.85 -6.67
C THR C 68 -9.93 43.16 -6.72
N GLY C 69 -10.73 42.19 -6.30
CA GLY C 69 -12.17 42.36 -6.29
C GLY C 69 -12.84 42.53 -7.64
N ARG C 70 -12.14 42.18 -8.71
CA ARG C 70 -12.70 42.33 -10.04
C ARG C 70 -13.30 41.04 -10.59
N TYR C 71 -13.09 39.95 -9.85
CA TYR C 71 -13.61 38.66 -10.28
C TYR C 71 -14.65 38.07 -9.33
N GLY C 72 -15.71 37.53 -9.92
CA GLY C 72 -16.77 36.93 -9.13
C GLY C 72 -16.35 35.58 -8.62
N ALA C 73 -15.38 34.98 -9.30
CA ALA C 73 -14.86 33.66 -8.92
C ALA C 73 -13.52 33.42 -9.61
N VAL C 74 -12.89 32.30 -9.26
CA VAL C 74 -11.61 31.96 -9.85
C VAL C 74 -11.51 30.47 -10.14
N LEU C 75 -10.98 30.13 -11.31
CA LEU C 75 -10.80 28.73 -11.70
C LEU C 75 -9.33 28.37 -11.89
N GLY C 76 -8.79 27.58 -10.98
CA GLY C 76 -7.41 27.14 -11.07
C GLY C 76 -7.41 25.74 -11.64
N THR C 77 -6.80 25.57 -12.80
CA THR C 77 -6.76 24.25 -13.45
C THR C 77 -5.36 23.82 -13.87
N ALA C 78 -5.04 22.56 -13.60
CA ALA C 78 -3.73 22.03 -13.92
C ALA C 78 -3.73 20.51 -13.92
N PHE C 79 -2.68 19.93 -14.49
CA PHE C 79 -2.51 18.48 -14.55
C PHE C 79 -1.29 18.22 -13.67
N VAL C 80 -1.46 17.39 -12.64
CA VAL C 80 -0.40 17.07 -11.69
C VAL C 80 -0.24 15.56 -11.62
N VAL C 81 0.73 15.05 -12.38
CA VAL C 81 0.94 13.62 -12.47
C VAL C 81 2.20 13.03 -11.84
N ASN C 82 2.14 11.76 -11.46
CA ASN C 82 3.29 11.06 -10.89
C ASN C 82 4.15 10.69 -12.08
N GLY C 83 5.24 11.43 -12.27
CA GLY C 83 6.14 11.19 -13.39
C GLY C 83 7.07 10.00 -13.23
N GLY C 84 6.94 9.24 -12.14
CA GLY C 84 7.79 8.08 -11.95
C GLY C 84 9.12 8.27 -11.26
N ILE C 85 9.55 9.52 -11.07
CA ILE C 85 10.82 9.80 -10.40
C ILE C 85 10.62 10.36 -8.99
N TYR C 86 9.94 11.50 -8.89
CA TYR C 86 9.67 12.15 -7.62
C TYR C 86 8.18 11.97 -7.23
N ARG C 87 7.86 12.23 -5.96
CA ARG C 87 6.48 12.09 -5.52
C ARG C 87 5.68 13.37 -5.74
N HIS C 88 4.47 13.20 -6.25
CA HIS C 88 3.60 14.32 -6.59
C HIS C 88 2.45 14.59 -5.62
N GLU C 89 2.32 13.79 -4.56
CA GLU C 89 1.23 13.99 -3.60
C GLU C 89 1.36 15.29 -2.78
N PHE C 90 2.57 15.57 -2.30
CA PHE C 90 2.81 16.77 -1.51
C PHE C 90 2.43 18.05 -2.25
N VAL C 91 2.77 18.12 -3.54
CA VAL C 91 2.44 19.33 -4.30
C VAL C 91 0.95 19.43 -4.61
N ALA C 92 0.33 18.30 -4.97
CA ALA C 92 -1.10 18.26 -5.27
C ALA C 92 -1.82 18.74 -4.00
N SER C 93 -1.54 18.04 -2.92
CA SER C 93 -2.10 18.33 -1.61
C SER C 93 -2.00 19.80 -1.25
N ALA C 94 -0.81 20.36 -1.43
CA ALA C 94 -0.56 21.76 -1.12
C ALA C 94 -1.28 22.71 -2.06
N VAL C 95 -1.64 22.23 -3.24
CA VAL C 95 -2.32 23.11 -4.17
C VAL C 95 -3.82 23.05 -3.89
N ILE C 96 -4.37 21.86 -3.76
CA ILE C 96 -5.79 21.70 -3.47
C ILE C 96 -6.15 22.34 -2.13
N ASP C 97 -5.25 22.23 -1.14
CA ASP C 97 -5.49 22.84 0.17
C ASP C 97 -5.32 24.35 0.09
N GLY C 98 -4.27 24.79 -0.57
CA GLY C 98 -4.01 26.22 -0.70
C GLY C 98 -5.14 27.01 -1.33
N MET C 99 -5.79 26.42 -2.31
CA MET C 99 -6.90 27.12 -2.96
C MET C 99 -8.03 27.28 -1.95
N MET C 100 -8.22 26.25 -1.13
CA MET C 100 -9.25 26.25 -0.09
C MET C 100 -8.94 27.36 0.90
N ASN C 101 -7.65 27.50 1.21
CA ASN C 101 -7.16 28.54 2.11
C ASN C 101 -7.50 29.89 1.51
N VAL C 102 -7.19 30.06 0.24
CA VAL C 102 -7.44 31.32 -0.45
C VAL C 102 -8.92 31.75 -0.47
N GLN C 103 -9.81 30.85 -0.86
CA GLN C 103 -11.21 31.22 -0.91
C GLN C 103 -11.80 31.50 0.48
N LEU C 104 -11.34 30.77 1.49
CA LEU C 104 -11.86 31.00 2.85
C LEU C 104 -11.42 32.36 3.42
N SER C 105 -10.16 32.71 3.20
CA SER C 105 -9.67 33.98 3.70
C SER C 105 -10.16 35.16 2.88
N THR C 106 -10.36 34.95 1.57
CA THR C 106 -10.81 36.03 0.69
C THR C 106 -12.31 36.09 0.43
N GLY C 107 -12.99 34.96 0.59
CA GLY C 107 -14.43 34.93 0.37
C GLY C 107 -14.79 34.78 -1.11
N VAL C 108 -13.77 34.78 -1.96
CA VAL C 108 -13.96 34.63 -3.40
C VAL C 108 -13.93 33.14 -3.69
N PRO C 109 -15.00 32.59 -4.29
CA PRO C 109 -15.03 31.16 -4.59
C PRO C 109 -13.86 30.75 -5.49
N VAL C 110 -13.27 29.61 -5.17
CA VAL C 110 -12.17 29.09 -5.97
C VAL C 110 -12.51 27.67 -6.42
N LEU C 111 -12.81 27.52 -7.72
CA LEU C 111 -13.16 26.20 -8.26
C LEU C 111 -11.90 25.47 -8.70
N SER C 112 -11.90 24.16 -8.51
CA SER C 112 -10.73 23.38 -8.87
C SER C 112 -10.85 22.50 -10.08
N ALA C 113 -9.89 22.64 -10.99
CA ALA C 113 -9.81 21.83 -12.19
C ALA C 113 -8.35 21.38 -12.14
N VAL C 114 -7.86 21.20 -10.92
CA VAL C 114 -6.50 20.75 -10.70
C VAL C 114 -6.60 19.25 -10.48
N LEU C 115 -6.52 18.48 -11.56
CA LEU C 115 -6.62 17.03 -11.47
C LEU C 115 -5.29 16.28 -11.38
N THR C 116 -5.35 15.14 -10.72
CA THR C 116 -4.22 14.25 -10.53
C THR C 116 -4.76 12.87 -10.90
N PRO C 117 -4.27 12.28 -11.99
CA PRO C 117 -4.72 10.96 -12.45
C PRO C 117 -4.05 9.81 -11.71
N HIS C 118 -4.72 8.67 -11.67
CA HIS C 118 -4.14 7.49 -11.02
C HIS C 118 -2.90 7.07 -11.81
N ASN C 119 -3.02 7.06 -13.13
CA ASN C 119 -1.92 6.68 -13.99
C ASN C 119 -1.76 7.56 -15.22
N TYR C 120 -0.54 8.03 -15.45
CA TYR C 120 -0.23 8.84 -16.61
C TYR C 120 1.24 8.64 -17.00
N HIS C 121 1.48 8.12 -18.20
CA HIS C 121 2.84 7.89 -18.67
C HIS C 121 3.22 8.68 -19.91
N ASP C 122 2.35 9.62 -20.30
CA ASP C 122 2.60 10.44 -21.47
C ASP C 122 2.89 9.57 -22.70
N SER C 123 2.22 8.42 -22.75
CA SER C 123 2.34 7.51 -23.88
C SER C 123 1.28 8.02 -24.85
N ALA C 124 1.23 7.43 -26.04
CA ALA C 124 0.23 7.87 -27.02
C ALA C 124 -1.18 7.76 -26.46
N GLU C 125 -1.52 6.59 -25.94
CA GLU C 125 -2.86 6.34 -25.41
C GLU C 125 -3.29 7.19 -24.21
N HIS C 126 -2.44 7.35 -23.21
CA HIS C 126 -2.78 8.16 -22.05
C HIS C 126 -3.07 9.60 -22.43
N HIS C 127 -2.13 10.18 -23.16
CA HIS C 127 -2.24 11.57 -23.60
C HIS C 127 -3.59 11.84 -24.24
N ARG C 128 -3.98 10.99 -25.17
CA ARG C 128 -5.25 11.11 -25.87
C ARG C 128 -6.43 10.98 -24.90
N PHE C 129 -6.32 10.10 -23.92
CA PHE C 129 -7.41 9.92 -22.97
C PHE C 129 -7.72 11.17 -22.15
N PHE C 130 -6.69 11.83 -21.63
CA PHE C 130 -6.92 13.02 -20.82
C PHE C 130 -7.05 14.27 -21.65
N PHE C 131 -6.51 14.22 -22.87
CA PHE C 131 -6.61 15.36 -23.76
C PHE C 131 -8.10 15.53 -24.03
N GLU C 132 -8.81 14.41 -24.17
CA GLU C 132 -10.24 14.45 -24.44
C GLU C 132 -11.03 14.70 -23.17
N HIS C 133 -10.73 13.93 -22.14
CA HIS C 133 -11.44 14.05 -20.88
C HIS C 133 -11.44 15.45 -20.28
N PHE C 134 -10.30 16.15 -20.35
CA PHE C 134 -10.24 17.49 -19.80
C PHE C 134 -11.28 18.41 -20.42
N THR C 135 -11.84 17.99 -21.56
CA THR C 135 -12.88 18.78 -22.22
C THR C 135 -14.11 18.63 -21.35
N VAL C 136 -14.38 17.38 -20.96
CA VAL C 136 -15.51 17.08 -20.11
C VAL C 136 -15.38 17.89 -18.81
N LYS C 137 -14.18 17.85 -18.22
CA LYS C 137 -13.93 18.56 -16.98
C LYS C 137 -14.11 20.05 -17.15
N GLY C 138 -13.66 20.57 -18.28
CA GLY C 138 -13.79 21.99 -18.52
C GLY C 138 -15.25 22.45 -18.57
N LYS C 139 -16.13 21.62 -19.11
CA LYS C 139 -17.53 21.97 -19.18
C LYS C 139 -18.19 21.83 -17.82
N GLU C 140 -17.68 20.91 -17.00
CA GLU C 140 -18.20 20.69 -15.65
C GLU C 140 -17.85 21.91 -14.79
N ALA C 141 -16.60 22.35 -14.89
CA ALA C 141 -16.15 23.50 -14.13
C ALA C 141 -16.97 24.72 -14.55
N ALA C 142 -17.38 24.76 -15.82
CA ALA C 142 -18.18 25.86 -16.31
C ALA C 142 -19.53 25.91 -15.61
N ARG C 143 -20.19 24.76 -15.54
CA ARG C 143 -21.50 24.68 -14.89
C ARG C 143 -21.36 24.95 -13.40
N ALA C 144 -20.37 24.31 -12.78
CA ALA C 144 -20.14 24.50 -11.36
C ALA C 144 -19.94 25.97 -11.04
N CYS C 145 -19.23 26.68 -11.91
CA CYS C 145 -18.95 28.10 -11.70
C CYS C 145 -20.21 28.95 -11.69
N VAL C 146 -21.08 28.74 -12.67
CA VAL C 146 -22.32 29.49 -12.78
C VAL C 146 -23.27 29.17 -11.62
N GLU C 147 -23.41 27.89 -11.30
CA GLU C 147 -24.30 27.45 -10.24
C GLU C 147 -23.94 27.99 -8.87
N ILE C 148 -22.65 27.93 -8.51
CA ILE C 148 -22.21 28.39 -7.21
C ILE C 148 -22.50 29.86 -7.04
N LEU C 149 -22.20 30.65 -8.06
CA LEU C 149 -22.43 32.09 -7.97
C LEU C 149 -23.91 32.40 -7.80
N ALA C 150 -24.77 31.55 -8.36
CA ALA C 150 -26.20 31.74 -8.25
C ALA C 150 -26.66 31.29 -6.86
N ALA C 151 -26.08 30.20 -6.37
CA ALA C 151 -26.44 29.67 -5.06
C ALA C 151 -26.09 30.70 -3.99
N ARG C 152 -24.98 31.40 -4.19
CA ARG C 152 -24.55 32.40 -3.23
C ARG C 152 -25.39 33.66 -3.41
N GLU C 153 -25.91 33.83 -4.62
CA GLU C 153 -26.74 34.99 -4.91
C GLU C 153 -28.04 34.89 -4.13
N LYS C 154 -28.41 33.66 -3.79
CA LYS C 154 -29.64 33.38 -3.04
C LYS C 154 -29.43 33.22 -1.54
N ILE C 155 -28.45 33.94 -1.00
CA ILE C 155 -28.14 33.90 0.43
C ILE C 155 -28.07 35.33 0.94
N ALA C 156 -28.72 35.57 2.07
CA ALA C 156 -28.73 36.90 2.67
C ALA C 156 -27.32 37.46 2.81
N GLU D 10 -37.79 30.60 19.71
CA GLU D 10 -36.90 29.51 20.19
C GLU D 10 -36.67 28.43 19.11
N THR D 11 -36.86 28.79 17.85
CA THR D 11 -36.68 27.86 16.73
C THR D 11 -35.28 27.95 16.09
N VAL D 12 -34.43 26.97 16.40
CA VAL D 12 -33.07 26.95 15.87
C VAL D 12 -33.04 26.45 14.44
N ARG D 13 -32.48 27.26 13.54
CA ARG D 13 -32.38 26.90 12.12
C ARG D 13 -31.06 26.22 11.75
N ILE D 14 -31.16 25.09 11.04
CA ILE D 14 -29.98 24.36 10.59
C ILE D 14 -29.90 24.49 9.08
N ALA D 15 -28.70 24.76 8.59
CA ALA D 15 -28.49 24.92 7.16
C ALA D 15 -27.78 23.69 6.63
N VAL D 16 -28.30 23.14 5.53
CA VAL D 16 -27.69 21.97 4.93
C VAL D 16 -27.09 22.33 3.58
N VAL D 17 -25.80 22.05 3.45
CA VAL D 17 -25.07 22.30 2.22
C VAL D 17 -24.90 20.94 1.57
N ARG D 18 -25.57 20.72 0.44
CA ARG D 18 -25.46 19.42 -0.23
C ARG D 18 -24.88 19.60 -1.63
N ALA D 19 -23.96 18.73 -1.99
CA ALA D 19 -23.33 18.78 -3.30
C ALA D 19 -24.29 18.10 -4.27
N ARG D 20 -24.29 18.55 -5.53
CA ARG D 20 -25.17 17.96 -6.52
C ARG D 20 -24.52 16.79 -7.26
N TRP D 21 -23.29 16.43 -6.85
CA TRP D 21 -22.61 15.29 -7.47
C TRP D 21 -23.22 14.03 -6.85
N HIS D 22 -23.71 13.12 -7.68
CA HIS D 22 -24.34 11.92 -7.15
C HIS D 22 -25.55 12.41 -6.34
N ALA D 23 -26.11 13.56 -6.76
CA ALA D 23 -27.24 14.19 -6.10
C ALA D 23 -28.29 13.20 -5.64
N ASP D 24 -28.43 12.14 -6.43
CA ASP D 24 -29.36 11.06 -6.18
C ASP D 24 -29.14 10.40 -4.81
N ILE D 25 -27.92 9.89 -4.59
CA ILE D 25 -27.52 9.23 -3.36
C ILE D 25 -27.40 10.22 -2.19
N VAL D 26 -26.96 11.44 -2.50
CA VAL D 26 -26.82 12.45 -1.47
C VAL D 26 -28.17 12.87 -0.90
N ASP D 27 -29.14 13.08 -1.78
CA ASP D 27 -30.46 13.52 -1.36
C ASP D 27 -31.19 12.52 -0.47
N GLN D 28 -30.67 11.30 -0.39
CA GLN D 28 -31.28 10.29 0.46
C GLN D 28 -30.84 10.54 1.88
N CYS D 29 -29.73 11.26 2.03
CA CYS D 29 -29.23 11.58 3.35
C CYS D 29 -29.95 12.84 3.80
N VAL D 30 -30.13 13.77 2.88
CA VAL D 30 -30.79 15.03 3.19
C VAL D 30 -32.21 14.79 3.66
N SER D 31 -33.00 14.07 2.88
CA SER D 31 -34.39 13.81 3.27
C SER D 31 -34.44 12.99 4.56
N ALA D 32 -33.53 12.03 4.74
CA ALA D 32 -33.52 11.24 5.97
C ALA D 32 -33.25 12.15 7.15
N PHE D 33 -32.39 13.14 6.91
CA PHE D 33 -32.00 14.13 7.91
C PHE D 33 -33.19 15.01 8.31
N GLU D 34 -33.95 15.45 7.31
CA GLU D 34 -35.11 16.29 7.56
C GLU D 34 -36.21 15.59 8.32
N ALA D 35 -36.45 14.32 8.00
CA ALA D 35 -37.49 13.55 8.69
C ALA D 35 -37.11 13.26 10.13
N GLU D 36 -35.88 12.83 10.35
CA GLU D 36 -35.41 12.53 11.70
C GLU D 36 -35.36 13.81 12.52
N MET D 37 -35.03 14.91 11.87
CA MET D 37 -34.93 16.17 12.57
C MET D 37 -36.31 16.53 13.09
N ALA D 38 -37.34 16.30 12.29
CA ALA D 38 -38.70 16.60 12.70
C ALA D 38 -39.16 15.55 13.70
N ASP D 39 -38.88 14.30 13.38
CA ASP D 39 -39.25 13.16 14.20
C ASP D 39 -38.73 13.36 15.64
N ILE D 40 -37.63 14.07 15.79
CA ILE D 40 -37.05 14.28 17.11
C ILE D 40 -36.92 15.75 17.52
N GLY D 41 -37.23 16.65 16.60
CA GLY D 41 -37.14 18.08 16.91
C GLY D 41 -38.50 18.73 16.81
N GLY D 42 -38.99 18.87 15.58
CA GLY D 42 -40.30 19.47 15.34
C GLY D 42 -40.58 20.72 16.14
N ASP D 43 -40.91 21.82 15.47
CA ASP D 43 -41.20 23.08 16.13
C ASP D 43 -39.89 23.69 16.64
N ARG D 44 -39.07 22.85 17.27
CA ARG D 44 -37.78 23.27 17.80
C ARG D 44 -36.78 23.74 16.73
N PHE D 45 -36.59 22.92 15.70
CA PHE D 45 -35.67 23.31 14.65
C PHE D 45 -36.35 23.38 13.28
N ALA D 46 -35.65 23.99 12.34
CA ALA D 46 -36.14 24.12 10.97
C ALA D 46 -34.94 23.91 10.06
N VAL D 47 -35.15 23.17 8.97
CA VAL D 47 -34.06 22.90 8.06
C VAL D 47 -34.16 23.72 6.77
N ASP D 48 -33.02 24.20 6.31
CA ASP D 48 -32.92 24.98 5.09
C ASP D 48 -31.87 24.29 4.20
N VAL D 49 -32.25 23.96 2.98
CA VAL D 49 -31.33 23.27 2.09
C VAL D 49 -30.73 24.15 1.01
N PHE D 50 -29.41 24.00 0.83
CA PHE D 50 -28.70 24.77 -0.18
C PHE D 50 -27.91 23.85 -1.10
N ASP D 51 -28.13 24.01 -2.39
CA ASP D 51 -27.45 23.19 -3.38
C ASP D 51 -26.14 23.82 -3.80
N VAL D 52 -25.11 22.96 -3.86
CA VAL D 52 -23.78 23.37 -4.27
C VAL D 52 -23.31 22.38 -5.32
N PRO D 53 -22.55 22.84 -6.33
CA PRO D 53 -22.06 21.95 -7.38
C PRO D 53 -21.43 20.65 -6.88
N GLY D 54 -20.40 20.75 -6.06
CA GLY D 54 -19.73 19.58 -5.54
C GLY D 54 -19.11 19.81 -4.18
N ALA D 55 -18.64 18.73 -3.57
CA ALA D 55 -18.02 18.78 -2.24
C ALA D 55 -17.12 19.99 -2.02
N TYR D 56 -16.11 20.12 -2.87
CA TYR D 56 -15.14 21.20 -2.79
C TYR D 56 -15.73 22.59 -2.58
N GLU D 57 -17.00 22.78 -2.88
CA GLU D 57 -17.64 24.09 -2.68
C GLU D 57 -18.34 24.19 -1.33
N ILE D 58 -18.34 23.10 -0.56
CA ILE D 58 -19.00 23.09 0.74
C ILE D 58 -18.44 24.04 1.79
N PRO D 59 -17.13 23.95 2.08
CA PRO D 59 -16.53 24.84 3.08
C PRO D 59 -16.93 26.32 2.98
N LEU D 60 -16.65 26.96 1.86
CA LEU D 60 -16.99 28.36 1.67
C LEU D 60 -18.48 28.69 1.85
N HIS D 61 -19.36 27.76 1.48
CA HIS D 61 -20.79 28.00 1.61
C HIS D 61 -21.16 27.94 3.09
N ALA D 62 -20.71 26.89 3.76
CA ALA D 62 -20.96 26.70 5.19
C ALA D 62 -20.50 27.94 5.96
N ARG D 63 -19.37 28.51 5.56
CA ARG D 63 -18.87 29.71 6.19
C ARG D 63 -19.89 30.84 5.97
N THR D 64 -20.09 31.22 4.71
CA THR D 64 -21.01 32.29 4.37
C THR D 64 -22.35 32.16 5.09
N LEU D 65 -22.85 30.94 5.24
CA LEU D 65 -24.12 30.73 5.92
C LEU D 65 -23.92 31.00 7.42
N ALA D 66 -22.91 30.37 8.00
CA ALA D 66 -22.61 30.54 9.41
C ALA D 66 -22.53 32.02 9.78
N GLU D 67 -21.88 32.80 8.92
CA GLU D 67 -21.69 34.23 9.17
C GLU D 67 -22.93 35.12 9.11
N THR D 68 -24.03 34.62 8.54
CA THR D 68 -25.24 35.44 8.47
C THR D 68 -25.84 35.48 9.87
N GLY D 69 -25.46 34.48 10.67
CA GLY D 69 -25.95 34.40 12.03
C GLY D 69 -27.37 33.90 12.19
N ARG D 70 -27.95 33.37 11.12
CA ARG D 70 -29.32 32.86 11.17
C ARG D 70 -29.33 31.37 11.51
N TYR D 71 -28.18 30.73 11.50
CA TYR D 71 -28.14 29.29 11.76
C TYR D 71 -27.34 28.87 12.98
N GLY D 72 -27.87 27.88 13.68
CA GLY D 72 -27.22 27.39 14.88
C GLY D 72 -26.22 26.29 14.57
N ALA D 73 -26.39 25.66 13.41
CA ALA D 73 -25.50 24.59 12.97
C ALA D 73 -25.59 24.42 11.47
N VAL D 74 -24.52 23.95 10.84
CA VAL D 74 -24.50 23.73 9.41
C VAL D 74 -24.07 22.30 9.10
N LEU D 75 -24.86 21.62 8.29
CA LEU D 75 -24.55 20.24 7.91
C LEU D 75 -24.00 20.25 6.49
N GLY D 76 -22.82 19.65 6.33
CA GLY D 76 -22.20 19.56 5.02
C GLY D 76 -22.36 18.12 4.58
N THR D 77 -22.92 17.90 3.39
CA THR D 77 -23.09 16.53 2.92
C THR D 77 -22.78 16.33 1.44
N ALA D 78 -22.10 15.22 1.14
CA ALA D 78 -21.72 14.89 -0.23
C ALA D 78 -21.16 13.49 -0.29
N PHE D 79 -21.09 12.93 -1.50
CA PHE D 79 -20.55 11.59 -1.73
C PHE D 79 -19.28 11.81 -2.57
N VAL D 80 -18.11 11.61 -1.95
CA VAL D 80 -16.82 11.83 -2.60
C VAL D 80 -16.13 10.51 -2.82
N VAL D 81 -16.31 9.96 -4.02
CA VAL D 81 -15.77 8.64 -4.37
C VAL D 81 -14.54 8.61 -5.26
N ASN D 82 -13.95 7.42 -5.34
CA ASN D 82 -12.79 7.21 -6.19
C ASN D 82 -13.32 6.84 -7.57
N GLY D 83 -13.24 7.79 -8.50
CA GLY D 83 -13.75 7.57 -9.85
C GLY D 83 -12.97 6.64 -10.78
N GLY D 84 -11.88 6.06 -10.31
CA GLY D 84 -11.12 5.17 -11.17
C GLY D 84 -10.25 5.92 -12.17
N ILE D 85 -10.48 7.22 -12.32
CA ILE D 85 -9.70 8.05 -13.22
C ILE D 85 -8.79 9.01 -12.46
N TYR D 86 -9.35 9.77 -11.53
CA TYR D 86 -8.57 10.72 -10.74
C TYR D 86 -8.52 10.36 -9.25
N ARG D 87 -7.54 10.90 -8.56
CA ARG D 87 -7.42 10.66 -7.12
C ARG D 87 -8.43 11.57 -6.45
N HIS D 88 -9.09 11.04 -5.42
CA HIS D 88 -10.12 11.81 -4.74
C HIS D 88 -9.72 12.31 -3.37
N GLU D 89 -8.73 11.66 -2.76
CA GLU D 89 -8.27 12.02 -1.42
C GLU D 89 -7.96 13.50 -1.21
N PHE D 90 -7.29 14.13 -2.18
CA PHE D 90 -6.94 15.53 -2.03
C PHE D 90 -8.19 16.37 -1.76
N VAL D 91 -9.22 16.19 -2.57
CA VAL D 91 -10.46 16.95 -2.37
C VAL D 91 -11.22 16.59 -1.09
N ALA D 92 -11.24 15.30 -0.74
CA ALA D 92 -11.92 14.88 0.47
C ALA D 92 -11.23 15.54 1.67
N SER D 93 -9.93 15.32 1.74
CA SER D 93 -9.07 15.86 2.79
C SER D 93 -9.24 17.37 2.97
N ALA D 94 -9.33 18.09 1.86
CA ALA D 94 -9.49 19.52 1.92
C ALA D 94 -10.85 19.96 2.47
N VAL D 95 -11.89 19.17 2.18
CA VAL D 95 -13.25 19.50 2.63
C VAL D 95 -13.49 19.16 4.11
N ILE D 96 -12.96 18.04 4.57
CA ILE D 96 -13.11 17.66 5.97
C ILE D 96 -12.36 18.67 6.82
N ASP D 97 -11.17 19.04 6.35
CA ASP D 97 -10.34 20.03 7.02
C ASP D 97 -10.99 21.39 6.88
N GLY D 98 -11.57 21.63 5.72
CA GLY D 98 -12.20 22.91 5.47
C GLY D 98 -13.34 23.20 6.41
N MET D 99 -14.24 22.24 6.58
CA MET D 99 -15.37 22.42 7.47
C MET D 99 -14.90 22.57 8.91
N MET D 100 -13.84 21.86 9.27
CA MET D 100 -13.27 21.94 10.61
C MET D 100 -12.76 23.35 10.80
N ASN D 101 -11.99 23.80 9.80
CA ASN D 101 -11.42 25.13 9.78
C ASN D 101 -12.53 26.16 10.01
N VAL D 102 -13.61 26.00 9.25
CA VAL D 102 -14.75 26.93 9.34
C VAL D 102 -15.44 26.97 10.68
N GLN D 103 -15.71 25.81 11.27
CA GLN D 103 -16.38 25.80 12.57
C GLN D 103 -15.54 26.40 13.70
N LEU D 104 -14.21 26.23 13.64
CA LEU D 104 -13.38 26.80 14.68
C LEU D 104 -13.31 28.32 14.59
N SER D 105 -13.36 28.88 13.39
CA SER D 105 -13.30 30.33 13.24
C SER D 105 -14.65 31.01 13.52
N THR D 106 -15.68 30.66 12.76
CA THR D 106 -17.00 31.27 12.93
C THR D 106 -17.61 30.91 14.29
N GLY D 107 -17.32 29.69 14.74
CA GLY D 107 -17.85 29.25 16.02
C GLY D 107 -19.17 28.51 15.89
N VAL D 108 -19.65 28.35 14.65
CA VAL D 108 -20.89 27.62 14.39
C VAL D 108 -20.50 26.17 14.13
N PRO D 109 -21.14 25.22 14.83
CA PRO D 109 -20.79 23.81 14.61
C PRO D 109 -21.04 23.42 13.15
N VAL D 110 -20.12 22.69 12.54
CA VAL D 110 -20.29 22.22 11.17
C VAL D 110 -20.15 20.70 11.19
N LEU D 111 -21.27 20.02 11.04
CA LEU D 111 -21.29 18.57 11.07
C LEU D 111 -20.97 17.97 9.70
N SER D 112 -20.45 16.76 9.68
CA SER D 112 -20.05 16.16 8.43
C SER D 112 -20.77 14.92 7.95
N ALA D 113 -21.31 15.05 6.75
CA ALA D 113 -21.99 13.98 6.04
C ALA D 113 -21.33 13.96 4.64
N VAL D 114 -20.03 14.25 4.61
CA VAL D 114 -19.23 14.22 3.40
C VAL D 114 -18.52 12.88 3.57
N LEU D 115 -19.06 11.85 2.89
CA LEU D 115 -18.53 10.49 3.00
C LEU D 115 -17.80 9.95 1.79
N THR D 116 -16.77 9.18 2.07
CA THR D 116 -15.96 8.57 1.03
C THR D 116 -15.98 7.07 1.27
N PRO D 117 -16.46 6.31 0.26
CA PRO D 117 -16.51 4.85 0.40
C PRO D 117 -15.19 4.23 -0.03
N HIS D 118 -14.79 3.13 0.60
CA HIS D 118 -13.56 2.46 0.23
C HIS D 118 -13.62 2.07 -1.24
N ASN D 119 -14.79 1.61 -1.67
CA ASN D 119 -14.97 1.21 -3.07
C ASN D 119 -16.33 1.60 -3.58
N TYR D 120 -16.36 2.27 -4.72
CA TYR D 120 -17.62 2.66 -5.33
C TYR D 120 -17.52 2.77 -6.85
N HIS D 121 -17.91 1.71 -7.54
CA HIS D 121 -17.89 1.71 -9.00
C HIS D 121 -19.33 1.90 -9.40
N ASP D 122 -19.59 2.74 -10.40
CA ASP D 122 -20.97 2.93 -10.80
C ASP D 122 -21.60 1.70 -11.45
N SER D 123 -22.14 0.84 -10.59
CA SER D 123 -22.83 -0.37 -10.99
C SER D 123 -24.11 -0.37 -10.17
N ALA D 124 -25.09 -1.20 -10.55
CA ALA D 124 -26.35 -1.24 -9.82
C ALA D 124 -26.17 -1.65 -8.36
N GLU D 125 -25.31 -2.65 -8.13
CA GLU D 125 -25.07 -3.12 -6.78
C GLU D 125 -24.55 -2.01 -5.87
N HIS D 126 -23.46 -1.35 -6.27
CA HIS D 126 -22.88 -0.26 -5.48
C HIS D 126 -23.84 0.91 -5.33
N HIS D 127 -24.43 1.33 -6.45
CA HIS D 127 -25.34 2.46 -6.41
C HIS D 127 -26.51 2.21 -5.46
N ARG D 128 -27.04 0.99 -5.45
CA ARG D 128 -28.14 0.65 -4.56
C ARG D 128 -27.69 0.70 -3.09
N PHE D 129 -26.58 0.04 -2.78
CA PHE D 129 -26.05 0.00 -1.43
C PHE D 129 -26.01 1.37 -0.77
N PHE D 130 -25.35 2.32 -1.42
CA PHE D 130 -25.23 3.65 -0.87
C PHE D 130 -26.50 4.47 -0.96
N PHE D 131 -27.33 4.19 -1.96
CA PHE D 131 -28.57 4.93 -2.07
C PHE D 131 -29.39 4.59 -0.84
N GLU D 132 -29.17 3.39 -0.33
CA GLU D 132 -29.90 2.93 0.84
C GLU D 132 -29.20 3.29 2.14
N HIS D 133 -27.89 3.13 2.17
CA HIS D 133 -27.14 3.41 3.40
C HIS D 133 -27.08 4.89 3.79
N PHE D 134 -27.34 5.76 2.83
CA PHE D 134 -27.28 7.18 3.10
C PHE D 134 -28.40 7.69 4.00
N THR D 135 -29.52 6.98 4.06
CA THR D 135 -30.58 7.45 4.94
C THR D 135 -30.11 7.14 6.37
N VAL D 136 -29.35 6.06 6.52
CA VAL D 136 -28.82 5.73 7.82
C VAL D 136 -27.97 6.92 8.25
N LYS D 137 -27.06 7.36 7.38
CA LYS D 137 -26.20 8.48 7.73
C LYS D 137 -27.01 9.76 7.94
N GLY D 138 -28.15 9.87 7.27
CA GLY D 138 -28.97 11.05 7.43
C GLY D 138 -29.54 11.15 8.84
N LYS D 139 -29.97 10.01 9.37
CA LYS D 139 -30.55 9.97 10.71
C LYS D 139 -29.45 10.16 11.76
N GLU D 140 -28.29 9.56 11.51
CA GLU D 140 -27.16 9.70 12.42
C GLU D 140 -26.83 11.19 12.53
N ALA D 141 -26.83 11.87 11.39
CA ALA D 141 -26.50 13.28 11.35
C ALA D 141 -27.58 14.12 12.02
N ALA D 142 -28.80 13.60 12.02
CA ALA D 142 -29.91 14.33 12.65
C ALA D 142 -29.70 14.34 14.17
N ARG D 143 -29.43 13.17 14.73
CA ARG D 143 -29.22 13.07 16.16
C ARG D 143 -27.94 13.79 16.58
N ALA D 144 -26.94 13.83 15.71
CA ALA D 144 -25.68 14.50 16.03
C ALA D 144 -25.93 15.99 16.18
N CYS D 145 -26.59 16.55 15.18
CA CYS D 145 -26.92 17.96 15.16
C CYS D 145 -27.67 18.37 16.43
N VAL D 146 -28.74 17.65 16.75
CA VAL D 146 -29.54 17.94 17.94
C VAL D 146 -28.71 17.84 19.22
N GLU D 147 -28.00 16.73 19.35
CA GLU D 147 -27.17 16.50 20.53
C GLU D 147 -26.08 17.56 20.71
N ILE D 148 -25.37 17.91 19.64
CA ILE D 148 -24.30 18.91 19.76
C ILE D 148 -24.84 20.28 20.18
N LEU D 149 -26.02 20.64 19.67
CA LEU D 149 -26.61 21.92 20.03
C LEU D 149 -27.08 21.89 21.48
N ALA D 150 -27.52 20.72 21.94
CA ALA D 150 -27.97 20.58 23.31
C ALA D 150 -26.76 20.67 24.23
N ALA D 151 -25.76 19.84 23.95
CA ALA D 151 -24.52 19.80 24.74
C ALA D 151 -23.83 21.15 24.85
N ARG D 152 -23.93 21.98 23.82
CA ARG D 152 -23.27 23.27 23.89
C ARG D 152 -23.97 24.16 24.90
N GLU D 153 -25.28 23.98 25.06
CA GLU D 153 -26.02 24.77 26.03
C GLU D 153 -25.60 24.40 27.45
N LYS D 154 -25.26 23.14 27.66
CA LYS D 154 -24.83 22.67 28.98
C LYS D 154 -23.47 23.24 29.37
N ILE D 155 -22.98 24.18 28.57
CA ILE D 155 -21.69 24.82 28.85
C ILE D 155 -21.88 26.26 29.29
N GLU E 10 -8.43 27.66 44.19
CA GLU E 10 -7.11 26.98 44.08
C GLU E 10 -7.17 25.67 43.30
N THR E 11 -8.32 24.99 43.35
CA THR E 11 -8.48 23.72 42.66
C THR E 11 -8.47 23.88 41.14
N VAL E 12 -7.71 23.03 40.46
CA VAL E 12 -7.63 23.08 39.01
C VAL E 12 -8.65 22.13 38.39
N ARG E 13 -9.40 22.64 37.42
CA ARG E 13 -10.44 21.86 36.74
C ARG E 13 -10.03 21.34 35.35
N ILE E 14 -10.22 20.05 35.14
CA ILE E 14 -9.92 19.45 33.85
C ILE E 14 -11.22 19.09 33.16
N ALA E 15 -11.34 19.45 31.88
CA ALA E 15 -12.53 19.14 31.11
C ALA E 15 -12.26 17.98 30.17
N VAL E 16 -13.23 17.07 30.08
CA VAL E 16 -13.13 15.90 29.22
C VAL E 16 -14.23 15.97 28.17
N VAL E 17 -13.84 15.94 26.90
CA VAL E 17 -14.80 15.96 25.80
C VAL E 17 -14.78 14.56 25.21
N ARG E 18 -15.78 13.75 25.55
CA ARG E 18 -15.85 12.38 25.08
C ARG E 18 -16.93 12.21 24.01
N ALA E 19 -16.62 11.44 22.99
CA ALA E 19 -17.57 11.20 21.91
C ALA E 19 -18.49 10.05 22.35
N ARG E 20 -19.66 9.95 21.73
CA ARG E 20 -20.58 8.88 22.10
C ARG E 20 -20.57 7.63 21.18
N TRP E 21 -19.75 7.66 20.14
CA TRP E 21 -19.61 6.50 19.26
C TRP E 21 -18.78 5.52 20.06
N HIS E 22 -19.20 4.27 20.12
CA HIS E 22 -18.48 3.26 20.89
C HIS E 22 -18.37 3.77 22.33
N ALA E 23 -19.44 4.41 22.80
CA ALA E 23 -19.50 4.98 24.14
C ALA E 23 -18.99 4.01 25.19
N ASP E 24 -19.46 2.78 25.10
CA ASP E 24 -19.08 1.71 26.01
C ASP E 24 -17.56 1.70 26.21
N ILE E 25 -16.82 1.68 25.11
CA ILE E 25 -15.35 1.66 25.12
C ILE E 25 -14.71 2.99 25.51
N VAL E 26 -15.20 4.08 24.97
CA VAL E 26 -14.69 5.42 25.27
C VAL E 26 -14.79 5.68 26.78
N ASP E 27 -15.91 5.29 27.37
CA ASP E 27 -16.15 5.49 28.79
C ASP E 27 -15.16 4.76 29.68
N GLN E 28 -14.55 3.68 29.16
CA GLN E 28 -13.55 2.97 29.95
C GLN E 28 -12.35 3.87 30.18
N CYS E 29 -12.05 4.69 29.18
CA CYS E 29 -10.94 5.63 29.26
C CYS E 29 -11.30 6.78 30.20
N VAL E 30 -12.54 7.25 30.11
CA VAL E 30 -12.99 8.36 30.96
C VAL E 30 -12.97 7.98 32.45
N SER E 31 -13.59 6.85 32.80
CA SER E 31 -13.62 6.44 34.20
C SER E 31 -12.21 6.14 34.70
N ALA E 32 -11.44 5.40 33.91
CA ALA E 32 -10.06 5.09 34.31
C ALA E 32 -9.29 6.39 34.53
N PHE E 33 -9.57 7.38 33.68
CA PHE E 33 -8.94 8.69 33.76
C PHE E 33 -9.31 9.32 35.10
N GLU E 34 -10.60 9.48 35.32
CA GLU E 34 -11.10 10.08 36.57
C GLU E 34 -10.52 9.41 37.81
N ALA E 35 -10.57 8.09 37.87
CA ALA E 35 -10.06 7.34 39.00
C ALA E 35 -8.55 7.57 39.22
N GLU E 36 -7.80 7.78 38.14
CA GLU E 36 -6.37 8.01 38.23
C GLU E 36 -6.09 9.48 38.58
N MET E 37 -6.95 10.37 38.10
CA MET E 37 -6.82 11.79 38.34
C MET E 37 -7.07 12.09 39.83
N ALA E 38 -7.88 11.25 40.46
CA ALA E 38 -8.20 11.44 41.86
C ALA E 38 -7.17 10.75 42.72
N ASP E 39 -6.67 9.63 42.21
CA ASP E 39 -5.69 8.83 42.91
C ASP E 39 -4.32 9.49 43.07
N ILE E 40 -3.87 10.20 42.03
CA ILE E 40 -2.57 10.87 42.07
C ILE E 40 -2.67 12.39 42.25
N GLY E 41 -3.36 12.81 43.30
CA GLY E 41 -3.50 14.24 43.57
C GLY E 41 -4.89 14.71 43.93
N GLY E 42 -5.67 13.83 44.54
CA GLY E 42 -7.03 14.16 44.94
C GLY E 42 -7.19 15.56 45.50
N ASP E 43 -8.39 16.13 45.34
CA ASP E 43 -8.71 17.48 45.82
C ASP E 43 -8.07 18.59 45.00
N ARG E 44 -6.83 18.38 44.55
CA ARG E 44 -6.16 19.40 43.75
C ARG E 44 -6.77 19.55 42.35
N PHE E 45 -7.39 18.49 41.84
CA PHE E 45 -8.00 18.54 40.51
C PHE E 45 -9.47 18.10 40.50
N ALA E 46 -10.29 18.77 39.70
CA ALA E 46 -11.70 18.42 39.56
C ALA E 46 -11.93 18.15 38.08
N VAL E 47 -12.62 17.06 37.76
CA VAL E 47 -12.86 16.70 36.38
C VAL E 47 -14.31 16.84 35.92
N ASP E 48 -14.54 17.68 34.91
CA ASP E 48 -15.88 17.85 34.38
C ASP E 48 -16.00 17.14 33.02
N VAL E 49 -16.97 16.23 32.92
CA VAL E 49 -17.20 15.45 31.71
C VAL E 49 -18.33 15.99 30.83
N PHE E 50 -18.04 16.21 29.56
CA PHE E 50 -19.03 16.71 28.60
C PHE E 50 -19.23 15.73 27.45
N ASP E 51 -20.45 15.60 26.98
CA ASP E 51 -20.70 14.67 25.90
C ASP E 51 -20.78 15.32 24.54
N VAL E 52 -20.28 14.60 23.55
CA VAL E 52 -20.31 15.07 22.17
C VAL E 52 -20.74 13.87 21.35
N PRO E 53 -21.42 14.10 20.21
CA PRO E 53 -21.86 12.98 19.37
C PRO E 53 -20.70 12.14 18.81
N GLY E 54 -19.91 12.75 17.95
CA GLY E 54 -18.79 12.05 17.37
C GLY E 54 -17.47 12.82 17.49
N ALA E 55 -16.38 12.10 17.30
CA ALA E 55 -15.04 12.65 17.39
C ALA E 55 -14.88 13.97 16.64
N TYR E 56 -15.55 14.08 15.50
CA TYR E 56 -15.48 15.26 14.66
C TYR E 56 -16.02 16.50 15.37
N GLU E 57 -16.74 16.29 16.47
CA GLU E 57 -17.31 17.39 17.24
C GLU E 57 -16.36 17.88 18.33
N ILE E 58 -15.37 17.06 18.69
CA ILE E 58 -14.43 17.39 19.76
C ILE E 58 -13.66 18.71 19.68
N PRO E 59 -13.02 19.03 18.55
CA PRO E 59 -12.28 20.30 18.45
C PRO E 59 -13.04 21.56 18.88
N LEU E 60 -14.18 21.82 18.23
CA LEU E 60 -14.97 23.00 18.55
C LEU E 60 -15.42 23.05 20.01
N HIS E 61 -15.81 21.90 20.55
CA HIS E 61 -16.25 21.83 21.92
C HIS E 61 -15.10 22.18 22.85
N ALA E 62 -13.96 21.56 22.61
CA ALA E 62 -12.76 21.80 23.41
C ALA E 62 -12.37 23.29 23.35
N ARG E 63 -12.52 23.89 22.18
CA ARG E 63 -12.18 25.29 22.01
C ARG E 63 -13.08 26.17 22.89
N THR E 64 -14.39 25.97 22.78
CA THR E 64 -15.37 26.73 23.58
C THR E 64 -15.12 26.52 25.08
N LEU E 65 -14.81 25.30 25.47
CA LEU E 65 -14.55 25.00 26.87
C LEU E 65 -13.23 25.63 27.30
N ALA E 66 -12.27 25.65 26.38
CA ALA E 66 -10.97 26.22 26.63
C ALA E 66 -11.05 27.74 26.81
N GLU E 67 -11.81 28.40 25.95
CA GLU E 67 -11.94 29.85 25.99
C GLU E 67 -12.67 30.43 27.19
N THR E 68 -13.08 29.60 28.13
CA THR E 68 -13.80 30.12 29.28
C THR E 68 -12.83 30.38 30.43
N GLY E 69 -11.59 29.93 30.26
CA GLY E 69 -10.58 30.11 31.28
C GLY E 69 -10.86 29.30 32.53
N ARG E 70 -11.96 28.55 32.50
CA ARG E 70 -12.35 27.73 33.63
C ARG E 70 -11.50 26.46 33.79
N TYR E 71 -10.86 26.00 32.72
CA TYR E 71 -10.08 24.78 32.82
C TYR E 71 -8.57 24.87 32.59
N GLY E 72 -7.84 24.07 33.35
CA GLY E 72 -6.40 24.04 33.23
C GLY E 72 -5.98 23.18 32.05
N ALA E 73 -6.93 22.47 31.46
CA ALA E 73 -6.65 21.62 30.31
C ALA E 73 -7.91 20.88 29.88
N VAL E 74 -7.84 20.27 28.71
CA VAL E 74 -8.95 19.52 28.15
C VAL E 74 -8.47 18.20 27.57
N LEU E 75 -9.26 17.15 27.78
CA LEU E 75 -8.95 15.82 27.28
C LEU E 75 -9.99 15.42 26.23
N GLY E 76 -9.51 15.14 25.03
CA GLY E 76 -10.39 14.73 23.95
C GLY E 76 -10.25 13.22 23.86
N THR E 77 -11.36 12.51 23.88
CA THR E 77 -11.30 11.07 23.80
C THR E 77 -12.39 10.52 22.89
N ALA E 78 -12.01 9.57 22.04
CA ALA E 78 -12.92 8.94 21.10
C ALA E 78 -12.30 7.68 20.54
N PHE E 79 -13.09 6.88 19.83
CA PHE E 79 -12.61 5.66 19.21
C PHE E 79 -13.03 5.84 17.76
N VAL E 80 -12.06 6.08 16.89
CA VAL E 80 -12.31 6.30 15.47
C VAL E 80 -11.77 5.13 14.67
N VAL E 81 -12.69 4.29 14.19
CA VAL E 81 -12.30 3.11 13.44
C VAL E 81 -12.79 3.08 12.00
N ASN E 82 -12.18 2.17 11.24
CA ASN E 82 -12.54 1.93 9.86
C ASN E 82 -13.65 0.86 9.92
N GLY E 83 -14.86 1.23 9.54
CA GLY E 83 -15.97 0.28 9.59
C GLY E 83 -16.17 -0.58 8.35
N GLY E 84 -15.24 -0.49 7.39
CA GLY E 84 -15.35 -1.29 6.18
C GLY E 84 -16.19 -0.70 5.06
N ILE E 85 -16.77 0.46 5.28
CA ILE E 85 -17.59 1.11 4.27
C ILE E 85 -17.01 2.47 3.88
N TYR E 86 -16.78 3.32 4.86
CA TYR E 86 -16.22 4.63 4.57
C TYR E 86 -14.79 4.71 5.07
N ARG E 87 -14.03 5.67 4.55
CA ARG E 87 -12.65 5.84 4.99
C ARG E 87 -12.69 6.72 6.23
N HIS E 88 -11.94 6.36 7.26
CA HIS E 88 -11.94 7.13 8.50
C HIS E 88 -10.73 8.05 8.68
N GLU E 89 -9.76 7.96 7.78
CA GLU E 89 -8.55 8.77 7.88
C GLU E 89 -8.79 10.28 7.88
N PHE E 90 -9.75 10.74 7.08
CA PHE E 90 -10.04 12.16 7.00
C PHE E 90 -10.56 12.80 8.29
N VAL E 91 -11.41 12.09 9.02
CA VAL E 91 -11.97 12.60 10.26
C VAL E 91 -10.94 12.48 11.40
N ALA E 92 -10.26 11.34 11.47
CA ALA E 92 -9.24 11.09 12.49
C ALA E 92 -8.21 12.21 12.43
N SER E 93 -7.70 12.45 11.23
CA SER E 93 -6.71 13.48 10.97
C SER E 93 -7.17 14.92 11.27
N ALA E 94 -8.38 15.27 10.84
CA ALA E 94 -8.92 16.62 11.08
C ALA E 94 -9.25 16.81 12.56
N VAL E 95 -9.35 15.70 13.30
CA VAL E 95 -9.65 15.80 14.70
C VAL E 95 -8.38 15.88 15.52
N ILE E 96 -7.33 15.17 15.10
CA ILE E 96 -6.04 15.22 15.79
C ILE E 96 -5.35 16.54 15.46
N ASP E 97 -5.47 17.02 14.21
CA ASP E 97 -4.89 18.31 13.82
C ASP E 97 -5.69 19.40 14.52
N GLY E 98 -7.01 19.20 14.59
CA GLY E 98 -7.90 20.16 15.22
C GLY E 98 -7.58 20.47 16.66
N MET E 99 -7.40 19.43 17.47
CA MET E 99 -7.09 19.65 18.87
C MET E 99 -5.75 20.39 19.02
N MET E 100 -4.83 20.15 18.10
CA MET E 100 -3.53 20.83 18.16
C MET E 100 -3.76 22.30 17.80
N ASN E 101 -4.60 22.53 16.79
CA ASN E 101 -4.93 23.88 16.34
C ASN E 101 -5.60 24.62 17.50
N VAL E 102 -6.42 23.90 18.24
CA VAL E 102 -7.14 24.50 19.37
C VAL E 102 -6.22 24.88 20.53
N GLN E 103 -5.29 24.00 20.91
CA GLN E 103 -4.41 24.30 22.02
C GLN E 103 -3.35 25.37 21.69
N LEU E 104 -3.02 25.55 20.42
CA LEU E 104 -2.03 26.55 20.04
C LEU E 104 -2.65 27.93 20.02
N SER E 105 -3.91 28.02 19.62
CA SER E 105 -4.57 29.32 19.57
C SER E 105 -4.98 29.79 20.96
N THR E 106 -5.60 28.89 21.73
CA THR E 106 -6.08 29.20 23.06
C THR E 106 -5.01 29.16 24.13
N GLY E 107 -3.95 28.40 23.88
CA GLY E 107 -2.89 28.28 24.86
C GLY E 107 -3.24 27.25 25.93
N VAL E 108 -4.49 26.78 25.91
CA VAL E 108 -4.94 25.80 26.88
C VAL E 108 -4.53 24.40 26.42
N PRO E 109 -3.85 23.64 27.28
CA PRO E 109 -3.41 22.29 26.91
C PRO E 109 -4.60 21.40 26.51
N VAL E 110 -4.41 20.60 25.49
CA VAL E 110 -5.46 19.68 25.06
C VAL E 110 -4.78 18.35 24.82
N LEU E 111 -5.01 17.40 25.72
CA LEU E 111 -4.41 16.08 25.58
C LEU E 111 -5.28 15.23 24.67
N SER E 112 -4.68 14.21 24.07
CA SER E 112 -5.41 13.36 23.14
C SER E 112 -5.61 11.93 23.55
N ALA E 113 -6.86 11.49 23.52
CA ALA E 113 -7.23 10.11 23.83
C ALA E 113 -8.14 9.65 22.70
N VAL E 114 -8.07 10.37 21.57
CA VAL E 114 -8.84 10.04 20.38
C VAL E 114 -7.97 9.00 19.69
N LEU E 115 -8.32 7.73 19.87
CA LEU E 115 -7.55 6.65 19.29
C LEU E 115 -8.19 6.04 18.03
N THR E 116 -7.32 5.52 17.18
CA THR E 116 -7.70 4.87 15.93
C THR E 116 -6.93 3.55 15.88
N PRO E 117 -7.65 2.42 15.91
CA PRO E 117 -6.94 1.14 15.86
C PRO E 117 -6.62 0.70 14.45
N HIS E 118 -5.75 -0.30 14.33
CA HIS E 118 -5.41 -0.86 13.03
C HIS E 118 -6.63 -1.66 12.58
N ASN E 119 -7.13 -2.54 13.44
CA ASN E 119 -8.30 -3.35 13.10
C ASN E 119 -9.35 -3.49 14.21
N TYR E 120 -10.59 -3.14 13.90
CA TYR E 120 -11.71 -3.30 14.84
C TYR E 120 -12.94 -3.73 14.04
N HIS E 121 -13.43 -4.94 14.30
CA HIS E 121 -14.59 -5.44 13.57
C HIS E 121 -15.79 -5.78 14.43
N ASP E 122 -16.10 -4.94 15.41
CA ASP E 122 -17.25 -5.20 16.30
C ASP E 122 -17.54 -6.70 16.40
N SER E 123 -16.78 -7.36 17.27
CA SER E 123 -16.96 -8.78 17.49
C SER E 123 -16.61 -9.04 18.94
N ALA E 124 -16.88 -10.25 19.40
CA ALA E 124 -16.62 -10.62 20.78
C ALA E 124 -15.20 -10.25 21.23
N GLU E 125 -14.20 -10.69 20.49
CA GLU E 125 -12.80 -10.44 20.83
C GLU E 125 -12.31 -9.01 20.68
N HIS E 126 -12.65 -8.35 19.57
CA HIS E 126 -12.18 -6.99 19.35
C HIS E 126 -12.70 -6.03 20.39
N HIS E 127 -14.02 -6.04 20.59
CA HIS E 127 -14.64 -5.17 21.56
C HIS E 127 -14.05 -5.41 22.95
N ARG E 128 -13.82 -6.68 23.25
CA ARG E 128 -13.25 -7.04 24.54
C ARG E 128 -11.87 -6.42 24.72
N PHE E 129 -11.00 -6.68 23.76
CA PHE E 129 -9.63 -6.18 23.82
C PHE E 129 -9.55 -4.68 24.08
N PHE E 130 -10.17 -3.89 23.21
CA PHE E 130 -10.12 -2.43 23.38
C PHE E 130 -10.90 -1.92 24.59
N PHE E 131 -11.96 -2.61 24.97
CA PHE E 131 -12.74 -2.20 26.12
C PHE E 131 -11.81 -2.12 27.33
N GLU E 132 -11.02 -3.18 27.51
CA GLU E 132 -10.08 -3.25 28.62
C GLU E 132 -8.87 -2.36 28.41
N HIS E 133 -8.35 -2.34 27.19
CA HIS E 133 -7.16 -1.56 26.90
C HIS E 133 -7.36 -0.07 27.15
N PHE E 134 -8.57 0.42 26.90
CA PHE E 134 -8.86 1.84 27.13
C PHE E 134 -8.66 2.23 28.60
N THR E 135 -8.73 1.26 29.49
CA THR E 135 -8.49 1.57 30.90
C THR E 135 -7.03 2.03 30.96
N VAL E 136 -6.13 1.27 30.33
CA VAL E 136 -4.71 1.61 30.30
C VAL E 136 -4.48 2.98 29.69
N LYS E 137 -5.24 3.32 28.64
CA LYS E 137 -5.09 4.62 27.99
C LYS E 137 -5.64 5.75 28.83
N GLY E 138 -6.60 5.43 29.70
CA GLY E 138 -7.17 6.44 30.56
C GLY E 138 -6.14 6.85 31.60
N LYS E 139 -5.54 5.85 32.26
CA LYS E 139 -4.53 6.11 33.28
C LYS E 139 -3.37 6.92 32.69
N GLU E 140 -2.93 6.50 31.50
CA GLU E 140 -1.85 7.18 30.79
C GLU E 140 -2.14 8.65 30.53
N ALA E 141 -3.38 8.96 30.19
CA ALA E 141 -3.79 10.34 29.92
C ALA E 141 -3.81 11.15 31.20
N ALA E 142 -4.14 10.49 32.31
CA ALA E 142 -4.20 11.12 33.62
C ALA E 142 -2.81 11.60 34.00
N ARG E 143 -1.85 10.69 34.02
CA ARG E 143 -0.47 11.05 34.36
C ARG E 143 0.00 12.18 33.44
N ALA E 144 -0.26 12.06 32.15
CA ALA E 144 0.17 13.10 31.22
C ALA E 144 -0.47 14.45 31.57
N CYS E 145 -1.70 14.41 32.05
CA CYS E 145 -2.42 15.62 32.41
C CYS E 145 -1.72 16.33 33.56
N VAL E 146 -1.54 15.59 34.65
CA VAL E 146 -0.88 16.12 35.84
C VAL E 146 0.53 16.62 35.51
N GLU E 147 1.30 15.76 34.85
CA GLU E 147 2.69 16.06 34.48
C GLU E 147 2.88 17.29 33.61
N ILE E 148 2.01 17.47 32.60
CA ILE E 148 2.14 18.63 31.71
C ILE E 148 1.78 19.93 32.41
N LEU E 149 0.76 19.91 33.25
CA LEU E 149 0.38 21.12 33.97
C LEU E 149 1.48 21.51 34.95
N ALA E 150 2.16 20.51 35.51
CA ALA E 150 3.26 20.75 36.45
C ALA E 150 4.46 21.25 35.65
N ALA E 151 4.67 20.63 34.48
CA ALA E 151 5.78 21.01 33.62
C ALA E 151 5.67 22.49 33.28
N ARG E 152 4.45 22.94 33.03
CA ARG E 152 4.24 24.35 32.69
C ARG E 152 4.57 25.30 33.84
N GLU E 153 4.34 24.87 35.08
CA GLU E 153 4.63 25.70 36.24
C GLU E 153 6.13 25.98 36.28
N LYS E 154 6.92 25.04 35.78
CA LYS E 154 8.38 25.16 35.76
C LYS E 154 8.92 26.18 34.76
N ILE E 155 8.06 27.05 34.24
CA ILE E 155 8.49 28.06 33.28
C ILE E 155 8.38 29.47 33.86
N GLU F 10 1.62 -26.46 -45.25
CA GLU F 10 0.25 -26.76 -44.73
C GLU F 10 -0.19 -25.67 -43.76
N THR F 11 -1.50 -25.50 -43.62
CA THR F 11 -2.05 -24.46 -42.75
C THR F 11 -1.96 -24.77 -41.26
N VAL F 12 -1.56 -23.76 -40.48
CA VAL F 12 -1.43 -23.88 -39.04
C VAL F 12 -2.66 -23.35 -38.30
N ARG F 13 -3.18 -24.15 -37.37
CA ARG F 13 -4.36 -23.77 -36.60
C ARG F 13 -4.04 -23.15 -35.23
N ILE F 14 -4.74 -22.06 -34.91
CA ILE F 14 -4.57 -21.38 -33.63
C ILE F 14 -5.93 -21.35 -32.93
N ALA F 15 -5.93 -21.76 -31.65
CA ALA F 15 -7.15 -21.77 -30.85
C ALA F 15 -7.28 -20.53 -29.96
N VAL F 16 -8.32 -19.74 -30.17
CA VAL F 16 -8.55 -18.57 -29.34
C VAL F 16 -9.58 -18.96 -28.30
N VAL F 17 -9.22 -18.87 -27.02
CA VAL F 17 -10.15 -19.20 -25.94
C VAL F 17 -10.52 -17.87 -25.29
N ARG F 18 -11.67 -17.33 -25.69
CA ARG F 18 -12.11 -16.07 -25.16
C ARG F 18 -13.15 -16.22 -24.04
N ALA F 19 -13.11 -15.28 -23.10
CA ALA F 19 -14.02 -15.31 -21.97
C ALA F 19 -15.26 -14.50 -22.33
N ARG F 20 -16.38 -14.82 -21.68
CA ARG F 20 -17.62 -14.12 -21.98
C ARG F 20 -17.94 -12.95 -21.06
N TRP F 21 -17.09 -12.72 -20.05
CA TRP F 21 -17.27 -11.58 -19.16
C TRP F 21 -16.78 -10.36 -19.93
N HIS F 22 -17.51 -9.25 -19.84
CA HIS F 22 -17.13 -8.05 -20.57
C HIS F 22 -16.93 -8.44 -22.04
N ALA F 23 -17.73 -9.42 -22.48
CA ALA F 23 -17.68 -9.95 -23.86
C ALA F 23 -17.48 -8.85 -24.89
N ASP F 24 -18.18 -7.74 -24.71
CA ASP F 24 -18.11 -6.62 -25.61
C ASP F 24 -16.67 -6.18 -25.83
N ILE F 25 -15.90 -6.07 -24.74
CA ILE F 25 -14.51 -5.65 -24.84
C ILE F 25 -13.58 -6.77 -25.28
N VAL F 26 -13.68 -7.93 -24.63
CA VAL F 26 -12.84 -9.06 -24.98
C VAL F 26 -12.93 -9.40 -26.47
N ASP F 27 -14.02 -8.98 -27.12
CA ASP F 27 -14.20 -9.29 -28.52
C ASP F 27 -13.47 -8.36 -29.47
N GLN F 28 -13.15 -7.15 -29.03
CA GLN F 28 -12.42 -6.24 -29.89
C GLN F 28 -11.02 -6.80 -30.08
N CYS F 29 -10.57 -7.54 -29.07
CA CYS F 29 -9.26 -8.19 -29.12
C CYS F 29 -9.36 -9.33 -30.12
N VAL F 30 -10.32 -10.22 -29.90
CA VAL F 30 -10.54 -11.38 -30.76
C VAL F 30 -10.74 -10.93 -32.21
N SER F 31 -11.60 -9.95 -32.41
CA SER F 31 -11.84 -9.47 -33.76
C SER F 31 -10.58 -8.90 -34.39
N ALA F 32 -9.78 -8.18 -33.62
CA ALA F 32 -8.55 -7.60 -34.14
C ALA F 32 -7.50 -8.69 -34.36
N PHE F 33 -7.46 -9.65 -33.44
CA PHE F 33 -6.51 -10.74 -33.55
C PHE F 33 -6.71 -11.50 -34.85
N GLU F 34 -7.96 -11.78 -35.20
CA GLU F 34 -8.26 -12.50 -36.43
C GLU F 34 -7.89 -11.69 -37.67
N ALA F 35 -8.14 -10.39 -37.61
CA ALA F 35 -7.83 -9.52 -38.74
C ALA F 35 -6.31 -9.52 -39.00
N GLU F 36 -5.53 -9.15 -37.98
CA GLU F 36 -4.08 -9.10 -38.09
C GLU F 36 -3.47 -10.45 -38.46
N MET F 37 -4.06 -11.50 -37.92
CA MET F 37 -3.60 -12.86 -38.18
C MET F 37 -3.63 -13.14 -39.68
N ALA F 38 -4.77 -12.82 -40.30
CA ALA F 38 -4.97 -13.02 -41.73
C ALA F 38 -4.18 -11.99 -42.52
N ASP F 39 -3.98 -10.83 -41.89
CA ASP F 39 -3.25 -9.74 -42.50
C ASP F 39 -1.77 -10.08 -42.70
N ILE F 40 -1.20 -10.83 -41.76
CA ILE F 40 0.22 -11.16 -41.84
C ILE F 40 0.53 -12.65 -42.00
N GLY F 41 -0.43 -13.42 -42.50
CA GLY F 41 -0.21 -14.84 -42.67
C GLY F 41 -1.03 -15.46 -43.80
N GLY F 42 -1.86 -14.64 -44.43
CA GLY F 42 -2.69 -15.13 -45.52
C GLY F 42 -3.39 -16.44 -45.24
N ASP F 43 -2.98 -17.49 -45.96
CA ASP F 43 -3.58 -18.81 -45.79
C ASP F 43 -2.69 -19.71 -44.92
N ARG F 44 -1.62 -19.15 -44.37
CA ARG F 44 -0.70 -19.90 -43.53
C ARG F 44 -1.33 -20.30 -42.19
N PHE F 45 -2.32 -19.55 -41.74
CA PHE F 45 -3.01 -19.82 -40.47
C PHE F 45 -4.52 -19.75 -40.57
N ALA F 46 -5.17 -20.39 -39.61
CA ALA F 46 -6.62 -20.42 -39.49
C ALA F 46 -6.92 -20.16 -38.01
N VAL F 47 -8.08 -19.57 -37.71
CA VAL F 47 -8.42 -19.27 -36.33
C VAL F 47 -9.76 -19.86 -35.87
N ASP F 48 -9.70 -20.68 -34.83
CA ASP F 48 -10.91 -21.28 -34.26
C ASP F 48 -11.19 -20.66 -32.90
N VAL F 49 -12.29 -19.91 -32.83
CA VAL F 49 -12.71 -19.24 -31.60
C VAL F 49 -13.63 -20.13 -30.75
N PHE F 50 -13.27 -20.30 -29.48
CA PHE F 50 -14.08 -21.10 -28.56
C PHE F 50 -14.52 -20.22 -27.38
N ASP F 51 -15.77 -20.35 -26.99
CA ASP F 51 -16.30 -19.57 -25.87
C ASP F 51 -16.18 -20.24 -24.53
N VAL F 52 -15.90 -19.43 -23.51
CA VAL F 52 -15.79 -19.93 -22.14
C VAL F 52 -16.44 -18.90 -21.22
N PRO F 53 -17.13 -19.37 -20.16
CA PRO F 53 -17.81 -18.49 -19.20
C PRO F 53 -16.95 -17.35 -18.69
N GLY F 54 -15.89 -17.68 -17.95
CA GLY F 54 -15.01 -16.66 -17.40
C GLY F 54 -13.53 -17.03 -17.50
N ALA F 55 -12.66 -16.07 -17.20
CA ALA F 55 -11.22 -16.26 -17.27
C ALA F 55 -10.71 -17.53 -16.58
N TYR F 56 -11.35 -17.89 -15.47
CA TYR F 56 -10.94 -19.06 -14.69
C TYR F 56 -11.10 -20.37 -15.43
N GLU F 57 -11.92 -20.38 -16.47
CA GLU F 57 -12.18 -21.60 -17.26
C GLU F 57 -11.20 -21.73 -18.44
N ILE F 58 -10.39 -20.70 -18.66
CA ILE F 58 -9.44 -20.67 -19.76
C ILE F 58 -8.33 -21.72 -19.71
N PRO F 59 -7.66 -21.86 -18.56
CA PRO F 59 -6.57 -22.84 -18.43
C PRO F 59 -6.88 -24.29 -18.82
N LEU F 60 -7.99 -24.82 -18.31
CA LEU F 60 -8.37 -26.19 -18.63
C LEU F 60 -8.77 -26.34 -20.09
N HIS F 61 -9.55 -25.39 -20.57
CA HIS F 61 -9.98 -25.42 -21.96
C HIS F 61 -8.75 -25.43 -22.86
N ALA F 62 -7.81 -24.54 -22.56
CA ALA F 62 -6.58 -24.43 -23.33
C ALA F 62 -5.82 -25.76 -23.31
N ARG F 63 -5.64 -26.32 -22.11
CA ARG F 63 -4.93 -27.59 -22.00
C ARG F 63 -5.64 -28.66 -22.79
N THR F 64 -6.97 -28.60 -22.83
CA THR F 64 -7.74 -29.60 -23.55
C THR F 64 -7.59 -29.38 -25.05
N LEU F 65 -7.74 -28.15 -25.52
CA LEU F 65 -7.59 -27.85 -26.93
C LEU F 65 -6.16 -28.19 -27.38
N ALA F 66 -5.18 -27.78 -26.59
CA ALA F 66 -3.79 -28.06 -26.92
C ALA F 66 -3.54 -29.57 -27.08
N GLU F 67 -4.15 -30.38 -26.22
CA GLU F 67 -3.94 -31.82 -26.23
C GLU F 67 -4.55 -32.59 -27.41
N THR F 68 -5.30 -31.90 -28.28
CA THR F 68 -5.88 -32.58 -29.43
C THR F 68 -4.86 -32.59 -30.58
N GLY F 69 -3.75 -31.91 -30.38
CA GLY F 69 -2.72 -31.86 -31.40
C GLY F 69 -3.22 -31.15 -32.64
N ARG F 70 -4.39 -30.53 -32.56
CA ARG F 70 -4.96 -29.81 -33.71
C ARG F 70 -4.41 -28.40 -33.83
N TYR F 71 -3.94 -27.85 -32.71
CA TYR F 71 -3.47 -26.47 -32.73
C TYR F 71 -1.99 -26.21 -32.55
N GLY F 72 -1.52 -25.19 -33.25
CA GLY F 72 -0.12 -24.82 -33.20
C GLY F 72 0.13 -23.92 -32.01
N ALA F 73 -0.94 -23.30 -31.52
CA ALA F 73 -0.87 -22.41 -30.37
C ALA F 73 -2.25 -22.05 -29.87
N VAL F 74 -2.34 -21.61 -28.62
CA VAL F 74 -3.61 -21.21 -28.01
C VAL F 74 -3.48 -19.80 -27.44
N LEU F 75 -4.43 -18.95 -27.79
CA LEU F 75 -4.44 -17.57 -27.29
C LEU F 75 -5.54 -17.47 -26.23
N GLY F 76 -5.14 -17.13 -25.01
CA GLY F 76 -6.11 -16.97 -23.93
C GLY F 76 -6.41 -15.49 -23.81
N THR F 77 -7.69 -15.12 -23.83
CA THR F 77 -8.05 -13.70 -23.71
C THR F 77 -9.25 -13.49 -22.76
N ALA F 78 -9.15 -12.47 -21.92
CA ALA F 78 -10.19 -12.15 -20.94
C ALA F 78 -9.94 -10.79 -20.29
N PHE F 79 -10.98 -10.16 -19.76
CA PHE F 79 -10.84 -8.87 -19.08
C PHE F 79 -11.18 -9.08 -17.61
N VAL F 80 -10.16 -9.29 -16.79
CA VAL F 80 -10.36 -9.53 -15.37
C VAL F 80 -10.13 -8.25 -14.57
N VAL F 81 -11.20 -7.48 -14.40
CA VAL F 81 -11.14 -6.22 -13.68
C VAL F 81 -11.52 -6.39 -12.22
N ASN F 82 -11.39 -5.31 -11.46
CA ASN F 82 -11.75 -5.29 -10.06
C ASN F 82 -13.13 -4.63 -9.99
N GLY F 83 -14.15 -5.44 -9.73
CA GLY F 83 -15.51 -4.93 -9.68
C GLY F 83 -15.79 -4.03 -8.48
N GLY F 84 -14.84 -3.93 -7.56
CA GLY F 84 -15.04 -3.07 -6.42
C GLY F 84 -15.87 -3.71 -5.31
N ILE F 85 -16.06 -5.02 -5.40
CA ILE F 85 -16.81 -5.77 -4.39
C ILE F 85 -15.96 -6.91 -3.85
N TYR F 86 -15.47 -7.76 -4.74
CA TYR F 86 -14.62 -8.87 -4.33
C TYR F 86 -13.20 -8.66 -4.82
N ARG F 87 -12.29 -9.49 -4.37
CA ARG F 87 -10.91 -9.36 -4.80
C ARG F 87 -10.63 -10.16 -6.07
N HIS F 88 -10.07 -9.51 -7.08
CA HIS F 88 -9.79 -10.16 -8.35
C HIS F 88 -8.43 -10.82 -8.54
N GLU F 89 -7.45 -10.46 -7.72
CA GLU F 89 -6.09 -11.00 -7.85
C GLU F 89 -5.92 -12.51 -7.85
N PHE F 90 -6.51 -13.20 -6.89
CA PHE F 90 -6.35 -14.64 -6.84
C PHE F 90 -6.78 -15.31 -8.14
N VAL F 91 -7.79 -14.75 -8.80
CA VAL F 91 -8.26 -15.32 -10.07
C VAL F 91 -7.29 -14.96 -11.19
N ALA F 92 -7.04 -13.67 -11.37
CA ALA F 92 -6.13 -13.22 -12.40
C ALA F 92 -4.84 -14.04 -12.30
N SER F 93 -4.33 -14.17 -11.10
CA SER F 93 -3.08 -14.89 -10.82
C SER F 93 -3.11 -16.39 -11.11
N ALA F 94 -4.17 -17.07 -10.70
CA ALA F 94 -4.25 -18.51 -10.95
C ALA F 94 -4.45 -18.83 -12.43
N VAL F 95 -4.87 -17.82 -13.19
CA VAL F 95 -5.10 -17.98 -14.63
C VAL F 95 -3.84 -17.73 -15.47
N ILE F 96 -3.05 -16.71 -15.12
CA ILE F 96 -1.80 -16.45 -15.85
C ILE F 96 -0.83 -17.59 -15.50
N ASP F 97 -0.90 -18.06 -14.26
CA ASP F 97 -0.06 -19.17 -13.82
C ASP F 97 -0.54 -20.45 -14.50
N GLY F 98 -1.86 -20.56 -14.65
CA GLY F 98 -2.44 -21.71 -15.28
C GLY F 98 -1.99 -21.86 -16.72
N MET F 99 -2.13 -20.80 -17.50
CA MET F 99 -1.72 -20.81 -18.90
C MET F 99 -0.24 -21.14 -19.07
N MET F 100 0.57 -20.80 -18.07
CA MET F 100 2.01 -21.08 -18.11
C MET F 100 2.23 -22.56 -17.78
N ASN F 101 1.39 -23.06 -16.87
CA ASN F 101 1.43 -24.44 -16.42
C ASN F 101 1.05 -25.37 -17.58
N VAL F 102 0.03 -24.96 -18.32
CA VAL F 102 -0.46 -25.73 -19.45
C VAL F 102 0.53 -25.81 -20.60
N GLN F 103 1.07 -24.67 -20.99
CA GLN F 103 2.02 -24.64 -22.10
C GLN F 103 3.28 -25.46 -21.79
N LEU F 104 3.79 -25.34 -20.57
CA LEU F 104 4.99 -26.10 -20.23
C LEU F 104 4.70 -27.60 -20.19
N SER F 105 3.50 -27.98 -19.78
CA SER F 105 3.16 -29.41 -19.71
C SER F 105 2.79 -30.02 -21.06
N THR F 106 2.10 -29.28 -21.91
CA THR F 106 1.72 -29.82 -23.23
C THR F 106 2.83 -29.56 -24.23
N GLY F 107 3.48 -28.40 -24.09
CA GLY F 107 4.57 -28.01 -24.98
C GLY F 107 4.08 -27.08 -26.07
N VAL F 108 2.82 -26.68 -25.99
CA VAL F 108 2.23 -25.80 -26.99
C VAL F 108 2.21 -24.35 -26.53
N PRO F 109 2.64 -23.42 -27.38
CA PRO F 109 2.63 -22.02 -26.97
C PRO F 109 1.24 -21.58 -26.54
N VAL F 110 1.16 -20.78 -25.48
CA VAL F 110 -0.11 -20.26 -24.99
C VAL F 110 0.14 -18.79 -24.68
N LEU F 111 -0.30 -17.91 -25.57
CA LEU F 111 -0.11 -16.49 -25.39
C LEU F 111 -1.20 -15.91 -24.48
N SER F 112 -0.85 -14.85 -23.75
CA SER F 112 -1.81 -14.25 -22.86
C SER F 112 -2.36 -12.91 -23.32
N ALA F 113 -3.68 -12.86 -23.36
CA ALA F 113 -4.42 -11.67 -23.73
C ALA F 113 -5.46 -11.53 -22.62
N VAL F 114 -5.08 -12.04 -21.45
CA VAL F 114 -5.90 -11.97 -20.26
C VAL F 114 -5.37 -10.76 -19.51
N LEU F 115 -5.91 -9.59 -19.83
CA LEU F 115 -5.49 -8.34 -19.22
C LEU F 115 -6.28 -7.89 -18.00
N THR F 116 -5.58 -7.28 -17.06
CA THR F 116 -6.17 -6.76 -15.84
C THR F 116 -5.77 -5.29 -15.75
N PRO F 117 -6.74 -4.38 -15.88
CA PRO F 117 -6.41 -2.95 -15.80
C PRO F 117 -6.16 -2.48 -14.37
N HIS F 118 -5.54 -1.31 -14.23
CA HIS F 118 -5.34 -0.78 -12.89
C HIS F 118 -6.73 -0.38 -12.41
N ASN F 119 -7.51 0.21 -13.31
CA ASN F 119 -8.84 0.67 -12.97
C ASN F 119 -9.91 0.55 -14.06
N TYR F 120 -11.08 0.05 -13.65
CA TYR F 120 -12.23 -0.07 -14.53
C TYR F 120 -13.47 0.02 -13.64
N HIS F 121 -14.23 1.10 -13.76
CA HIS F 121 -15.41 1.29 -12.93
C HIS F 121 -16.74 1.20 -13.66
N ASP F 122 -16.72 0.76 -14.92
CA ASP F 122 -17.95 0.66 -15.71
C ASP F 122 -18.45 2.01 -16.17
N SER F 123 -17.60 3.03 -16.07
CA SER F 123 -18.02 4.34 -16.53
C SER F 123 -18.03 4.25 -18.06
N ALA F 124 -18.85 5.07 -18.70
CA ALA F 124 -18.90 5.07 -20.15
C ALA F 124 -17.46 5.25 -20.66
N GLU F 125 -16.77 6.24 -20.09
CA GLU F 125 -15.39 6.56 -20.46
C GLU F 125 -14.47 5.35 -20.34
N HIS F 126 -14.55 4.63 -19.23
CA HIS F 126 -13.71 3.46 -18.99
C HIS F 126 -13.95 2.37 -20.03
N HIS F 127 -15.22 2.17 -20.37
CA HIS F 127 -15.60 1.16 -21.33
C HIS F 127 -15.08 1.54 -22.72
N ARG F 128 -15.34 2.78 -23.12
CA ARG F 128 -14.88 3.26 -24.41
C ARG F 128 -13.38 3.08 -24.58
N PHE F 129 -12.61 3.49 -23.57
CA PHE F 129 -11.14 3.38 -23.63
C PHE F 129 -10.68 1.97 -23.92
N PHE F 130 -11.15 1.01 -23.11
CA PHE F 130 -10.76 -0.38 -23.29
C PHE F 130 -11.39 -1.05 -24.49
N PHE F 131 -12.56 -0.58 -24.91
CA PHE F 131 -13.21 -1.16 -26.08
C PHE F 131 -12.22 -0.91 -27.23
N GLU F 132 -11.62 0.27 -27.22
CA GLU F 132 -10.67 0.69 -28.24
C GLU F 132 -9.29 0.03 -28.07
N HIS F 133 -8.77 0.08 -26.85
CA HIS F 133 -7.44 -0.44 -26.60
C HIS F 133 -7.28 -1.95 -26.77
N PHE F 134 -8.33 -2.73 -26.55
CA PHE F 134 -8.20 -4.18 -26.71
C PHE F 134 -7.92 -4.53 -28.17
N THR F 135 -8.21 -3.59 -29.07
CA THR F 135 -7.96 -3.77 -30.49
C THR F 135 -6.44 -3.73 -30.65
N VAL F 136 -5.80 -2.79 -29.95
CA VAL F 136 -4.36 -2.65 -30.00
C VAL F 136 -3.73 -3.96 -29.52
N LYS F 137 -4.23 -4.48 -28.40
CA LYS F 137 -3.71 -5.72 -27.85
C LYS F 137 -3.92 -6.88 -28.81
N GLY F 138 -5.13 -6.98 -29.36
CA GLY F 138 -5.43 -8.03 -30.31
C GLY F 138 -4.40 -8.09 -31.44
N LYS F 139 -4.07 -6.93 -32.00
CA LYS F 139 -3.08 -6.84 -33.07
C LYS F 139 -1.73 -7.32 -32.58
N GLU F 140 -1.39 -6.92 -31.36
CA GLU F 140 -0.12 -7.33 -30.76
C GLU F 140 -0.09 -8.84 -30.57
N ALA F 141 -1.23 -9.42 -30.24
CA ALA F 141 -1.30 -10.86 -30.01
C ALA F 141 -1.06 -11.64 -31.30
N ALA F 142 -1.44 -11.06 -32.44
CA ALA F 142 -1.24 -11.73 -33.72
C ALA F 142 0.27 -11.79 -34.03
N ARG F 143 0.94 -10.65 -33.95
CA ARG F 143 2.37 -10.64 -34.19
C ARG F 143 3.07 -11.62 -33.26
N ALA F 144 2.72 -11.57 -31.98
CA ALA F 144 3.32 -12.46 -31.01
C ALA F 144 3.13 -13.91 -31.44
N CYS F 145 1.88 -14.28 -31.71
CA CYS F 145 1.56 -15.63 -32.13
C CYS F 145 2.35 -16.06 -33.38
N VAL F 146 2.36 -15.20 -34.40
CA VAL F 146 3.10 -15.53 -35.64
C VAL F 146 4.58 -15.70 -35.37
N GLU F 147 5.15 -14.73 -34.67
CA GLU F 147 6.57 -14.73 -34.35
C GLU F 147 7.02 -15.89 -33.45
N ILE F 148 6.33 -16.14 -32.35
CA ILE F 148 6.75 -17.22 -31.48
C ILE F 148 6.89 -18.53 -32.25
N LEU F 149 5.87 -18.84 -33.05
CA LEU F 149 5.88 -20.06 -33.86
C LEU F 149 7.03 -20.07 -34.86
N ALA F 150 7.33 -18.91 -35.44
CA ALA F 150 8.44 -18.81 -36.39
C ALA F 150 9.73 -19.06 -35.61
N ALA F 151 9.77 -18.55 -34.38
CA ALA F 151 10.93 -18.69 -33.53
C ALA F 151 11.24 -20.12 -33.14
N ARG F 152 10.22 -20.93 -32.89
CA ARG F 152 10.46 -22.32 -32.49
C ARG F 152 11.03 -23.12 -33.63
N GLU F 153 10.64 -22.76 -34.86
CA GLU F 153 11.13 -23.45 -36.05
C GLU F 153 12.65 -23.34 -36.17
N LYS F 154 13.19 -22.20 -35.74
CA LYS F 154 14.64 -21.96 -35.79
C LYS F 154 15.38 -22.86 -34.83
N ILE F 155 14.67 -23.41 -33.85
CA ILE F 155 15.29 -24.30 -32.87
C ILE F 155 15.43 -25.69 -33.45
N ALA F 156 16.66 -26.10 -33.71
CA ALA F 156 16.90 -27.43 -34.25
C ALA F 156 16.65 -28.41 -33.11
N ALA F 157 15.37 -28.58 -32.79
CA ALA F 157 14.97 -29.49 -31.72
C ALA F 157 15.50 -30.90 -32.01
N GLU G 10 36.54 -28.52 -25.40
CA GLU G 10 35.11 -28.91 -25.61
C GLU G 10 34.15 -27.74 -25.34
N THR G 11 33.65 -27.13 -26.40
CA THR G 11 32.74 -25.97 -26.31
C THR G 11 31.42 -26.12 -25.55
N VAL G 12 31.10 -25.14 -24.72
CA VAL G 12 29.87 -25.11 -23.95
C VAL G 12 28.99 -23.96 -24.46
N ARG G 13 27.79 -24.29 -24.91
CA ARG G 13 26.88 -23.29 -25.44
C ARG G 13 25.92 -22.71 -24.42
N ILE G 14 25.55 -21.46 -24.62
CA ILE G 14 24.61 -20.79 -23.75
C ILE G 14 23.52 -20.22 -24.64
N ALA G 15 22.26 -20.43 -24.27
CA ALA G 15 21.17 -19.89 -25.07
C ALA G 15 20.66 -18.64 -24.39
N VAL G 16 20.39 -17.61 -25.18
CA VAL G 16 19.88 -16.38 -24.62
C VAL G 16 18.50 -16.11 -25.19
N VAL G 17 17.49 -16.21 -24.33
CA VAL G 17 16.13 -15.94 -24.76
C VAL G 17 15.78 -14.51 -24.43
N ARG G 18 15.79 -13.65 -25.44
CA ARG G 18 15.48 -12.23 -25.24
C ARG G 18 14.12 -11.82 -25.79
N ALA G 19 13.35 -11.10 -24.98
CA ALA G 19 12.04 -10.63 -25.40
C ALA G 19 12.23 -9.41 -26.28
N ARG G 20 11.27 -9.13 -27.14
CA ARG G 20 11.38 -7.99 -28.05
C ARG G 20 10.69 -6.70 -27.61
N TRP G 21 10.22 -6.66 -26.36
CA TRP G 21 9.58 -5.45 -25.81
C TRP G 21 10.71 -4.58 -25.24
N HIS G 22 10.71 -3.29 -25.59
CA HIS G 22 11.77 -2.40 -25.12
C HIS G 22 13.09 -3.01 -25.58
N ALA G 23 13.09 -3.55 -26.81
CA ALA G 23 14.25 -4.20 -27.43
C ALA G 23 15.51 -3.38 -27.25
N ASP G 24 15.34 -2.07 -27.34
CA ASP G 24 16.41 -1.11 -27.18
C ASP G 24 17.19 -1.41 -25.88
N ILE G 25 16.47 -1.36 -24.77
CA ILE G 25 17.05 -1.62 -23.46
C ILE G 25 17.50 -3.07 -23.27
N VAL G 26 16.71 -4.02 -23.76
CA VAL G 26 17.05 -5.43 -23.59
C VAL G 26 18.34 -5.83 -24.29
N ASP G 27 18.51 -5.36 -25.52
CA ASP G 27 19.69 -5.71 -26.30
C ASP G 27 20.98 -5.25 -25.63
N GLN G 28 20.92 -4.15 -24.89
CA GLN G 28 22.11 -3.66 -24.18
C GLN G 28 22.55 -4.67 -23.14
N CYS G 29 21.60 -5.46 -22.65
CA CYS G 29 21.92 -6.50 -21.67
C CYS G 29 22.56 -7.66 -22.44
N VAL G 30 21.99 -7.97 -23.60
CA VAL G 30 22.46 -9.05 -24.45
C VAL G 30 23.89 -8.85 -25.00
N SER G 31 24.17 -7.68 -25.55
CA SER G 31 25.52 -7.45 -26.07
C SER G 31 26.53 -7.20 -24.96
N ALA G 32 26.05 -6.93 -23.75
CA ALA G 32 26.94 -6.73 -22.61
C ALA G 32 27.22 -8.11 -22.04
N PHE G 33 26.33 -9.05 -22.36
CA PHE G 33 26.45 -10.43 -21.90
C PHE G 33 27.48 -11.17 -22.77
N GLU G 34 27.32 -11.06 -24.09
CA GLU G 34 28.24 -11.71 -25.03
C GLU G 34 29.67 -11.17 -24.88
N ALA G 35 29.80 -9.84 -24.84
CA ALA G 35 31.10 -9.20 -24.67
C ALA G 35 31.79 -9.65 -23.39
N GLU G 36 31.05 -9.64 -22.28
CA GLU G 36 31.59 -10.06 -20.99
C GLU G 36 31.91 -11.53 -21.03
N MET G 37 31.02 -12.28 -21.65
CA MET G 37 31.13 -13.73 -21.75
C MET G 37 32.40 -14.09 -22.52
N ALA G 38 32.63 -13.40 -23.63
CA ALA G 38 33.80 -13.63 -24.45
C ALA G 38 35.03 -13.23 -23.63
N ASP G 39 34.98 -12.04 -23.06
CA ASP G 39 36.07 -11.47 -22.27
C ASP G 39 36.53 -12.32 -21.07
N ILE G 40 35.61 -12.87 -20.29
CA ILE G 40 36.00 -13.67 -19.13
C ILE G 40 36.20 -15.14 -19.46
N GLY G 41 35.59 -15.61 -20.54
CA GLY G 41 35.74 -17.01 -20.90
C GLY G 41 36.04 -17.13 -22.38
N GLY G 42 35.17 -16.51 -23.17
CA GLY G 42 35.32 -16.54 -24.61
C GLY G 42 35.60 -17.91 -25.17
N ASP G 43 36.87 -18.20 -25.45
CA ASP G 43 37.26 -19.47 -26.03
C ASP G 43 36.40 -20.67 -25.61
N ARG G 44 36.21 -20.86 -24.31
CA ARG G 44 35.44 -22.00 -23.78
C ARG G 44 33.92 -21.98 -23.93
N PHE G 45 33.34 -20.84 -24.31
CA PHE G 45 31.88 -20.75 -24.47
C PHE G 45 31.46 -20.19 -25.82
N ALA G 46 30.21 -20.48 -26.18
CA ALA G 46 29.61 -19.99 -27.42
C ALA G 46 28.20 -19.55 -27.07
N VAL G 47 27.79 -18.38 -27.57
CA VAL G 47 26.47 -17.87 -27.26
C VAL G 47 25.52 -17.74 -28.44
N ASP G 48 24.40 -18.47 -28.40
CA ASP G 48 23.38 -18.41 -29.44
C ASP G 48 22.23 -17.57 -28.88
N VAL G 49 21.64 -16.72 -29.72
CA VAL G 49 20.57 -15.84 -29.27
C VAL G 49 19.27 -16.06 -30.04
N PHE G 50 18.18 -16.22 -29.31
CA PHE G 50 16.87 -16.44 -29.93
C PHE G 50 15.88 -15.36 -29.55
N ASP G 51 15.05 -14.97 -30.50
CA ASP G 51 14.05 -13.93 -30.29
C ASP G 51 12.67 -14.45 -29.89
N VAL G 52 12.05 -13.75 -28.95
CA VAL G 52 10.73 -14.12 -28.46
C VAL G 52 9.90 -12.83 -28.38
N PRO G 53 8.62 -12.89 -28.76
CA PRO G 53 7.76 -11.70 -28.72
C PRO G 53 7.86 -10.90 -27.43
N GLY G 54 7.60 -11.56 -26.30
CA GLY G 54 7.67 -10.89 -25.01
C GLY G 54 8.14 -11.84 -23.92
N ALA G 55 8.22 -11.33 -22.69
CA ALA G 55 8.67 -12.12 -21.56
C ALA G 55 7.84 -13.36 -21.29
N TYR G 56 6.52 -13.27 -21.51
CA TYR G 56 5.65 -14.42 -21.25
C TYR G 56 6.02 -15.64 -22.06
N GLU G 57 6.59 -15.41 -23.24
CA GLU G 57 7.00 -16.50 -24.13
C GLU G 57 8.38 -17.11 -23.82
N ILE G 58 9.04 -16.61 -22.79
CA ILE G 58 10.37 -17.10 -22.43
C ILE G 58 10.43 -18.51 -21.84
N PRO G 59 9.72 -18.75 -20.71
CA PRO G 59 9.75 -20.08 -20.10
C PRO G 59 9.70 -21.27 -21.06
N LEU G 60 8.69 -21.30 -21.92
CA LEU G 60 8.53 -22.39 -22.87
C LEU G 60 9.75 -22.50 -23.81
N HIS G 61 10.18 -21.36 -24.36
CA HIS G 61 11.33 -21.33 -25.25
C HIS G 61 12.56 -21.85 -24.50
N ALA G 62 12.74 -21.39 -23.26
CA ALA G 62 13.87 -21.81 -22.46
C ALA G 62 13.85 -23.32 -22.29
N ARG G 63 12.66 -23.86 -22.05
CA ARG G 63 12.50 -25.29 -21.87
C ARG G 63 12.84 -26.05 -23.15
N THR G 64 12.38 -25.55 -24.29
CA THR G 64 12.65 -26.22 -25.56
C THR G 64 14.13 -26.20 -25.89
N LEU G 65 14.77 -25.04 -25.75
CA LEU G 65 16.21 -24.93 -26.02
C LEU G 65 16.93 -25.83 -25.03
N ALA G 66 16.43 -25.86 -23.80
CA ALA G 66 17.02 -26.67 -22.76
C ALA G 66 16.96 -28.16 -23.10
N GLU G 67 15.80 -28.63 -23.55
CA GLU G 67 15.62 -30.04 -23.86
C GLU G 67 16.32 -30.59 -25.11
N THR G 68 17.00 -29.72 -25.87
CA THR G 68 17.71 -30.19 -27.04
C THR G 68 19.03 -30.82 -26.59
N GLY G 69 19.42 -30.52 -25.35
CA GLY G 69 20.65 -31.05 -24.82
C GLY G 69 21.88 -30.31 -25.33
N ARG G 70 21.70 -29.43 -26.31
CA ARG G 70 22.81 -28.68 -26.88
C ARG G 70 23.32 -27.53 -26.02
N TYR G 71 22.64 -27.20 -24.94
CA TYR G 71 23.09 -26.08 -24.13
C TYR G 71 23.40 -26.34 -22.66
N GLY G 72 24.44 -25.67 -22.16
CA GLY G 72 24.85 -25.83 -20.79
C GLY G 72 24.05 -24.93 -19.86
N ALA G 73 23.41 -23.92 -20.44
CA ALA G 73 22.60 -22.99 -19.67
C ALA G 73 21.90 -22.00 -20.59
N VAL G 74 20.83 -21.40 -20.07
CA VAL G 74 20.05 -20.43 -20.80
C VAL G 74 19.97 -19.15 -19.97
N LEU G 75 19.88 -18.01 -20.65
CA LEU G 75 19.74 -16.72 -19.99
C LEU G 75 18.38 -16.18 -20.39
N GLY G 76 17.53 -15.89 -19.43
CA GLY G 76 16.24 -15.33 -19.76
C GLY G 76 16.40 -13.86 -19.51
N THR G 77 16.02 -13.01 -20.46
CA THR G 77 16.15 -11.58 -20.26
C THR G 77 15.06 -10.77 -20.93
N ALA G 78 14.44 -9.88 -20.15
CA ALA G 78 13.37 -9.00 -20.62
C ALA G 78 13.20 -7.80 -19.71
N PHE G 79 12.37 -6.86 -20.14
CA PHE G 79 12.09 -5.68 -19.37
C PHE G 79 10.56 -5.66 -19.21
N VAL G 80 10.10 -6.12 -18.05
CA VAL G 80 8.66 -6.20 -17.72
C VAL G 80 8.29 -5.04 -16.81
N VAL G 81 7.68 -4.01 -17.40
CA VAL G 81 7.29 -2.82 -16.67
C VAL G 81 5.77 -2.62 -16.54
N ASN G 82 5.40 -1.58 -15.79
CA ASN G 82 4.02 -1.19 -15.58
C ASN G 82 3.83 0.00 -16.48
N GLY G 83 3.09 -0.18 -17.57
CA GLY G 83 2.85 0.91 -18.50
C GLY G 83 1.69 1.82 -18.14
N GLY G 84 1.26 1.76 -16.88
CA GLY G 84 0.16 2.60 -16.42
C GLY G 84 -1.25 2.29 -16.89
N ILE G 85 -1.46 1.14 -17.55
CA ILE G 85 -2.79 0.77 -18.01
C ILE G 85 -3.18 -0.58 -17.43
N TYR G 86 -2.38 -1.59 -17.73
CA TYR G 86 -2.65 -2.93 -17.23
C TYR G 86 -1.64 -3.22 -16.13
N ARG G 87 -1.91 -4.26 -15.34
CA ARG G 87 -1.00 -4.63 -14.28
C ARG G 87 0.00 -5.62 -14.85
N HIS G 88 1.25 -5.50 -14.44
CA HIS G 88 2.31 -6.34 -14.94
C HIS G 88 2.74 -7.42 -13.98
N GLU G 89 2.42 -7.24 -12.71
CA GLU G 89 2.85 -8.20 -11.70
C GLU G 89 2.52 -9.66 -11.96
N PHE G 90 1.38 -9.94 -12.58
CA PHE G 90 0.98 -11.33 -12.83
C PHE G 90 1.88 -12.01 -13.87
N VAL G 91 2.23 -11.28 -14.93
CA VAL G 91 3.11 -11.84 -15.96
C VAL G 91 4.54 -12.00 -15.43
N ALA G 92 5.11 -10.90 -14.94
CA ALA G 92 6.47 -10.93 -14.40
C ALA G 92 6.59 -12.09 -13.43
N SER G 93 5.56 -12.27 -12.62
CA SER G 93 5.56 -13.35 -11.64
C SER G 93 5.61 -14.74 -12.28
N ALA G 94 4.85 -14.91 -13.37
CA ALA G 94 4.79 -16.20 -14.07
C ALA G 94 6.09 -16.49 -14.80
N VAL G 95 6.75 -15.45 -15.29
CA VAL G 95 8.00 -15.64 -16.00
C VAL G 95 9.12 -16.07 -15.04
N ILE G 96 9.14 -15.46 -13.85
CA ILE G 96 10.16 -15.82 -12.87
C ILE G 96 9.90 -17.21 -12.29
N ASP G 97 8.65 -17.53 -11.95
CA ASP G 97 8.40 -18.87 -11.42
C ASP G 97 8.55 -19.85 -12.57
N GLY G 98 8.21 -19.40 -13.77
CA GLY G 98 8.32 -20.23 -14.95
C GLY G 98 9.76 -20.69 -15.17
N MET G 99 10.69 -19.75 -15.17
CA MET G 99 12.09 -20.11 -15.40
C MET G 99 12.62 -20.99 -14.30
N MET G 100 12.07 -20.87 -13.10
CA MET G 100 12.51 -21.70 -11.98
C MET G 100 11.93 -23.09 -12.19
N ASN G 101 10.72 -23.11 -12.74
CA ASN G 101 10.00 -24.35 -13.03
C ASN G 101 10.72 -25.10 -14.14
N VAL G 102 11.17 -24.36 -15.16
CA VAL G 102 11.87 -24.94 -16.29
C VAL G 102 13.22 -25.53 -15.90
N GLN G 103 14.01 -24.76 -15.17
CA GLN G 103 15.33 -25.22 -14.75
C GLN G 103 15.32 -26.36 -13.76
N LEU G 104 14.26 -26.47 -12.97
CA LEU G 104 14.19 -27.54 -11.99
C LEU G 104 13.88 -28.89 -12.60
N SER G 105 13.04 -28.92 -13.63
CA SER G 105 12.69 -30.19 -14.26
C SER G 105 13.66 -30.61 -15.38
N THR G 106 14.43 -29.66 -15.92
CA THR G 106 15.38 -29.98 -16.99
C THR G 106 16.76 -30.23 -16.43
N GLY G 107 17.06 -29.58 -15.32
CA GLY G 107 18.36 -29.73 -14.70
C GLY G 107 19.31 -28.72 -15.32
N VAL G 108 18.83 -28.04 -16.36
CA VAL G 108 19.64 -27.04 -17.06
C VAL G 108 19.48 -25.69 -16.39
N PRO G 109 20.60 -25.06 -16.04
CA PRO G 109 20.57 -23.74 -15.38
C PRO G 109 19.94 -22.65 -16.24
N VAL G 110 19.08 -21.86 -15.63
CA VAL G 110 18.43 -20.77 -16.33
C VAL G 110 18.66 -19.51 -15.52
N LEU G 111 19.54 -18.64 -16.00
CA LEU G 111 19.82 -17.41 -15.29
C LEU G 111 18.78 -16.37 -15.69
N SER G 112 18.41 -15.54 -14.72
CA SER G 112 17.39 -14.53 -14.96
C SER G 112 17.86 -13.10 -15.05
N ALA G 113 17.53 -12.49 -16.18
CA ALA G 113 17.84 -11.09 -16.43
C ALA G 113 16.50 -10.48 -16.81
N VAL G 114 15.44 -11.05 -16.24
CA VAL G 114 14.08 -10.57 -16.46
C VAL G 114 13.84 -9.53 -15.37
N LEU G 115 13.89 -8.27 -15.74
CA LEU G 115 13.77 -7.20 -14.77
C LEU G 115 12.53 -6.34 -14.82
N THR G 116 12.06 -5.97 -13.64
CA THR G 116 10.91 -5.11 -13.48
C THR G 116 11.29 -3.92 -12.60
N PRO G 117 11.23 -2.71 -13.16
CA PRO G 117 11.57 -1.51 -12.39
C PRO G 117 10.43 -0.98 -11.50
N HIS G 118 10.78 -0.43 -10.33
CA HIS G 118 9.79 0.14 -9.42
C HIS G 118 8.99 1.15 -10.23
N ASN G 119 9.69 1.90 -11.08
CA ASN G 119 9.06 2.90 -11.93
C ASN G 119 9.75 3.07 -13.28
N TYR G 120 8.94 3.11 -14.33
CA TYR G 120 9.43 3.32 -15.69
C TYR G 120 8.29 3.89 -16.50
N HIS G 121 8.38 5.17 -16.84
CA HIS G 121 7.34 5.81 -17.63
C HIS G 121 7.77 6.09 -19.07
N ASP G 122 8.76 5.34 -19.53
CA ASP G 122 9.28 5.48 -20.89
C ASP G 122 9.55 6.95 -21.24
N SER G 123 10.28 7.62 -20.36
CA SER G 123 10.66 9.02 -20.57
C SER G 123 12.15 9.05 -20.89
N ALA G 124 12.60 10.09 -21.57
CA ALA G 124 14.01 10.23 -21.93
C ALA G 124 14.94 9.85 -20.78
N GLU G 125 14.79 10.52 -19.64
CA GLU G 125 15.63 10.25 -18.49
C GLU G 125 15.53 8.81 -18.03
N HIS G 126 14.31 8.29 -17.99
CA HIS G 126 14.05 6.91 -17.57
C HIS G 126 14.65 5.93 -18.57
N HIS G 127 14.27 6.12 -19.83
CA HIS G 127 14.77 5.27 -20.89
C HIS G 127 16.29 5.31 -20.85
N ARG G 128 16.84 6.53 -20.78
CA ARG G 128 18.28 6.69 -20.74
C ARG G 128 18.87 5.92 -19.58
N PHE G 129 18.21 5.96 -18.44
CA PHE G 129 18.73 5.27 -17.28
C PHE G 129 18.83 3.76 -17.45
N PHE G 130 17.75 3.13 -17.90
CA PHE G 130 17.80 1.68 -18.02
C PHE G 130 18.58 1.18 -19.23
N PHE G 131 18.68 2.00 -20.26
CA PHE G 131 19.45 1.64 -21.44
C PHE G 131 20.90 1.43 -20.99
N GLU G 132 21.35 2.29 -20.09
CA GLU G 132 22.70 2.23 -19.59
C GLU G 132 22.83 1.08 -18.60
N HIS G 133 21.89 1.02 -17.65
CA HIS G 133 21.97 0.01 -16.60
C HIS G 133 21.87 -1.43 -17.05
N PHE G 134 21.19 -1.68 -18.17
CA PHE G 134 21.08 -3.05 -18.62
C PHE G 134 22.43 -3.63 -19.04
N THR G 135 23.34 -2.80 -19.55
CA THR G 135 24.63 -3.34 -19.92
C THR G 135 25.31 -3.82 -18.64
N VAL G 136 25.07 -3.10 -17.54
CA VAL G 136 25.63 -3.49 -16.25
C VAL G 136 25.09 -4.83 -15.80
N LYS G 137 23.78 -5.02 -15.93
CA LYS G 137 23.17 -6.29 -15.55
C LYS G 137 23.67 -7.36 -16.52
N GLY G 138 23.77 -7.01 -17.80
CA GLY G 138 24.26 -7.95 -18.79
C GLY G 138 25.63 -8.50 -18.43
N LYS G 139 26.50 -7.63 -17.92
CA LYS G 139 27.83 -8.05 -17.51
C LYS G 139 27.72 -8.92 -16.24
N GLU G 140 26.75 -8.63 -15.38
CA GLU G 140 26.53 -9.41 -14.15
C GLU G 140 26.06 -10.81 -14.52
N ALA G 141 25.23 -10.89 -15.56
CA ALA G 141 24.71 -12.16 -16.01
C ALA G 141 25.84 -13.06 -16.54
N ALA G 142 26.77 -12.48 -17.30
CA ALA G 142 27.89 -13.26 -17.83
C ALA G 142 28.68 -13.93 -16.70
N ARG G 143 29.05 -13.16 -15.68
CA ARG G 143 29.82 -13.72 -14.56
C ARG G 143 29.03 -14.79 -13.83
N ALA G 144 27.73 -14.51 -13.64
CA ALA G 144 26.84 -15.44 -12.96
C ALA G 144 26.82 -16.75 -13.73
N CYS G 145 26.65 -16.65 -15.04
CA CYS G 145 26.60 -17.82 -15.89
C CYS G 145 27.86 -18.66 -15.79
N VAL G 146 29.02 -18.03 -15.96
CA VAL G 146 30.29 -18.75 -15.89
C VAL G 146 30.44 -19.42 -14.52
N GLU G 147 30.17 -18.64 -13.47
CA GLU G 147 30.28 -19.13 -12.11
C GLU G 147 29.39 -20.34 -11.77
N ILE G 148 28.09 -20.27 -12.08
CA ILE G 148 27.22 -21.41 -11.76
C ILE G 148 27.66 -22.65 -12.53
N LEU G 149 28.11 -22.46 -13.77
CA LEU G 149 28.59 -23.59 -14.56
C LEU G 149 29.87 -24.14 -13.94
N ALA G 150 30.75 -23.26 -13.50
CA ALA G 150 31.99 -23.70 -12.87
C ALA G 150 31.71 -24.27 -11.48
N ALA G 151 30.64 -23.77 -10.86
CA ALA G 151 30.26 -24.22 -9.52
C ALA G 151 29.70 -25.63 -9.59
N ARG G 152 28.89 -25.89 -10.60
CA ARG G 152 28.31 -27.22 -10.77
C ARG G 152 29.41 -28.22 -11.05
N GLU G 153 30.43 -27.75 -11.76
CA GLU G 153 31.60 -28.56 -12.12
C GLU G 153 32.23 -29.12 -10.85
N LYS G 154 32.03 -28.44 -9.72
CA LYS G 154 32.60 -28.87 -8.45
C LYS G 154 31.78 -29.89 -7.67
N ILE G 155 30.50 -30.03 -8.00
CA ILE G 155 29.67 -30.99 -7.30
C ILE G 155 30.04 -32.40 -7.73
N ALA G 156 30.35 -33.24 -6.75
CA ALA G 156 30.73 -34.62 -7.02
C ALA G 156 29.48 -35.45 -7.38
N ALA G 157 28.71 -34.97 -8.35
CA ALA G 157 27.51 -35.67 -8.78
C ALA G 157 27.81 -37.15 -8.93
N GLU H 10 25.76 -40.50 14.64
CA GLU H 10 26.15 -41.00 13.28
C GLU H 10 26.47 -39.83 12.33
N THR H 11 27.54 -39.98 11.55
CA THR H 11 27.98 -38.93 10.62
C THR H 11 26.89 -38.44 9.70
N VAL H 12 26.82 -37.13 9.53
CA VAL H 12 25.81 -36.52 8.66
C VAL H 12 26.44 -35.35 7.92
N ARG H 13 26.21 -35.29 6.62
CA ARG H 13 26.76 -34.18 5.86
C ARG H 13 25.69 -33.15 5.57
N ILE H 14 26.06 -31.89 5.77
CA ILE H 14 25.16 -30.78 5.51
C ILE H 14 25.86 -29.92 4.46
N ALA H 15 25.13 -29.59 3.39
CA ALA H 15 25.69 -28.75 2.36
C ALA H 15 25.07 -27.38 2.52
N VAL H 16 25.89 -26.34 2.39
CA VAL H 16 25.41 -24.98 2.48
C VAL H 16 25.54 -24.37 1.11
N VAL H 17 24.44 -23.78 0.62
CA VAL H 17 24.44 -23.14 -0.68
C VAL H 17 24.30 -21.65 -0.39
N ARG H 18 25.44 -20.94 -0.43
CA ARG H 18 25.40 -19.52 -0.15
C ARG H 18 25.60 -18.65 -1.39
N ALA H 19 24.76 -17.63 -1.54
CA ALA H 19 24.86 -16.71 -2.66
C ALA H 19 26.06 -15.81 -2.38
N ARG H 20 26.48 -15.04 -3.39
CA ARG H 20 27.63 -14.17 -3.24
C ARG H 20 27.24 -12.69 -3.25
N TRP H 21 25.97 -12.39 -3.50
CA TRP H 21 25.55 -11.00 -3.42
C TRP H 21 25.60 -10.72 -1.93
N HIS H 22 26.19 -9.60 -1.54
CA HIS H 22 26.32 -9.25 -0.13
C HIS H 22 27.06 -10.37 0.59
N ALA H 23 27.99 -11.02 -0.11
CA ALA H 23 28.78 -12.11 0.45
C ALA H 23 29.12 -11.78 1.90
N ASP H 24 29.63 -10.55 2.05
CA ASP H 24 30.01 -9.95 3.32
C ASP H 24 29.05 -10.39 4.43
N ILE H 25 27.81 -9.92 4.32
CA ILE H 25 26.77 -10.23 5.27
C ILE H 25 26.40 -11.70 5.26
N VAL H 26 26.25 -12.28 4.08
CA VAL H 26 25.89 -13.69 4.00
C VAL H 26 26.86 -14.59 4.78
N ASP H 27 28.15 -14.41 4.54
CA ASP H 27 29.19 -15.20 5.22
C ASP H 27 29.10 -15.13 6.74
N GLN H 28 28.58 -14.04 7.28
CA GLN H 28 28.46 -13.95 8.74
C GLN H 28 27.52 -15.05 9.22
N CYS H 29 26.50 -15.32 8.41
CA CYS H 29 25.54 -16.36 8.73
C CYS H 29 26.16 -17.73 8.53
N VAL H 30 26.83 -17.92 7.39
CA VAL H 30 27.46 -19.21 7.11
C VAL H 30 28.45 -19.62 8.20
N SER H 31 29.28 -18.69 8.67
CA SER H 31 30.24 -19.04 9.71
C SER H 31 29.54 -19.24 11.05
N ALA H 32 28.58 -18.38 11.38
CA ALA H 32 27.84 -18.54 12.63
C ALA H 32 27.16 -19.90 12.57
N PHE H 33 26.74 -20.28 11.35
CA PHE H 33 26.08 -21.56 11.14
C PHE H 33 27.02 -22.72 11.47
N GLU H 34 28.23 -22.70 10.92
CA GLU H 34 29.20 -23.76 11.15
C GLU H 34 29.64 -23.88 12.62
N ALA H 35 29.84 -22.74 13.26
CA ALA H 35 30.24 -22.71 14.67
C ALA H 35 29.16 -23.36 15.54
N GLU H 36 27.93 -22.84 15.44
CA GLU H 36 26.78 -23.38 16.20
C GLU H 36 26.68 -24.87 15.94
N MET H 37 26.72 -25.22 14.65
CA MET H 37 26.66 -26.58 14.18
C MET H 37 27.70 -27.41 14.93
N ALA H 38 28.88 -26.84 15.12
CA ALA H 38 29.95 -27.54 15.82
C ALA H 38 29.60 -27.79 17.30
N ASP H 39 29.15 -26.73 17.99
CA ASP H 39 28.80 -26.80 19.41
C ASP H 39 27.68 -27.79 19.74
N ILE H 40 26.50 -27.53 19.20
CA ILE H 40 25.34 -28.36 19.44
C ILE H 40 25.30 -29.63 18.58
N GLY H 41 26.37 -29.89 17.84
CA GLY H 41 26.38 -31.05 16.96
C GLY H 41 26.91 -32.39 17.45
N GLY H 42 27.79 -32.36 18.44
CA GLY H 42 28.33 -33.62 18.94
C GLY H 42 29.30 -34.19 17.93
N ASP H 43 29.90 -33.33 17.12
CA ASP H 43 30.84 -33.74 16.09
C ASP H 43 30.24 -34.67 15.04
N ARG H 44 28.91 -34.77 15.02
CA ARG H 44 28.22 -35.63 14.07
C ARG H 44 28.15 -35.08 12.65
N PHE H 45 28.28 -33.75 12.51
CA PHE H 45 28.14 -33.11 11.22
C PHE H 45 29.40 -32.58 10.54
N ALA H 46 29.44 -32.75 9.23
CA ALA H 46 30.53 -32.26 8.40
C ALA H 46 29.82 -31.25 7.52
N VAL H 47 30.43 -30.11 7.26
CA VAL H 47 29.75 -29.13 6.42
C VAL H 47 30.55 -28.71 5.17
N ASP H 48 29.91 -28.83 4.01
CA ASP H 48 30.52 -28.43 2.75
C ASP H 48 29.77 -27.19 2.32
N VAL H 49 30.51 -26.17 1.91
CA VAL H 49 29.94 -24.91 1.48
C VAL H 49 30.11 -24.79 -0.03
N PHE H 50 29.10 -24.28 -0.72
CA PHE H 50 29.16 -24.11 -2.17
C PHE H 50 28.74 -22.70 -2.56
N ASP H 51 29.52 -22.08 -3.43
CA ASP H 51 29.29 -20.72 -3.87
C ASP H 51 28.39 -20.69 -5.08
N VAL H 52 27.44 -19.78 -5.03
CA VAL H 52 26.47 -19.60 -6.09
C VAL H 52 26.34 -18.09 -6.31
N PRO H 53 26.26 -17.66 -7.57
CA PRO H 53 26.15 -16.22 -7.85
C PRO H 53 25.11 -15.45 -7.04
N GLY H 54 23.83 -15.77 -7.26
CA GLY H 54 22.76 -15.08 -6.55
C GLY H 54 21.77 -16.04 -5.90
N ALA H 55 20.74 -15.50 -5.26
CA ALA H 55 19.73 -16.34 -4.58
C ALA H 55 18.97 -17.20 -5.58
N TYR H 56 18.69 -16.64 -6.74
CA TYR H 56 17.95 -17.35 -7.77
C TYR H 56 18.63 -18.66 -8.16
N GLU H 57 19.94 -18.76 -7.91
CA GLU H 57 20.69 -19.97 -8.24
C GLU H 57 20.75 -20.99 -7.11
N ILE H 58 19.99 -20.76 -6.04
CA ILE H 58 19.98 -21.66 -4.90
C ILE H 58 19.13 -22.92 -5.06
N PRO H 59 17.88 -22.77 -5.56
CA PRO H 59 17.07 -23.99 -5.71
C PRO H 59 17.70 -25.09 -6.58
N LEU H 60 18.05 -24.76 -7.82
CA LEU H 60 18.64 -25.76 -8.71
C LEU H 60 19.91 -26.38 -8.12
N HIS H 61 20.72 -25.56 -7.46
CA HIS H 61 21.94 -26.07 -6.87
C HIS H 61 21.64 -26.97 -5.67
N ALA H 62 20.69 -26.55 -4.85
CA ALA H 62 20.30 -27.32 -3.67
C ALA H 62 19.77 -28.67 -4.12
N ARG H 63 19.03 -28.69 -5.22
CA ARG H 63 18.47 -29.93 -5.75
C ARG H 63 19.57 -30.86 -6.28
N THR H 64 20.47 -30.32 -7.09
CA THR H 64 21.54 -31.14 -7.64
C THR H 64 22.31 -31.80 -6.50
N LEU H 65 22.58 -31.04 -5.45
CA LEU H 65 23.32 -31.57 -4.31
C LEU H 65 22.51 -32.64 -3.59
N ALA H 66 21.23 -32.35 -3.34
CA ALA H 66 20.33 -33.28 -2.67
C ALA H 66 20.28 -34.62 -3.40
N GLU H 67 20.29 -34.56 -4.73
CA GLU H 67 20.22 -35.77 -5.54
C GLU H 67 21.46 -36.66 -5.46
N THR H 68 22.59 -36.11 -5.03
CA THR H 68 23.79 -36.93 -4.92
C THR H 68 23.56 -37.97 -3.83
N GLY H 69 22.66 -37.66 -2.89
CA GLY H 69 22.36 -38.58 -1.82
C GLY H 69 23.43 -38.53 -0.73
N ARG H 70 24.40 -37.65 -0.89
CA ARG H 70 25.48 -37.53 0.08
C ARG H 70 25.16 -36.68 1.30
N TYR H 71 24.13 -35.85 1.21
CA TYR H 71 23.77 -34.96 2.31
C TYR H 71 22.47 -35.24 3.03
N GLY H 72 22.44 -34.84 4.30
CA GLY H 72 21.27 -35.04 5.12
C GLY H 72 20.27 -33.90 4.94
N ALA H 73 20.80 -32.70 4.74
CA ALA H 73 19.96 -31.53 4.55
C ALA H 73 20.74 -30.49 3.81
N VAL H 74 20.07 -29.42 3.43
CA VAL H 74 20.75 -28.36 2.73
C VAL H 74 20.29 -27.04 3.34
N LEU H 75 21.19 -26.06 3.37
CA LEU H 75 20.89 -24.75 3.90
C LEU H 75 21.15 -23.71 2.84
N GLY H 76 20.09 -23.12 2.31
CA GLY H 76 20.26 -22.09 1.32
C GLY H 76 20.31 -20.81 2.10
N THR H 77 21.27 -19.96 1.82
CA THR H 77 21.34 -18.71 2.55
C THR H 77 21.73 -17.57 1.61
N ALA H 78 20.96 -16.49 1.69
CA ALA H 78 21.20 -15.33 0.83
C ALA H 78 20.56 -14.10 1.43
N PHE H 79 20.94 -12.93 0.93
CA PHE H 79 20.40 -11.66 1.38
C PHE H 79 19.78 -11.07 0.11
N VAL H 80 18.47 -11.17 -0.01
CA VAL H 80 17.75 -10.66 -1.17
C VAL H 80 17.03 -9.40 -0.70
N VAL H 81 17.46 -8.27 -1.22
CA VAL H 81 16.90 -7.00 -0.79
C VAL H 81 16.27 -6.17 -1.88
N ASN H 82 15.54 -5.15 -1.44
CA ASN H 82 14.90 -4.22 -2.35
C ASN H 82 15.96 -3.16 -2.57
N GLY H 83 16.70 -3.30 -3.68
CA GLY H 83 17.76 -2.36 -3.99
C GLY H 83 17.27 -0.98 -4.35
N GLY H 84 15.96 -0.83 -4.49
CA GLY H 84 15.41 0.47 -4.84
C GLY H 84 15.39 0.77 -6.33
N ILE H 85 15.80 -0.19 -7.16
CA ILE H 85 15.78 0.04 -8.60
C ILE H 85 14.80 -0.93 -9.27
N TYR H 86 14.99 -2.22 -9.01
CA TYR H 86 14.15 -3.27 -9.55
C TYR H 86 13.40 -3.93 -8.40
N ARG H 87 12.28 -4.59 -8.71
CA ARG H 87 11.51 -5.26 -7.68
C ARG H 87 12.15 -6.61 -7.37
N HIS H 88 12.19 -6.94 -6.07
CA HIS H 88 12.83 -8.17 -5.58
C HIS H 88 11.88 -9.28 -5.14
N GLU H 89 10.59 -8.97 -5.02
CA GLU H 89 9.62 -9.96 -4.56
C GLU H 89 9.60 -11.22 -5.42
N PHE H 90 9.53 -11.05 -6.73
CA PHE H 90 9.50 -12.15 -7.66
C PHE H 90 10.63 -13.13 -7.39
N VAL H 91 11.85 -12.64 -7.46
CA VAL H 91 13.03 -13.47 -7.21
C VAL H 91 12.93 -14.08 -5.81
N ALA H 92 12.62 -13.24 -4.82
CA ALA H 92 12.52 -13.70 -3.43
C ALA H 92 11.51 -14.81 -3.30
N SER H 93 10.33 -14.59 -3.87
CA SER H 93 9.30 -15.62 -3.83
C SER H 93 9.71 -16.89 -4.57
N ALA H 94 10.25 -16.73 -5.78
CA ALA H 94 10.67 -17.89 -6.57
C ALA H 94 11.69 -18.73 -5.84
N VAL H 95 12.60 -18.07 -5.13
CA VAL H 95 13.62 -18.77 -4.38
C VAL H 95 13.02 -19.51 -3.18
N ILE H 96 12.20 -18.83 -2.38
CA ILE H 96 11.61 -19.53 -1.23
C ILE H 96 10.64 -20.60 -1.72
N ASP H 97 9.92 -20.31 -2.80
CA ASP H 97 9.01 -21.32 -3.33
C ASP H 97 9.83 -22.47 -3.91
N GLY H 98 10.89 -22.13 -4.64
CA GLY H 98 11.75 -23.14 -5.23
C GLY H 98 12.38 -24.08 -4.23
N MET H 99 12.83 -23.58 -3.08
CA MET H 99 13.43 -24.49 -2.09
C MET H 99 12.39 -25.41 -1.46
N MET H 100 11.18 -24.90 -1.21
CA MET H 100 10.12 -25.73 -0.63
C MET H 100 9.91 -26.85 -1.65
N ASN H 101 9.75 -26.43 -2.90
CA ASN H 101 9.55 -27.30 -4.04
C ASN H 101 10.62 -28.40 -4.10
N VAL H 102 11.88 -28.01 -3.90
CA VAL H 102 13.00 -28.95 -3.94
C VAL H 102 12.99 -30.00 -2.83
N GLN H 103 12.70 -29.60 -1.59
CA GLN H 103 12.68 -30.58 -0.48
C GLN H 103 11.49 -31.58 -0.57
N LEU H 104 10.40 -31.14 -1.16
CA LEU H 104 9.24 -32.01 -1.29
C LEU H 104 9.47 -33.06 -2.36
N SER H 105 10.16 -32.68 -3.43
CA SER H 105 10.44 -33.61 -4.53
C SER H 105 11.61 -34.55 -4.27
N THR H 106 12.54 -34.16 -3.41
CA THR H 106 13.70 -35.00 -3.13
C THR H 106 13.63 -35.64 -1.74
N GLY H 107 12.75 -35.10 -0.90
CA GLY H 107 12.62 -35.62 0.45
C GLY H 107 13.78 -35.19 1.34
N VAL H 108 14.63 -34.31 0.81
CA VAL H 108 15.77 -33.83 1.57
C VAL H 108 15.49 -32.45 2.16
N PRO H 109 15.54 -32.33 3.49
CA PRO H 109 15.28 -31.05 4.15
C PRO H 109 16.10 -29.90 3.55
N VAL H 110 15.44 -28.77 3.31
CA VAL H 110 16.13 -27.60 2.80
C VAL H 110 15.71 -26.43 3.69
N LEU H 111 16.66 -25.96 4.51
CA LEU H 111 16.39 -24.86 5.42
C LEU H 111 16.69 -23.52 4.77
N SER H 112 15.84 -22.54 5.07
CA SER H 112 15.99 -21.22 4.52
C SER H 112 16.72 -20.23 5.42
N ALA H 113 17.70 -19.56 4.82
CA ALA H 113 18.47 -18.53 5.48
C ALA H 113 18.52 -17.44 4.42
N VAL H 114 17.51 -17.45 3.55
CA VAL H 114 17.37 -16.46 2.47
C VAL H 114 16.49 -15.37 3.07
N LEU H 115 17.10 -14.29 3.52
CA LEU H 115 16.38 -13.21 4.17
C LEU H 115 16.17 -11.95 3.36
N THR H 116 14.99 -11.37 3.52
CA THR H 116 14.61 -10.14 2.85
C THR H 116 14.17 -9.18 3.95
N PRO H 117 14.89 -8.06 4.08
CA PRO H 117 14.50 -7.12 5.13
C PRO H 117 13.47 -6.09 4.68
N HIS H 118 12.88 -5.40 5.66
CA HIS H 118 11.94 -4.35 5.36
C HIS H 118 12.70 -3.24 4.67
N ASN H 119 13.89 -2.92 5.19
CA ASN H 119 14.69 -1.86 4.60
C ASN H 119 16.21 -2.03 4.67
N TYR H 120 16.84 -1.96 3.50
CA TYR H 120 18.29 -2.05 3.40
C TYR H 120 18.74 -1.07 2.33
N HIS H 121 19.30 0.06 2.75
CA HIS H 121 19.73 1.10 1.82
C HIS H 121 21.24 1.25 1.69
N ASP H 122 21.97 0.16 1.90
CA ASP H 122 23.43 0.18 1.81
C ASP H 122 24.07 1.41 2.42
N SER H 123 23.70 1.71 3.67
CA SER H 123 24.27 2.81 4.41
C SER H 123 25.14 2.10 5.45
N ALA H 124 26.02 2.83 6.10
CA ALA H 124 26.87 2.21 7.11
C ALA H 124 26.03 1.52 8.18
N GLU H 125 24.96 2.18 8.64
CA GLU H 125 24.10 1.62 9.68
C GLU H 125 23.43 0.33 9.26
N HIS H 126 22.77 0.35 8.11
CA HIS H 126 22.10 -0.86 7.62
C HIS H 126 23.08 -2.00 7.43
N HIS H 127 24.14 -1.75 6.66
CA HIS H 127 25.14 -2.76 6.39
C HIS H 127 25.71 -3.36 7.66
N ARG H 128 26.03 -2.51 8.63
CA ARG H 128 26.60 -2.97 9.89
C ARG H 128 25.59 -3.82 10.66
N PHE H 129 24.38 -3.30 10.80
CA PHE H 129 23.34 -4.00 11.54
C PHE H 129 23.20 -5.42 11.09
N PHE H 130 22.90 -5.60 9.81
CA PHE H 130 22.72 -6.93 9.28
C PHE H 130 24.01 -7.76 9.28
N PHE H 131 25.16 -7.11 9.11
CA PHE H 131 26.41 -7.84 9.15
C PHE H 131 26.48 -8.51 10.53
N GLU H 132 25.86 -7.85 11.50
CA GLU H 132 25.81 -8.34 12.88
C GLU H 132 24.65 -9.31 13.12
N HIS H 133 23.48 -9.00 12.59
CA HIS H 133 22.33 -9.87 12.83
C HIS H 133 22.42 -11.23 12.15
N PHE H 134 23.06 -11.28 10.98
CA PHE H 134 23.20 -12.56 10.28
C PHE H 134 23.90 -13.59 11.14
N THR H 135 24.66 -13.14 12.13
CA THR H 135 25.31 -14.09 13.01
C THR H 135 24.21 -14.74 13.86
N VAL H 136 23.21 -13.94 14.24
CA VAL H 136 22.08 -14.42 15.03
C VAL H 136 21.26 -15.43 14.22
N LYS H 137 20.99 -15.09 12.97
CA LYS H 137 20.23 -15.96 12.09
C LYS H 137 21.06 -17.21 11.77
N GLY H 138 22.34 -17.00 11.44
CA GLY H 138 23.22 -18.11 11.14
C GLY H 138 23.17 -19.15 12.23
N LYS H 139 23.05 -18.70 13.49
CA LYS H 139 22.98 -19.63 14.62
C LYS H 139 21.60 -20.29 14.65
N GLU H 140 20.57 -19.50 14.37
CA GLU H 140 19.20 -20.01 14.34
C GLU H 140 19.07 -21.14 13.32
N ALA H 141 19.71 -20.94 12.17
CA ALA H 141 19.69 -21.92 11.08
C ALA H 141 20.34 -23.24 11.52
N ALA H 142 21.45 -23.15 12.26
CA ALA H 142 22.13 -24.34 12.74
C ALA H 142 21.20 -25.16 13.61
N ARG H 143 20.60 -24.52 14.62
CA ARG H 143 19.68 -25.21 15.53
C ARG H 143 18.52 -25.83 14.75
N ALA H 144 17.99 -25.08 13.79
CA ALA H 144 16.88 -25.58 12.99
C ALA H 144 17.32 -26.87 12.29
N CYS H 145 18.51 -26.83 11.69
CA CYS H 145 19.07 -28.00 10.98
C CYS H 145 19.24 -29.23 11.88
N VAL H 146 19.78 -29.04 13.08
CA VAL H 146 19.97 -30.16 14.01
C VAL H 146 18.65 -30.65 14.57
N GLU H 147 17.70 -29.73 14.74
CA GLU H 147 16.39 -30.09 15.26
C GLU H 147 15.55 -30.90 14.29
N ILE H 148 15.37 -30.42 13.06
CA ILE H 148 14.54 -31.15 12.11
C ILE H 148 15.11 -32.52 11.76
N LEU H 149 16.43 -32.60 11.60
CA LEU H 149 17.04 -33.87 11.28
C LEU H 149 16.69 -34.90 12.35
N ALA H 150 16.85 -34.50 13.62
CA ALA H 150 16.56 -35.37 14.76
C ALA H 150 15.06 -35.62 14.90
N ALA H 151 14.27 -34.61 14.53
CA ALA H 151 12.83 -34.73 14.61
C ALA H 151 12.42 -35.86 13.67
N ARG H 152 13.04 -35.88 12.49
CA ARG H 152 12.78 -36.89 11.48
C ARG H 152 13.17 -38.28 11.94
N GLU H 153 14.11 -38.36 12.87
CA GLU H 153 14.55 -39.64 13.38
C GLU H 153 13.44 -40.16 14.29
N LYS H 154 12.55 -39.27 14.68
CA LYS H 154 11.44 -39.61 15.57
C LYS H 154 10.22 -40.13 14.81
N ILE H 155 10.30 -40.17 13.48
CA ILE H 155 9.22 -40.68 12.68
C ILE H 155 9.55 -42.10 12.26
N ALA H 156 8.77 -43.07 12.75
CA ALA H 156 9.01 -44.47 12.43
C ALA H 156 8.50 -44.79 11.03
N GLU I 10 -12.58 -48.45 14.59
CA GLU I 10 -11.14 -48.30 14.19
C GLU I 10 -10.51 -47.03 14.81
N THR I 11 -9.22 -47.10 15.13
CA THR I 11 -8.53 -45.97 15.73
C THR I 11 -7.82 -45.14 14.68
N VAL I 12 -8.29 -43.91 14.47
CA VAL I 12 -7.70 -43.00 13.50
C VAL I 12 -6.58 -42.18 14.14
N ARG I 13 -5.42 -42.20 13.53
CA ARG I 13 -4.26 -41.45 14.02
C ARG I 13 -4.20 -40.06 13.39
N ILE I 14 -4.04 -39.02 14.20
CA ILE I 14 -3.93 -37.67 13.67
C ILE I 14 -2.59 -37.12 14.11
N ALA I 15 -1.85 -36.53 13.19
CA ALA I 15 -0.56 -35.98 13.55
C ALA I 15 -0.59 -34.48 13.61
N VAL I 16 0.06 -33.93 14.63
CA VAL I 16 0.16 -32.48 14.77
C VAL I 16 1.63 -32.14 14.53
N VAL I 17 1.88 -31.19 13.62
CA VAL I 17 3.23 -30.76 13.32
C VAL I 17 3.27 -29.29 13.72
N ARG I 18 3.88 -28.98 14.86
CA ARG I 18 3.95 -27.61 15.35
C ARG I 18 5.35 -27.00 15.28
N ALA I 19 5.41 -25.73 14.95
CA ALA I 19 6.67 -25.03 14.88
C ALA I 19 7.04 -24.70 16.33
N ARG I 20 8.32 -24.45 16.59
CA ARG I 20 8.74 -24.12 17.94
C ARG I 20 8.98 -22.64 18.12
N TRP I 21 8.77 -21.85 17.06
CA TRP I 21 8.90 -20.41 17.17
C TRP I 21 7.63 -19.97 17.88
N HIS I 22 7.76 -19.13 18.89
CA HIS I 22 6.61 -18.67 19.66
C HIS I 22 5.91 -19.88 20.28
N ALA I 23 6.68 -20.90 20.66
CA ALA I 23 6.14 -22.12 21.25
C ALA I 23 5.00 -21.84 22.24
N ASP I 24 5.24 -20.87 23.12
CA ASP I 24 4.31 -20.41 24.12
C ASP I 24 2.86 -20.32 23.60
N ILE I 25 2.67 -19.55 22.54
CA ILE I 25 1.35 -19.35 21.94
C ILE I 25 0.87 -20.52 21.09
N VAL I 26 1.78 -21.14 20.35
CA VAL I 26 1.42 -22.30 19.53
C VAL I 26 0.90 -23.42 20.42
N ASP I 27 1.58 -23.67 21.53
CA ASP I 27 1.15 -24.72 22.44
C ASP I 27 -0.26 -24.59 22.97
N GLN I 28 -0.78 -23.36 22.99
CA GLN I 28 -2.15 -23.13 23.46
C GLN I 28 -3.13 -23.69 22.44
N CYS I 29 -2.70 -23.78 21.19
CA CYS I 29 -3.52 -24.31 20.13
C CYS I 29 -3.40 -25.81 20.09
N VAL I 30 -2.19 -26.31 20.31
CA VAL I 30 -1.93 -27.74 20.28
C VAL I 30 -2.61 -28.46 21.43
N SER I 31 -2.63 -27.82 22.60
CA SER I 31 -3.25 -28.45 23.76
C SER I 31 -4.77 -28.47 23.61
N ALA I 32 -5.32 -27.33 23.21
CA ALA I 32 -6.76 -27.24 23.01
C ALA I 32 -7.17 -28.28 21.97
N PHE I 33 -6.38 -28.37 20.91
CA PHE I 33 -6.65 -29.33 19.82
C PHE I 33 -6.54 -30.75 20.32
N GLU I 34 -5.50 -31.02 21.10
CA GLU I 34 -5.28 -32.36 21.61
C GLU I 34 -6.35 -32.79 22.60
N ALA I 35 -7.10 -31.81 23.13
CA ALA I 35 -8.16 -32.09 24.09
C ALA I 35 -9.44 -32.49 23.37
N GLU I 36 -9.87 -31.67 22.43
CA GLU I 36 -11.07 -31.95 21.65
C GLU I 36 -10.95 -33.29 20.93
N MET I 37 -9.73 -33.64 20.59
CA MET I 37 -9.45 -34.87 19.87
C MET I 37 -9.41 -36.09 20.79
N ALA I 38 -8.72 -35.94 21.91
CA ALA I 38 -8.60 -37.04 22.86
C ALA I 38 -9.84 -37.16 23.76
N ASP I 39 -10.33 -36.04 24.26
CA ASP I 39 -11.49 -35.98 25.14
C ASP I 39 -12.74 -36.71 24.60
N ILE I 40 -12.91 -36.73 23.28
CA ILE I 40 -14.04 -37.45 22.70
C ILE I 40 -13.56 -38.90 22.74
N GLY I 41 -12.86 -39.20 23.83
CA GLY I 41 -12.27 -40.51 24.07
C GLY I 41 -13.14 -41.71 23.83
N GLY I 42 -12.50 -42.76 23.34
CA GLY I 42 -13.16 -44.00 23.03
C GLY I 42 -12.22 -44.73 22.09
N ASP I 43 -10.97 -44.29 22.11
CA ASP I 43 -9.91 -44.85 21.26
C ASP I 43 -10.25 -44.48 19.82
N ARG I 44 -11.22 -43.57 19.66
CA ARG I 44 -11.64 -43.11 18.35
C ARG I 44 -10.46 -42.50 17.61
N PHE I 45 -9.90 -41.43 18.17
CA PHE I 45 -8.76 -40.77 17.57
C PHE I 45 -7.54 -40.87 18.47
N ALA I 46 -6.36 -40.63 17.91
CA ALA I 46 -5.11 -40.68 18.68
C ALA I 46 -4.26 -39.55 18.12
N VAL I 47 -3.76 -38.69 19.01
CA VAL I 47 -2.95 -37.55 18.58
C VAL I 47 -1.48 -37.67 18.87
N ASP I 48 -0.68 -37.69 17.82
CA ASP I 48 0.77 -37.77 17.95
C ASP I 48 1.31 -36.38 17.65
N VAL I 49 2.14 -35.87 18.54
CA VAL I 49 2.69 -34.54 18.37
C VAL I 49 4.16 -34.58 17.98
N PHE I 50 4.49 -33.84 16.93
CA PHE I 50 5.86 -33.78 16.43
C PHE I 50 6.41 -32.35 16.39
N ASP I 51 7.62 -32.20 16.91
CA ASP I 51 8.28 -30.91 16.96
C ASP I 51 8.96 -30.53 15.66
N VAL I 52 8.80 -29.27 15.29
CA VAL I 52 9.41 -28.73 14.09
C VAL I 52 9.93 -27.32 14.44
N PRO I 53 11.19 -27.04 14.09
CA PRO I 53 11.84 -25.75 14.36
C PRO I 53 11.01 -24.52 14.00
N GLY I 54 10.56 -24.48 12.74
CA GLY I 54 9.77 -23.36 12.26
C GLY I 54 8.70 -23.78 11.28
N ALA I 55 7.83 -22.86 10.92
CA ALA I 55 6.75 -23.14 9.98
C ALA I 55 7.27 -23.71 8.67
N TYR I 56 8.35 -23.13 8.14
CA TYR I 56 8.93 -23.59 6.88
C TYR I 56 9.20 -25.09 6.92
N GLU I 57 9.45 -25.63 8.11
CA GLU I 57 9.70 -27.06 8.25
C GLU I 57 8.41 -27.90 8.41
N ILE I 58 7.25 -27.29 8.27
CA ILE I 58 6.00 -28.05 8.42
C ILE I 58 5.59 -28.91 7.22
N PRO I 59 5.63 -28.36 5.99
CA PRO I 59 5.22 -29.15 4.82
C PRO I 59 5.88 -30.53 4.64
N LEU I 60 7.20 -30.54 4.55
CA LEU I 60 7.95 -31.78 4.36
C LEU I 60 7.71 -32.79 5.47
N HIS I 61 7.46 -32.29 6.68
CA HIS I 61 7.24 -33.18 7.81
C HIS I 61 5.84 -33.80 7.71
N ALA I 62 4.87 -33.01 7.24
CA ALA I 62 3.50 -33.50 7.09
C ALA I 62 3.50 -34.57 6.01
N ARG I 63 4.28 -34.34 4.95
CA ARG I 63 4.37 -35.29 3.84
C ARG I 63 4.95 -36.62 4.30
N THR I 64 6.12 -36.57 4.92
CA THR I 64 6.79 -37.77 5.40
C THR I 64 5.85 -38.53 6.34
N LEU I 65 5.22 -37.79 7.25
CA LEU I 65 4.28 -38.40 8.18
C LEU I 65 3.13 -39.02 7.38
N ALA I 66 2.49 -38.21 6.55
CA ALA I 66 1.37 -38.66 5.72
C ALA I 66 1.69 -39.89 4.87
N GLU I 67 2.92 -40.00 4.40
CA GLU I 67 3.31 -41.13 3.57
C GLU I 67 3.60 -42.41 4.31
N THR I 68 3.32 -42.44 5.59
CA THR I 68 3.54 -43.65 6.36
C THR I 68 2.24 -44.44 6.28
N GLY I 69 1.17 -43.71 5.95
CA GLY I 69 -0.13 -44.34 5.85
C GLY I 69 -0.73 -44.62 7.22
N ARG I 70 -0.02 -44.22 8.28
CA ARG I 70 -0.50 -44.44 9.65
C ARG I 70 -1.32 -43.28 10.19
N TYR I 71 -1.64 -42.30 9.35
CA TYR I 71 -2.40 -41.16 9.82
C TYR I 71 -3.57 -40.82 8.93
N GLY I 72 -4.70 -40.48 9.54
CA GLY I 72 -5.88 -40.13 8.80
C GLY I 72 -5.94 -38.64 8.50
N ALA I 73 -5.12 -37.88 9.22
CA ALA I 73 -5.07 -36.43 9.02
C ALA I 73 -3.82 -35.82 9.60
N VAL I 74 -3.46 -34.65 9.11
CA VAL I 74 -2.28 -33.96 9.63
C VAL I 74 -2.61 -32.50 9.91
N LEU I 75 -2.25 -32.05 11.11
CA LEU I 75 -2.47 -30.66 11.50
C LEU I 75 -1.12 -29.94 11.50
N GLY I 76 -1.09 -28.80 10.83
CA GLY I 76 0.12 -28.03 10.78
C GLY I 76 -0.16 -26.77 11.59
N THR I 77 0.66 -26.49 12.59
CA THR I 77 0.41 -25.30 13.38
C THR I 77 1.65 -24.49 13.73
N ALA I 78 1.51 -23.19 13.58
CA ALA I 78 2.58 -22.26 13.87
C ALA I 78 2.02 -20.86 13.93
N PHE I 79 2.84 -19.94 14.38
CA PHE I 79 2.48 -18.55 14.47
C PHE I 79 3.62 -17.90 13.65
N VAL I 80 3.25 -17.34 12.50
CA VAL I 80 4.21 -16.74 11.58
C VAL I 80 3.99 -15.25 11.54
N VAL I 81 4.85 -14.50 12.21
CA VAL I 81 4.66 -13.06 12.28
C VAL I 81 5.75 -12.17 11.72
N ASN I 82 5.46 -10.88 11.69
CA ASN I 82 6.40 -9.88 11.21
C ASN I 82 7.14 -9.31 12.42
N GLY I 83 8.39 -9.71 12.60
CA GLY I 83 9.16 -9.23 13.73
C GLY I 83 9.74 -7.83 13.59
N GLY I 84 9.41 -7.14 12.50
CA GLY I 84 9.90 -5.80 12.29
C GLY I 84 11.19 -5.66 11.49
N ILE I 85 11.96 -6.73 11.38
CA ILE I 85 13.22 -6.66 10.63
C ILE I 85 13.06 -7.27 9.23
N TYR I 86 12.82 -8.57 9.18
CA TYR I 86 12.65 -9.26 7.91
C TYR I 86 11.17 -9.44 7.53
N ARG I 87 10.92 -9.67 6.25
CA ARG I 87 9.55 -9.87 5.79
C ARG I 87 9.17 -11.34 5.98
N HIS I 88 7.94 -11.56 6.41
CA HIS I 88 7.41 -12.87 6.72
C HIS I 88 6.47 -13.49 5.68
N GLU I 89 5.98 -12.69 4.74
CA GLU I 89 5.05 -13.21 3.74
C GLU I 89 5.57 -14.33 2.86
N PHE I 90 6.83 -14.29 2.45
CA PHE I 90 7.36 -15.35 1.60
C PHE I 90 7.26 -16.70 2.27
N VAL I 91 7.72 -16.78 3.51
CA VAL I 91 7.66 -18.03 4.23
C VAL I 91 6.21 -18.45 4.51
N ALA I 92 5.39 -17.50 4.93
CA ALA I 92 3.98 -17.78 5.21
C ALA I 92 3.34 -18.39 3.97
N SER I 93 3.50 -17.69 2.85
CA SER I 93 2.96 -18.11 1.57
C SER I 93 3.42 -19.53 1.22
N ALA I 94 4.72 -19.78 1.33
CA ALA I 94 5.30 -21.08 1.00
C ALA I 94 4.78 -22.22 1.86
N VAL I 95 4.49 -21.95 3.13
CA VAL I 95 3.99 -22.98 4.02
C VAL I 95 2.52 -23.32 3.74
N ILE I 96 1.69 -22.29 3.55
CA ILE I 96 0.28 -22.53 3.27
C ILE I 96 0.12 -23.25 1.94
N ASP I 97 0.87 -22.80 0.92
CA ASP I 97 0.83 -23.43 -0.40
C ASP I 97 1.44 -24.83 -0.27
N GLY I 98 2.41 -24.97 0.62
CA GLY I 98 3.05 -26.26 0.80
C GLY I 98 2.11 -27.32 1.34
N MET I 99 1.41 -27.00 2.42
CA MET I 99 0.47 -27.97 2.99
C MET I 99 -0.63 -28.32 1.99
N MET I 100 -0.99 -27.37 1.13
CA MET I 100 -2.03 -27.65 0.13
C MET I 100 -1.49 -28.64 -0.90
N ASN I 101 -0.24 -28.42 -1.31
CA ASN I 101 0.43 -29.27 -2.27
C ASN I 101 0.60 -30.69 -1.73
N VAL I 102 0.95 -30.78 -0.45
CA VAL I 102 1.15 -32.07 0.21
C VAL I 102 -0.13 -32.90 0.26
N GLN I 103 -1.21 -32.33 0.80
CA GLN I 103 -2.46 -33.07 0.90
C GLN I 103 -3.01 -33.47 -0.47
N LEU I 104 -2.87 -32.59 -1.47
CA LEU I 104 -3.35 -32.93 -2.80
C LEU I 104 -2.50 -34.09 -3.31
N SER I 105 -1.22 -34.05 -2.96
CA SER I 105 -0.25 -35.07 -3.34
C SER I 105 -0.53 -36.41 -2.69
N THR I 106 -0.57 -36.42 -1.37
CA THR I 106 -0.77 -37.64 -0.57
C THR I 106 -2.22 -38.08 -0.43
N GLY I 107 -3.15 -37.16 -0.67
CA GLY I 107 -4.54 -37.51 -0.52
C GLY I 107 -4.92 -37.59 0.95
N VAL I 108 -4.00 -37.20 1.82
CA VAL I 108 -4.23 -37.19 3.26
C VAL I 108 -4.59 -35.76 3.63
N PRO I 109 -5.74 -35.57 4.29
CA PRO I 109 -6.11 -34.20 4.66
C PRO I 109 -5.06 -33.55 5.56
N VAL I 110 -4.90 -32.24 5.41
CA VAL I 110 -3.96 -31.48 6.23
C VAL I 110 -4.62 -30.16 6.60
N LEU I 111 -4.89 -29.97 7.89
CA LEU I 111 -5.54 -28.74 8.31
C LEU I 111 -4.53 -27.70 8.71
N SER I 112 -4.85 -26.43 8.43
CA SER I 112 -3.95 -25.34 8.74
C SER I 112 -4.25 -24.49 9.97
N ALA I 113 -3.34 -24.56 10.93
CA ALA I 113 -3.42 -23.76 12.14
C ALA I 113 -2.13 -22.93 12.12
N VAL I 114 -1.74 -22.49 10.91
CA VAL I 114 -0.55 -21.67 10.72
C VAL I 114 -1.09 -20.24 10.61
N LEU I 115 -0.98 -19.48 11.70
CA LEU I 115 -1.54 -18.13 11.67
C LEU I 115 -0.56 -16.99 11.52
N THR I 116 -1.01 -15.96 10.81
CA THR I 116 -0.22 -14.77 10.57
C THR I 116 -1.12 -13.58 10.88
N PRO I 117 -0.80 -12.85 11.95
CA PRO I 117 -1.61 -11.69 12.33
C PRO I 117 -1.20 -10.43 11.60
N HIS I 118 -2.10 -9.46 11.58
CA HIS I 118 -1.84 -8.17 10.97
C HIS I 118 -0.74 -7.47 11.78
N ASN I 119 -0.81 -7.62 13.10
CA ASN I 119 0.17 -7.00 13.98
C ASN I 119 0.57 -7.89 15.15
N TYR I 120 1.86 -7.92 15.45
CA TYR I 120 2.35 -8.67 16.59
C TYR I 120 3.72 -8.15 17.02
N HIS I 121 3.76 -7.35 18.08
CA HIS I 121 5.02 -6.81 18.56
C HIS I 121 5.45 -7.47 19.87
N ASP I 122 4.97 -8.69 20.09
CA ASP I 122 5.31 -9.41 21.31
C ASP I 122 5.27 -8.46 22.50
N SER I 123 4.25 -7.61 22.54
CA SER I 123 4.08 -6.69 23.65
C SER I 123 3.26 -7.44 24.69
N ALA I 124 3.29 -6.99 25.93
CA ALA I 124 2.53 -7.66 26.98
C ALA I 124 1.08 -7.92 26.54
N GLU I 125 0.41 -6.89 26.02
CA GLU I 125 -0.96 -7.03 25.54
C GLU I 125 -1.05 -7.97 24.35
N HIS I 126 -0.22 -7.74 23.35
CA HIS I 126 -0.19 -8.57 22.14
C HIS I 126 0.00 -10.05 22.47
N HIS I 127 0.94 -10.33 23.37
CA HIS I 127 1.21 -11.72 23.75
C HIS I 127 0.02 -12.36 24.45
N ARG I 128 -0.57 -11.62 25.37
CA ARG I 128 -1.73 -12.11 26.11
C ARG I 128 -2.82 -12.54 25.13
N PHE I 129 -3.21 -11.61 24.25
CA PHE I 129 -4.26 -11.87 23.28
C PHE I 129 -4.12 -13.16 22.47
N PHE I 130 -3.10 -13.23 21.62
CA PHE I 130 -2.93 -14.43 20.79
C PHE I 130 -2.66 -15.71 21.59
N PHE I 131 -2.23 -15.57 22.83
CA PHE I 131 -1.98 -16.72 23.67
C PHE I 131 -3.31 -17.35 24.05
N GLU I 132 -4.34 -16.53 24.14
CA GLU I 132 -5.66 -17.02 24.49
C GLU I 132 -6.48 -17.35 23.27
N HIS I 133 -6.26 -16.62 22.18
CA HIS I 133 -7.02 -16.87 20.97
C HIS I 133 -6.59 -18.14 20.29
N PHE I 134 -5.35 -18.58 20.55
CA PHE I 134 -4.89 -19.79 19.94
C PHE I 134 -5.62 -21.02 20.50
N THR I 135 -6.06 -20.98 21.75
CA THR I 135 -6.79 -22.13 22.29
C THR I 135 -8.11 -22.18 21.51
N VAL I 136 -8.67 -21.03 21.20
CA VAL I 136 -9.91 -20.96 20.44
C VAL I 136 -9.70 -21.59 19.06
N LYS I 137 -8.61 -21.20 18.37
CA LYS I 137 -8.30 -21.74 17.05
C LYS I 137 -8.01 -23.24 17.14
N GLY I 138 -7.39 -23.65 18.24
CA GLY I 138 -7.07 -25.05 18.43
C GLY I 138 -8.33 -25.88 18.52
N LYS I 139 -9.36 -25.34 19.16
CA LYS I 139 -10.63 -26.02 19.31
C LYS I 139 -11.29 -26.08 17.95
N GLU I 140 -11.23 -24.98 17.22
CA GLU I 140 -11.80 -24.87 15.88
C GLU I 140 -11.22 -25.94 14.97
N ALA I 141 -9.90 -26.02 14.95
CA ALA I 141 -9.20 -26.99 14.11
C ALA I 141 -9.60 -28.44 14.38
N ALA I 142 -9.72 -28.81 15.66
CA ALA I 142 -10.09 -30.17 16.00
C ALA I 142 -11.50 -30.52 15.56
N ARG I 143 -12.42 -29.58 15.66
CA ARG I 143 -13.79 -29.84 15.25
C ARG I 143 -13.89 -29.86 13.74
N ALA I 144 -12.96 -29.19 13.08
CA ALA I 144 -12.94 -29.16 11.63
C ALA I 144 -12.32 -30.48 11.17
N CYS I 145 -11.40 -31.00 11.96
CA CYS I 145 -10.73 -32.26 11.64
C CYS I 145 -11.76 -33.38 11.70
N VAL I 146 -12.52 -33.45 12.80
CA VAL I 146 -13.55 -34.46 12.95
C VAL I 146 -14.51 -34.40 11.76
N GLU I 147 -14.99 -33.19 11.47
CA GLU I 147 -15.92 -32.96 10.37
C GLU I 147 -15.43 -33.39 8.98
N ILE I 148 -14.18 -33.08 8.63
CA ILE I 148 -13.65 -33.44 7.31
C ILE I 148 -13.52 -34.95 7.18
N LEU I 149 -13.02 -35.61 8.21
CA LEU I 149 -12.89 -37.05 8.13
C LEU I 149 -14.30 -37.62 7.91
N ALA I 150 -15.24 -37.16 8.72
CA ALA I 150 -16.62 -37.62 8.63
C ALA I 150 -17.25 -37.31 7.28
N ALA I 151 -16.93 -36.14 6.73
CA ALA I 151 -17.47 -35.75 5.44
C ALA I 151 -16.90 -36.61 4.31
N ARG I 152 -15.82 -37.32 4.60
CA ARG I 152 -15.20 -38.15 3.58
C ARG I 152 -15.84 -39.51 3.48
N GLU I 153 -16.43 -39.99 4.57
CA GLU I 153 -17.10 -41.27 4.54
C GLU I 153 -18.31 -41.12 3.62
N LYS I 154 -18.87 -39.93 3.60
CA LYS I 154 -20.06 -39.67 2.78
C LYS I 154 -19.80 -39.62 1.28
N ILE I 155 -18.61 -40.04 0.86
CA ILE I 155 -18.28 -40.05 -0.56
C ILE I 155 -18.03 -41.48 -1.04
N GLU J 10 -29.30 -38.95 -21.05
CA GLU J 10 -28.49 -39.28 -19.86
C GLU J 10 -28.34 -38.07 -18.95
N THR J 11 -28.07 -38.31 -17.67
CA THR J 11 -27.93 -37.23 -16.69
C THR J 11 -26.52 -36.99 -16.20
N VAL J 12 -26.13 -35.71 -16.19
CA VAL J 12 -24.81 -35.29 -15.74
C VAL J 12 -24.95 -34.82 -14.28
N ARG J 13 -24.06 -35.27 -13.42
CA ARG J 13 -24.10 -34.88 -12.01
C ARG J 13 -23.06 -33.82 -11.64
N ILE J 14 -23.48 -32.79 -10.93
CA ILE J 14 -22.56 -31.74 -10.50
C ILE J 14 -22.37 -31.81 -8.99
N ALA J 15 -21.11 -31.74 -8.54
CA ALA J 15 -20.84 -31.78 -7.11
C ALA J 15 -20.53 -30.36 -6.60
N VAL J 16 -21.06 -30.07 -5.41
CA VAL J 16 -20.86 -28.77 -4.78
C VAL J 16 -20.10 -28.98 -3.48
N VAL J 17 -19.03 -28.23 -3.27
CA VAL J 17 -18.25 -28.33 -2.04
C VAL J 17 -18.42 -26.96 -1.40
N ARG J 18 -19.21 -26.89 -0.33
CA ARG J 18 -19.46 -25.63 0.33
C ARG J 18 -18.90 -25.63 1.74
N ALA J 19 -18.10 -24.60 2.03
CA ALA J 19 -17.46 -24.45 3.32
C ALA J 19 -18.51 -24.00 4.34
N ARG J 20 -18.33 -24.38 5.59
CA ARG J 20 -19.30 -24.00 6.61
C ARG J 20 -19.05 -22.64 7.28
N TRP J 21 -17.88 -22.03 7.05
CA TRP J 21 -17.64 -20.71 7.62
C TRP J 21 -18.64 -19.78 6.98
N HIS J 22 -19.19 -18.86 7.75
CA HIS J 22 -20.18 -17.92 7.20
C HIS J 22 -21.21 -18.72 6.39
N ALA J 23 -21.42 -19.97 6.81
CA ALA J 23 -22.35 -20.88 6.16
C ALA J 23 -23.67 -20.21 5.76
N ASP J 24 -24.20 -19.41 6.67
CA ASP J 24 -25.44 -18.72 6.42
C ASP J 24 -25.42 -18.02 5.05
N ILE J 25 -24.30 -17.37 4.72
CA ILE J 25 -24.16 -16.65 3.46
C ILE J 25 -23.85 -17.60 2.30
N VAL J 26 -22.88 -18.48 2.52
CA VAL J 26 -22.49 -19.44 1.51
C VAL J 26 -23.70 -20.20 0.97
N ASP J 27 -24.67 -20.46 1.84
CA ASP J 27 -25.85 -21.22 1.46
C ASP J 27 -26.86 -20.50 0.58
N GLN J 28 -26.77 -19.17 0.50
CA GLN J 28 -27.68 -18.46 -0.39
C GLN J 28 -27.20 -18.76 -1.81
N CYS J 29 -25.89 -18.80 -1.98
CA CYS J 29 -25.28 -19.11 -3.26
C CYS J 29 -25.57 -20.56 -3.62
N VAL J 30 -25.46 -21.45 -2.65
CA VAL J 30 -25.70 -22.86 -2.93
C VAL J 30 -27.13 -23.13 -3.38
N SER J 31 -28.10 -22.55 -2.67
CA SER J 31 -29.50 -22.75 -2.99
C SER J 31 -29.88 -22.01 -4.28
N ALA J 32 -29.16 -20.95 -4.61
CA ALA J 32 -29.43 -20.20 -5.83
C ALA J 32 -28.85 -20.96 -7.01
N PHE J 33 -27.82 -21.77 -6.72
CA PHE J 33 -27.16 -22.57 -7.74
C PHE J 33 -28.08 -23.71 -8.11
N GLU J 34 -28.52 -24.47 -7.12
CA GLU J 34 -29.43 -25.59 -7.34
C GLU J 34 -30.69 -25.09 -8.05
N ALA J 35 -31.23 -23.97 -7.60
CA ALA J 35 -32.43 -23.43 -8.21
C ALA J 35 -32.20 -23.08 -9.67
N GLU J 36 -31.14 -22.33 -9.94
CA GLU J 36 -30.80 -21.92 -11.31
C GLU J 36 -30.41 -23.08 -12.21
N MET J 37 -29.74 -24.07 -11.62
CA MET J 37 -29.30 -25.24 -12.35
C MET J 37 -30.55 -25.94 -12.85
N ALA J 38 -31.27 -26.56 -11.92
CA ALA J 38 -32.51 -27.26 -12.22
C ALA J 38 -33.41 -26.42 -13.14
N ASP J 39 -33.21 -25.11 -13.13
CA ASP J 39 -34.02 -24.23 -13.95
C ASP J 39 -33.57 -24.20 -15.42
N ILE J 40 -32.33 -23.83 -15.68
CA ILE J 40 -31.81 -23.76 -17.05
C ILE J 40 -31.40 -25.10 -17.64
N GLY J 41 -31.33 -26.14 -16.80
CA GLY J 41 -30.93 -27.44 -17.30
C GLY J 41 -32.01 -28.50 -17.35
N GLY J 42 -33.18 -28.20 -16.79
CA GLY J 42 -34.25 -29.19 -16.78
C GLY J 42 -33.81 -30.45 -16.06
N ASP J 43 -34.29 -31.60 -16.54
CA ASP J 43 -33.94 -32.89 -15.94
C ASP J 43 -32.59 -33.39 -16.44
N ARG J 44 -31.84 -32.51 -17.11
CA ARG J 44 -30.52 -32.86 -17.64
C ARG J 44 -29.46 -33.12 -16.58
N PHE J 45 -29.43 -32.29 -15.53
CA PHE J 45 -28.44 -32.44 -14.47
C PHE J 45 -29.05 -32.78 -13.11
N ALA J 46 -28.19 -33.17 -12.19
CA ALA J 46 -28.58 -33.49 -10.81
C ALA J 46 -27.45 -32.92 -9.96
N VAL J 47 -27.77 -32.33 -8.81
CA VAL J 47 -26.74 -31.74 -7.96
C VAL J 47 -26.55 -32.41 -6.59
N ASP J 48 -25.29 -32.65 -6.24
CA ASP J 48 -24.95 -33.27 -4.95
C ASP J 48 -24.12 -32.28 -4.10
N VAL J 49 -24.62 -31.96 -2.91
CA VAL J 49 -23.96 -31.00 -2.03
C VAL J 49 -23.09 -31.64 -0.96
N PHE J 50 -21.91 -31.09 -0.75
CA PHE J 50 -21.01 -31.64 0.26
C PHE J 50 -20.53 -30.56 1.20
N ASP J 51 -20.54 -30.86 2.50
CA ASP J 51 -20.13 -29.93 3.53
C ASP J 51 -18.70 -30.09 3.98
N VAL J 52 -17.97 -28.98 3.95
CA VAL J 52 -16.57 -28.93 4.36
C VAL J 52 -16.42 -27.83 5.44
N PRO J 53 -15.64 -28.10 6.50
CA PRO J 53 -15.47 -27.10 7.56
C PRO J 53 -15.08 -25.73 7.02
N GLY J 54 -13.92 -25.65 6.39
CA GLY J 54 -13.47 -24.38 5.82
C GLY J 54 -13.11 -24.39 4.34
N ALA J 55 -12.86 -23.20 3.80
CA ALA J 55 -12.49 -23.03 2.40
C ALA J 55 -11.20 -23.81 2.07
N TYR J 56 -10.36 -23.99 3.08
CA TYR J 56 -9.10 -24.69 2.90
C TYR J 56 -9.28 -26.19 2.66
N GLU J 57 -10.46 -26.73 2.97
CA GLU J 57 -10.68 -28.16 2.75
C GLU J 57 -11.32 -28.45 1.38
N ILE J 58 -11.73 -27.40 0.67
CA ILE J 58 -12.36 -27.57 -0.63
C ILE J 58 -11.54 -28.26 -1.74
N PRO J 59 -10.29 -27.81 -2.00
CA PRO J 59 -9.53 -28.47 -3.07
C PRO J 59 -9.42 -29.98 -2.96
N LEU J 60 -8.95 -30.47 -1.82
CA LEU J 60 -8.82 -31.90 -1.62
C LEU J 60 -10.17 -32.63 -1.71
N HIS J 61 -11.23 -31.98 -1.27
CA HIS J 61 -12.55 -32.60 -1.33
C HIS J 61 -12.98 -32.70 -2.80
N ALA J 62 -12.74 -31.64 -3.56
CA ALA J 62 -13.07 -31.60 -4.99
C ALA J 62 -12.30 -32.66 -5.78
N ARG J 63 -11.01 -32.81 -5.49
CA ARG J 63 -10.20 -33.80 -6.18
C ARG J 63 -10.76 -35.18 -5.89
N THR J 64 -11.01 -35.48 -4.61
CA THR J 64 -11.55 -36.77 -4.18
C THR J 64 -12.91 -37.05 -4.84
N LEU J 65 -13.76 -36.03 -4.88
CA LEU J 65 -15.06 -36.20 -5.50
C LEU J 65 -14.83 -36.41 -7.00
N ALA J 66 -13.99 -35.57 -7.59
CA ALA J 66 -13.71 -35.67 -9.00
C ALA J 66 -13.22 -37.06 -9.38
N GLU J 67 -12.41 -37.66 -8.52
CA GLU J 67 -11.87 -38.98 -8.83
C GLU J 67 -12.81 -40.18 -8.68
N THR J 68 -14.11 -39.92 -8.57
CA THR J 68 -15.09 -41.01 -8.46
C THR J 68 -15.74 -41.18 -9.82
N GLY J 69 -15.46 -40.24 -10.71
CA GLY J 69 -16.03 -40.29 -12.05
C GLY J 69 -17.53 -40.37 -12.02
N ARG J 70 -18.16 -39.50 -11.25
CA ARG J 70 -19.62 -39.50 -11.18
C ARG J 70 -20.09 -38.10 -11.49
N TYR J 71 -19.15 -37.17 -11.51
CA TYR J 71 -19.48 -35.78 -11.75
C TYR J 71 -18.81 -35.19 -12.98
N GLY J 72 -19.54 -34.35 -13.70
CA GLY J 72 -19.01 -33.70 -14.88
C GLY J 72 -18.35 -32.37 -14.52
N ALA J 73 -18.47 -31.99 -13.25
CA ALA J 73 -17.90 -30.73 -12.75
C ALA J 73 -18.12 -30.61 -11.25
N VAL J 74 -17.34 -29.76 -10.61
CA VAL J 74 -17.44 -29.53 -9.17
C VAL J 74 -17.48 -28.03 -8.92
N LEU J 75 -18.29 -27.61 -7.95
CA LEU J 75 -18.39 -26.20 -7.60
C LEU J 75 -17.93 -26.00 -6.17
N GLY J 76 -16.90 -25.19 -6.00
CA GLY J 76 -16.39 -24.91 -4.67
C GLY J 76 -16.97 -23.57 -4.29
N THR J 77 -17.47 -23.45 -3.08
CA THR J 77 -18.05 -22.17 -2.67
C THR J 77 -17.82 -21.90 -1.20
N ALA J 78 -17.29 -20.70 -0.93
CA ALA J 78 -16.98 -20.28 0.42
C ALA J 78 -16.84 -18.76 0.46
N PHE J 79 -16.75 -18.22 1.67
CA PHE J 79 -16.60 -16.78 1.88
C PHE J 79 -15.32 -16.67 2.71
N VAL J 80 -14.24 -16.23 2.07
CA VAL J 80 -12.95 -16.09 2.77
C VAL J 80 -12.73 -14.61 3.00
N VAL J 81 -12.77 -14.23 4.27
CA VAL J 81 -12.65 -12.83 4.62
C VAL J 81 -11.60 -12.49 5.66
N ASN J 82 -11.26 -11.21 5.67
CA ASN J 82 -10.31 -10.66 6.62
C ASN J 82 -11.15 -10.32 7.86
N GLY J 83 -10.97 -11.10 8.93
CA GLY J 83 -11.72 -10.87 10.14
C GLY J 83 -11.07 -9.85 11.07
N GLY J 84 -10.03 -9.18 10.60
CA GLY J 84 -9.38 -8.18 11.43
C GLY J 84 -8.43 -8.70 12.48
N ILE J 85 -8.12 -10.00 12.46
CA ILE J 85 -7.17 -10.57 13.42
C ILE J 85 -6.01 -11.22 12.67
N TYR J 86 -6.33 -12.06 11.69
CA TYR J 86 -5.30 -12.75 10.90
C TYR J 86 -5.33 -12.41 9.41
N ARG J 87 -4.24 -12.70 8.73
CA ARG J 87 -4.15 -12.46 7.30
C ARG J 87 -4.91 -13.60 6.65
N HIS J 88 -5.74 -13.27 5.67
CA HIS J 88 -6.57 -14.26 5.00
C HIS J 88 -6.13 -14.58 3.57
N GLU J 89 -5.27 -13.73 2.99
CA GLU J 89 -4.84 -13.92 1.62
C GLU J 89 -4.08 -15.21 1.30
N PHE J 90 -3.37 -15.78 2.28
CA PHE J 90 -2.61 -17.01 2.03
C PHE J 90 -3.54 -18.18 1.81
N VAL J 91 -4.59 -18.28 2.62
CA VAL J 91 -5.54 -19.37 2.47
C VAL J 91 -6.34 -19.14 1.19
N ALA J 92 -6.82 -17.90 1.00
CA ALA J 92 -7.58 -17.58 -0.20
C ALA J 92 -6.77 -18.02 -1.42
N SER J 93 -5.55 -17.49 -1.50
CA SER J 93 -4.63 -17.75 -2.58
C SER J 93 -4.44 -19.25 -2.88
N ALA J 94 -4.25 -20.04 -1.83
CA ALA J 94 -4.05 -21.47 -1.98
C ALA J 94 -5.30 -22.29 -2.30
N VAL J 95 -6.48 -21.69 -2.14
CA VAL J 95 -7.73 -22.41 -2.44
C VAL J 95 -8.01 -22.22 -3.93
N ILE J 96 -7.83 -20.98 -4.39
CA ILE J 96 -8.04 -20.65 -5.78
C ILE J 96 -6.99 -21.36 -6.64
N ASP J 97 -5.77 -21.51 -6.10
CA ASP J 97 -4.73 -22.21 -6.84
C ASP J 97 -5.02 -23.72 -6.74
N GLY J 98 -5.39 -24.16 -5.54
CA GLY J 98 -5.70 -25.57 -5.33
C GLY J 98 -6.75 -26.11 -6.29
N MET J 99 -7.86 -25.39 -6.46
CA MET J 99 -8.93 -25.83 -7.36
C MET J 99 -8.44 -25.84 -8.80
N MET J 100 -7.65 -24.84 -9.16
CA MET J 100 -7.12 -24.76 -10.51
C MET J 100 -6.21 -25.96 -10.74
N ASN J 101 -5.45 -26.32 -9.71
CA ASN J 101 -4.52 -27.44 -9.79
C ASN J 101 -5.29 -28.77 -9.84
N VAL J 102 -6.33 -28.87 -9.04
CA VAL J 102 -7.14 -30.07 -9.00
C VAL J 102 -7.82 -30.33 -10.35
N GLN J 103 -8.35 -29.28 -10.98
CA GLN J 103 -9.03 -29.44 -12.26
C GLN J 103 -8.05 -29.77 -13.39
N LEU J 104 -6.86 -29.18 -13.37
CA LEU J 104 -5.88 -29.45 -14.41
C LEU J 104 -5.38 -30.90 -14.35
N SER J 105 -5.23 -31.43 -13.14
CA SER J 105 -4.74 -32.80 -12.98
C SER J 105 -5.78 -33.86 -13.28
N THR J 106 -7.01 -33.65 -12.81
CA THR J 106 -8.07 -34.62 -13.02
C THR J 106 -8.82 -34.44 -14.34
N GLY J 107 -8.83 -33.22 -14.86
CA GLY J 107 -9.52 -32.97 -16.11
C GLY J 107 -10.97 -32.56 -15.94
N VAL J 108 -11.48 -32.72 -14.72
CA VAL J 108 -12.86 -32.35 -14.39
C VAL J 108 -12.91 -30.87 -14.08
N PRO J 109 -13.83 -30.14 -14.71
CA PRO J 109 -13.89 -28.71 -14.42
C PRO J 109 -14.22 -28.42 -12.97
N VAL J 110 -13.63 -27.35 -12.45
CA VAL J 110 -13.90 -26.94 -11.08
C VAL J 110 -14.18 -25.44 -11.14
N LEU J 111 -15.46 -25.10 -11.08
CA LEU J 111 -15.88 -23.71 -11.11
C LEU J 111 -15.72 -23.11 -9.72
N SER J 112 -15.37 -21.83 -9.68
CA SER J 112 -15.11 -21.16 -8.42
C SER J 112 -16.11 -20.13 -7.92
N ALA J 113 -16.61 -20.40 -6.72
CA ALA J 113 -17.56 -19.52 -6.03
C ALA J 113 -16.93 -19.26 -4.66
N VAL J 114 -15.59 -19.22 -4.65
CA VAL J 114 -14.83 -18.95 -3.44
C VAL J 114 -14.49 -17.46 -3.50
N LEU J 115 -15.39 -16.65 -2.95
CA LEU J 115 -15.24 -15.20 -2.97
C LEU J 115 -14.54 -14.61 -1.76
N THR J 116 -13.87 -13.49 -2.01
CA THR J 116 -13.17 -12.74 -0.99
C THR J 116 -13.48 -11.28 -1.27
N PRO J 117 -14.20 -10.64 -0.34
CA PRO J 117 -14.58 -9.24 -0.50
C PRO J 117 -13.49 -8.29 -0.02
N HIS J 118 -13.51 -7.08 -0.56
CA HIS J 118 -12.54 -6.08 -0.14
C HIS J 118 -12.73 -5.90 1.35
N ASN J 119 -13.99 -5.72 1.77
CA ASN J 119 -14.30 -5.52 3.18
C ASN J 119 -15.52 -6.24 3.74
N TYR J 120 -15.33 -6.87 4.89
CA TYR J 120 -16.40 -7.57 5.57
C TYR J 120 -16.18 -7.51 7.08
N HIS J 121 -16.99 -6.71 7.79
CA HIS J 121 -16.86 -6.57 9.23
C HIS J 121 -18.00 -7.20 10.01
N ASP J 122 -18.79 -8.04 9.35
CA ASP J 122 -19.93 -8.68 9.96
C ASP J 122 -20.82 -7.67 10.67
N SER J 123 -21.02 -6.53 10.03
CA SER J 123 -21.88 -5.49 10.58
C SER J 123 -23.27 -5.85 10.07
N ALA J 124 -24.22 -4.94 10.17
CA ALA J 124 -25.54 -5.23 9.65
C ALA J 124 -25.53 -5.03 8.14
N GLU J 125 -24.88 -3.95 7.70
CA GLU J 125 -24.79 -3.62 6.29
C GLU J 125 -24.13 -4.70 5.44
N HIS J 126 -22.90 -5.06 5.80
CA HIS J 126 -22.15 -6.08 5.08
C HIS J 126 -22.88 -7.41 5.04
N HIS J 127 -23.14 -7.97 6.21
CA HIS J 127 -23.83 -9.26 6.29
C HIS J 127 -25.04 -9.34 5.38
N ARG J 128 -25.82 -8.27 5.27
CA ARG J 128 -27.00 -8.26 4.43
C ARG J 128 -26.63 -8.15 2.96
N PHE J 129 -25.65 -7.31 2.65
CA PHE J 129 -25.24 -7.14 1.27
C PHE J 129 -24.77 -8.44 0.63
N PHE J 130 -23.95 -9.19 1.34
CA PHE J 130 -23.45 -10.45 0.79
C PHE J 130 -24.43 -11.59 0.91
N PHE J 131 -25.26 -11.57 1.94
CA PHE J 131 -26.25 -12.63 2.09
C PHE J 131 -27.09 -12.61 0.81
N GLU J 132 -27.33 -11.40 0.33
CA GLU J 132 -28.10 -11.19 -0.88
C GLU J 132 -27.29 -11.43 -2.16
N HIS J 133 -26.13 -10.77 -2.28
CA HIS J 133 -25.32 -10.89 -3.49
C HIS J 133 -24.85 -12.31 -3.80
N PHE J 134 -24.75 -13.14 -2.77
CA PHE J 134 -24.34 -14.51 -2.96
C PHE J 134 -25.38 -15.29 -3.75
N THR J 135 -26.59 -14.76 -3.82
CA THR J 135 -27.65 -15.40 -4.60
C THR J 135 -27.29 -15.15 -6.06
N VAL J 136 -26.94 -13.90 -6.36
CA VAL J 136 -26.54 -13.52 -7.69
C VAL J 136 -25.37 -14.37 -8.16
N LYS J 137 -24.41 -14.61 -7.26
CA LYS J 137 -23.24 -15.40 -7.61
C LYS J 137 -23.63 -16.84 -7.91
N GLY J 138 -24.57 -17.39 -7.12
CA GLY J 138 -25.01 -18.76 -7.32
C GLY J 138 -25.62 -18.97 -8.70
N LYS J 139 -26.38 -17.99 -9.17
CA LYS J 139 -26.99 -18.07 -10.49
C LYS J 139 -25.89 -18.06 -11.53
N GLU J 140 -24.95 -17.13 -11.36
CA GLU J 140 -23.82 -17.01 -12.27
C GLU J 140 -23.02 -18.31 -12.34
N ALA J 141 -22.70 -18.90 -11.19
CA ALA J 141 -21.95 -20.13 -11.18
C ALA J 141 -22.71 -21.21 -11.95
N ALA J 142 -24.04 -21.24 -11.80
CA ALA J 142 -24.89 -22.21 -12.49
C ALA J 142 -24.73 -22.08 -14.00
N ARG J 143 -24.99 -20.90 -14.53
CA ARG J 143 -24.86 -20.67 -15.97
C ARG J 143 -23.45 -21.00 -16.43
N ALA J 144 -22.45 -20.69 -15.60
CA ALA J 144 -21.07 -20.97 -15.95
C ALA J 144 -20.86 -22.46 -16.13
N CYS J 145 -21.44 -23.21 -15.20
CA CYS J 145 -21.35 -24.67 -15.19
C CYS J 145 -21.97 -25.31 -16.43
N VAL J 146 -23.21 -24.93 -16.73
CA VAL J 146 -23.90 -25.46 -17.89
C VAL J 146 -23.17 -25.05 -19.15
N GLU J 147 -22.64 -23.82 -19.16
CA GLU J 147 -21.93 -23.30 -20.33
C GLU J 147 -20.60 -23.98 -20.64
N ILE J 148 -19.75 -24.15 -19.63
CA ILE J 148 -18.47 -24.78 -19.89
C ILE J 148 -18.61 -26.23 -20.36
N LEU J 149 -19.48 -27.01 -19.71
CA LEU J 149 -19.68 -28.41 -20.10
C LEU J 149 -20.15 -28.48 -21.55
N ALA J 150 -20.92 -27.49 -21.96
CA ALA J 150 -21.40 -27.44 -23.33
C ALA J 150 -20.24 -27.06 -24.25
N ALA J 151 -19.41 -26.12 -23.80
CA ALA J 151 -18.27 -25.69 -24.60
C ALA J 151 -17.30 -26.84 -24.82
N ARG J 152 -17.20 -27.73 -23.85
CA ARG J 152 -16.28 -28.86 -23.98
C ARG J 152 -16.81 -29.92 -24.96
N GLU J 153 -18.13 -30.08 -25.00
CA GLU J 153 -18.74 -31.04 -25.91
C GLU J 153 -18.36 -30.69 -27.34
N LYS J 154 -18.00 -29.43 -27.56
CA LYS J 154 -17.59 -28.97 -28.88
C LYS J 154 -16.08 -29.03 -29.08
N ILE J 155 -15.47 -30.16 -28.67
CA ILE J 155 -14.03 -30.35 -28.83
C ILE J 155 -13.73 -31.82 -29.09
#